data_6PXD
#
_entry.id   6PXD
#
loop_
_entity.id
_entity.type
_entity.pdbx_description
1 polymer 'Glycine receptor subunit alphaZ1'
2 branched 2-acetamido-2-deoxy-beta-D-glucopyranose-(1-4)-2-acetamido-2-deoxy-beta-D-glucopyranose
3 non-polymer 'CHLORIDE ION'
4 water water
#
_entity_poly.entity_id   1
_entity_poly.type   'polypeptide(L)'
_entity_poly.pdbx_seq_one_letter_code
;MFALGIYLWETIVFFSLAASQQAAARKAASPMPPSEFLDKLMGKVSGYDARIRPNFKGPPVNVTCNIFINSFGSIAETTM
DYRVNIFLRQQWNDPRLAYSEYPDDSLDLDPSMLDSIWKPDLFFANEKGANFHEVTTDNKLLRISKNGNVLYSIRITLVL
ACPMDLKNFPMDVQTCIMQLESFGYTMNDLIFEWDEKGAVQVADGLTLPQFILKEEKDLRYCTKHYNTGKFTCIEARFHL
ERQMGYYLIQMYIPSLLIVILSWVSFWINMDAAPARVGLGITTVLTMTTQSSGSRASLPKVSYVKAIDIWMAVCLLFVFS
ALLEYAAVNFIARAGTKLFISRAKRIDTVSRVAFPLVFLIFNIFYWITYKLVPRGSHHHHHHHH
;
_entity_poly.pdbx_strand_id   E,A,B,C,D
#
# COMPACT_ATOMS: atom_id res chain seq x y z
N PRO A 33 -24.70 -14.57 44.87
CA PRO A 33 -25.14 -15.96 44.75
C PRO A 33 -24.98 -16.60 43.35
N PRO A 34 -25.13 -15.86 42.21
CA PRO A 34 -24.71 -16.46 40.93
C PRO A 34 -23.20 -16.62 40.78
N SER A 35 -22.43 -15.54 40.93
CA SER A 35 -21.03 -15.58 40.55
C SER A 35 -20.12 -16.09 41.66
N GLU A 36 -20.63 -16.20 42.89
CA GLU A 36 -19.82 -16.75 43.97
C GLU A 36 -19.90 -18.27 44.05
N PHE A 37 -20.53 -18.91 43.06
CA PHE A 37 -20.52 -20.35 42.94
C PHE A 37 -19.44 -20.86 42.02
N LEU A 38 -19.04 -20.07 41.01
CA LEU A 38 -17.89 -20.44 40.18
C LEU A 38 -16.58 -20.31 40.94
N ASP A 39 -16.51 -19.41 41.92
CA ASP A 39 -15.33 -19.34 42.76
C ASP A 39 -15.29 -20.53 43.72
N LYS A 40 -16.46 -21.06 44.08
CA LYS A 40 -16.53 -22.27 44.87
C LYS A 40 -16.12 -23.49 44.06
N LEU A 41 -16.35 -23.46 42.74
CA LEU A 41 -16.15 -24.62 41.88
C LEU A 41 -14.79 -24.64 41.19
N MET A 42 -14.17 -23.48 40.97
CA MET A 42 -12.88 -23.45 40.29
C MET A 42 -11.82 -22.68 41.07
N GLY A 43 -12.05 -22.40 42.35
CA GLY A 43 -11.14 -21.59 43.14
C GLY A 43 -10.04 -22.39 43.80
N LYS A 44 -9.49 -21.80 44.87
CA LYS A 44 -8.44 -22.48 45.62
C LYS A 44 -9.03 -23.57 46.51
N VAL A 45 -10.34 -23.49 46.78
CA VAL A 45 -10.99 -24.48 47.63
C VAL A 45 -11.10 -25.82 46.90
N SER A 46 -11.81 -25.82 45.78
CA SER A 46 -11.93 -27.03 44.97
C SER A 46 -10.62 -27.30 44.23
N GLY A 47 -10.40 -28.56 43.91
CA GLY A 47 -9.14 -28.99 43.33
C GLY A 47 -9.12 -28.95 41.81
N TYR A 48 -9.77 -27.96 41.21
CA TYR A 48 -9.73 -27.82 39.76
C TYR A 48 -8.38 -27.26 39.36
N ASP A 49 -7.73 -27.91 38.41
CA ASP A 49 -6.45 -27.45 37.88
C ASP A 49 -6.69 -26.99 36.44
N ALA A 50 -6.28 -25.76 36.14
CA ALA A 50 -6.64 -25.14 34.88
C ALA A 50 -5.83 -25.71 33.72
N ARG A 51 -4.63 -26.22 33.98
CA ARG A 51 -3.76 -26.74 32.93
C ARG A 51 -3.68 -28.26 32.93
N ILE A 52 -4.70 -28.94 33.46
CA ILE A 52 -4.83 -30.39 33.33
C ILE A 52 -6.13 -30.65 32.59
N ARG A 53 -6.05 -31.46 31.53
CA ARG A 53 -7.19 -31.71 30.66
C ARG A 53 -8.26 -32.54 31.38
N PRO A 54 -9.52 -32.45 30.93
CA PRO A 54 -10.55 -33.33 31.47
C PRO A 54 -10.27 -34.77 31.07
N ASN A 55 -10.74 -35.69 31.91
CA ASN A 55 -10.52 -37.13 31.77
C ASN A 55 -9.03 -37.43 31.62
N PHE A 56 -8.24 -36.89 32.54
CA PHE A 56 -6.79 -36.99 32.44
C PHE A 56 -6.34 -38.42 32.68
N LYS A 57 -5.38 -38.85 31.87
CA LYS A 57 -4.97 -40.26 31.73
C LYS A 57 -6.16 -41.16 31.45
N GLY A 58 -7.06 -40.72 30.58
CA GLY A 58 -8.21 -41.48 30.21
C GLY A 58 -8.53 -41.32 28.73
N PRO A 59 -9.82 -41.27 28.40
CA PRO A 59 -10.22 -41.07 27.01
C PRO A 59 -9.89 -39.67 26.52
N PRO A 60 -9.60 -39.51 25.23
CA PRO A 60 -9.37 -38.17 24.69
C PRO A 60 -10.67 -37.38 24.64
N VAL A 61 -10.59 -36.12 25.06
CA VAL A 61 -11.77 -35.26 25.10
C VAL A 61 -12.20 -34.91 23.69
N ASN A 62 -13.51 -34.96 23.44
CA ASN A 62 -14.02 -34.68 22.11
C ASN A 62 -14.31 -33.19 22.04
N VAL A 63 -13.92 -32.53 20.95
CA VAL A 63 -14.24 -31.12 20.77
C VAL A 63 -15.08 -31.00 19.51
N THR A 64 -16.36 -30.70 19.70
CA THR A 64 -17.29 -30.45 18.60
C THR A 64 -17.25 -28.96 18.32
N CYS A 65 -16.59 -28.59 17.23
CA CYS A 65 -16.34 -27.19 16.91
C CYS A 65 -16.92 -26.85 15.54
N ASN A 66 -17.46 -25.64 15.42
CA ASN A 66 -18.07 -25.16 14.20
C ASN A 66 -17.79 -23.68 14.03
N ILE A 67 -17.85 -23.23 12.78
CA ILE A 67 -17.34 -21.94 12.35
C ILE A 67 -18.45 -21.18 11.64
N PHE A 68 -18.67 -19.93 12.03
CA PHE A 68 -19.55 -19.03 11.30
C PHE A 68 -18.71 -17.90 10.74
N ILE A 69 -18.85 -17.65 9.44
CA ILE A 69 -18.06 -16.65 8.74
C ILE A 69 -18.88 -15.38 8.60
N ASN A 70 -18.36 -14.29 9.18
CA ASN A 70 -18.98 -12.98 9.07
C ASN A 70 -18.52 -12.27 7.81
N SER A 71 -17.22 -12.05 7.70
CA SER A 71 -16.60 -11.41 6.55
C SER A 71 -15.62 -12.39 5.92
N PHE A 72 -15.40 -12.22 4.62
CA PHE A 72 -14.54 -13.15 3.91
C PHE A 72 -13.88 -12.40 2.76
N GLY A 73 -12.56 -12.49 2.68
CA GLY A 73 -11.89 -12.15 1.45
C GLY A 73 -11.19 -10.81 1.40
N SER A 74 -9.88 -10.85 1.60
CA SER A 74 -8.99 -9.80 1.14
C SER A 74 -7.95 -10.51 0.30
N ILE A 75 -8.45 -11.33 -0.61
CA ILE A 75 -7.70 -12.31 -1.39
C ILE A 75 -6.63 -11.65 -2.24
N ALA A 76 -5.38 -11.96 -1.97
CA ALA A 76 -4.24 -11.34 -2.62
C ALA A 76 -3.31 -12.41 -3.14
N GLU A 77 -2.90 -12.27 -4.41
CA GLU A 77 -1.88 -13.12 -4.98
C GLU A 77 -0.47 -12.63 -4.70
N THR A 78 -0.34 -11.40 -4.19
CA THR A 78 0.98 -10.88 -3.84
C THR A 78 1.55 -11.61 -2.63
N THR A 79 0.73 -11.82 -1.61
CA THR A 79 1.17 -12.50 -0.40
C THR A 79 0.58 -13.89 -0.26
N MET A 80 -0.26 -14.33 -1.20
CA MET A 80 -0.84 -15.68 -1.27
C MET A 80 -1.62 -16.03 0.00
N ASP A 81 -2.59 -15.16 0.32
CA ASP A 81 -3.38 -15.34 1.55
C ASP A 81 -4.72 -14.63 1.37
N TYR A 82 -5.58 -14.80 2.37
CA TYR A 82 -6.87 -14.14 2.43
C TYR A 82 -7.17 -13.83 3.89
N ARG A 83 -8.27 -13.13 4.12
N ARG A 83 -8.27 -13.12 4.11
CA ARG A 83 -8.71 -12.78 5.45
CA ARG A 83 -8.70 -12.74 5.46
C ARG A 83 -10.13 -13.26 5.68
C ARG A 83 -10.14 -13.17 5.72
N VAL A 84 -10.40 -13.67 6.92
CA VAL A 84 -11.74 -14.13 7.28
C VAL A 84 -12.00 -13.80 8.73
N ASN A 85 -13.19 -13.28 9.02
CA ASN A 85 -13.60 -12.93 10.37
C ASN A 85 -14.64 -13.96 10.81
N ILE A 86 -14.32 -14.75 11.83
CA ILE A 86 -15.17 -15.88 12.18
C ILE A 86 -15.63 -15.78 13.63
N PHE A 87 -16.78 -16.38 13.89
CA PHE A 87 -17.13 -16.92 15.19
C PHE A 87 -16.69 -18.37 15.23
N LEU A 88 -15.76 -18.69 16.14
CA LEU A 88 -15.36 -20.06 16.39
C LEU A 88 -16.04 -20.55 17.66
N ARG A 89 -16.94 -21.51 17.54
CA ARG A 89 -17.55 -22.12 18.71
C ARG A 89 -17.01 -23.53 18.85
N GLN A 90 -16.57 -23.87 20.06
CA GLN A 90 -16.06 -25.20 20.32
C GLN A 90 -16.60 -25.71 21.65
N GLN A 91 -17.08 -26.94 21.64
CA GLN A 91 -17.81 -27.53 22.75
C GLN A 91 -17.07 -28.78 23.20
N TRP A 92 -16.92 -28.94 24.52
CA TRP A 92 -16.32 -30.17 25.03
C TRP A 92 -16.98 -30.52 26.36
N ASN A 93 -16.52 -31.61 26.97
CA ASN A 93 -17.06 -32.06 28.24
C ASN A 93 -15.95 -31.98 29.28
N ASP A 94 -16.27 -31.39 30.43
CA ASP A 94 -15.36 -31.31 31.56
C ASP A 94 -16.09 -31.87 32.77
N PRO A 95 -15.85 -33.13 33.15
CA PRO A 95 -16.69 -33.77 34.18
C PRO A 95 -16.50 -33.21 35.58
N ARG A 96 -15.39 -32.53 35.84
CA ARG A 96 -15.16 -31.89 37.13
C ARG A 96 -15.68 -30.46 37.17
N LEU A 97 -16.63 -30.13 36.30
CA LEU A 97 -17.39 -28.90 36.39
C LEU A 97 -18.88 -29.13 36.49
N ALA A 98 -19.31 -30.38 36.63
CA ALA A 98 -20.73 -30.67 36.83
C ALA A 98 -21.17 -30.23 38.22
N TYR A 99 -22.45 -29.87 38.33
CA TYR A 99 -22.96 -29.33 39.58
C TYR A 99 -24.45 -29.63 39.64
N SER A 100 -25.00 -29.54 40.85
CA SER A 100 -26.44 -29.66 41.03
C SER A 100 -27.03 -28.65 42.00
N GLU A 101 -26.24 -27.96 42.81
CA GLU A 101 -26.78 -27.03 43.79
C GLU A 101 -26.74 -25.59 43.25
N TYR A 102 -27.49 -25.39 42.15
CA TYR A 102 -27.70 -24.08 41.55
C TYR A 102 -28.91 -24.23 40.64
N PRO A 103 -29.84 -23.26 40.63
CA PRO A 103 -31.18 -23.53 40.09
C PRO A 103 -31.28 -23.77 38.59
N ASP A 104 -30.56 -23.01 37.77
CA ASP A 104 -30.75 -23.09 36.33
C ASP A 104 -29.75 -24.05 35.70
N ASP A 105 -29.92 -24.29 34.40
CA ASP A 105 -29.06 -25.23 33.71
C ASP A 105 -27.72 -24.61 33.36
N SER A 106 -27.73 -23.53 32.59
CA SER A 106 -26.50 -22.93 32.09
C SER A 106 -25.97 -21.88 33.05
N LEU A 107 -24.66 -21.91 33.26
CA LEU A 107 -23.96 -20.97 34.14
C LEU A 107 -22.75 -20.43 33.37
N ASP A 108 -22.80 -19.15 33.00
CA ASP A 108 -21.77 -18.56 32.16
C ASP A 108 -20.58 -18.07 32.98
N LEU A 109 -19.43 -18.00 32.32
CA LEU A 109 -18.19 -17.56 32.93
C LEU A 109 -17.73 -16.26 32.29
N ASP A 110 -17.23 -15.35 33.12
CA ASP A 110 -16.77 -14.03 32.72
C ASP A 110 -15.50 -14.15 31.87
N PRO A 111 -15.37 -13.33 30.82
CA PRO A 111 -14.17 -13.41 29.97
C PRO A 111 -12.88 -13.00 30.64
N SER A 112 -12.92 -12.34 31.80
CA SER A 112 -11.70 -12.03 32.52
C SER A 112 -11.17 -13.23 33.30
N MET A 113 -11.98 -14.28 33.46
CA MET A 113 -11.63 -15.44 34.27
C MET A 113 -11.33 -16.67 33.44
N LEU A 114 -11.07 -16.49 32.14
CA LEU A 114 -10.89 -17.64 31.26
C LEU A 114 -9.56 -18.34 31.44
N ASP A 115 -8.63 -17.73 32.18
CA ASP A 115 -7.43 -18.45 32.58
C ASP A 115 -7.69 -19.44 33.72
N SER A 116 -8.88 -19.41 34.31
CA SER A 116 -9.21 -20.29 35.43
C SER A 116 -9.81 -21.62 34.98
N ILE A 117 -9.97 -21.84 33.68
CA ILE A 117 -10.61 -23.03 33.16
C ILE A 117 -9.70 -23.63 32.08
N TRP A 118 -9.79 -24.95 31.89
CA TRP A 118 -9.10 -25.61 30.80
C TRP A 118 -9.75 -25.21 29.48
N LYS A 119 -8.90 -24.95 28.49
CA LYS A 119 -9.35 -24.70 27.13
C LYS A 119 -8.45 -25.52 26.20
N PRO A 120 -8.96 -25.95 25.06
CA PRO A 120 -8.10 -26.65 24.10
C PRO A 120 -7.06 -25.70 23.50
N ASP A 121 -5.91 -26.26 23.16
CA ASP A 121 -4.84 -25.49 22.53
C ASP A 121 -4.96 -25.52 21.00
N LEU A 122 -6.16 -25.19 20.53
CA LEU A 122 -6.43 -25.10 19.11
C LEU A 122 -5.68 -23.92 18.51
N PHE A 123 -5.07 -24.13 17.35
CA PHE A 123 -4.54 -23.03 16.57
C PHE A 123 -4.85 -23.35 15.12
N PHE A 124 -4.59 -22.37 14.25
CA PHE A 124 -4.86 -22.53 12.84
C PHE A 124 -3.56 -22.75 12.09
N ALA A 125 -3.45 -23.89 11.42
CA ALA A 125 -2.15 -24.32 10.92
C ALA A 125 -1.69 -23.54 9.70
N ASN A 126 -2.54 -22.74 9.10
CA ASN A 126 -2.16 -21.96 7.92
C ASN A 126 -2.39 -20.47 8.11
N GLU A 127 -2.35 -19.98 9.34
CA GLU A 127 -2.54 -18.56 9.57
C GLU A 127 -1.22 -17.81 9.43
N LYS A 128 -1.31 -16.56 9.00
CA LYS A 128 -0.16 -15.69 8.86
C LYS A 128 -0.22 -14.51 9.82
N GLY A 129 -1.12 -14.56 10.77
CA GLY A 129 -1.40 -13.46 11.66
C GLY A 129 -2.89 -13.42 11.91
N ALA A 130 -3.25 -13.20 13.16
CA ALA A 130 -4.65 -13.30 13.58
C ALA A 130 -4.79 -12.62 14.92
N ASN A 131 -6.00 -12.13 15.21
CA ASN A 131 -6.22 -11.46 16.48
C ASN A 131 -7.64 -11.65 16.98
N PHE A 132 -7.83 -11.32 18.25
CA PHE A 132 -9.13 -11.31 18.89
C PHE A 132 -9.84 -9.98 18.65
N HIS A 133 -10.97 -9.81 19.31
CA HIS A 133 -11.72 -8.56 19.29
C HIS A 133 -12.11 -8.22 20.72
N GLU A 134 -11.98 -6.95 21.09
CA GLU A 134 -12.15 -6.55 22.48
C GLU A 134 -12.95 -5.27 22.61
N VAL A 135 -13.66 -4.86 21.57
CA VAL A 135 -14.29 -3.55 21.53
C VAL A 135 -15.61 -3.58 22.28
N THR A 136 -15.70 -2.72 23.31
CA THR A 136 -16.79 -2.38 24.23
C THR A 136 -16.97 -3.49 25.29
N THR A 137 -16.40 -4.67 25.02
CA THR A 137 -16.33 -5.84 25.89
C THR A 137 -15.45 -6.82 25.11
N ASP A 138 -14.64 -7.62 25.79
CA ASP A 138 -13.91 -8.70 25.14
C ASP A 138 -14.88 -9.71 24.54
N ASN A 139 -14.79 -9.90 23.23
CA ASN A 139 -15.75 -10.74 22.50
C ASN A 139 -15.47 -12.23 22.67
N LYS A 140 -15.58 -12.72 23.90
CA LYS A 140 -15.43 -14.13 24.20
C LYS A 140 -16.64 -14.56 25.01
N LEU A 141 -16.92 -15.86 24.99
CA LEU A 141 -18.12 -16.38 25.64
C LEU A 141 -17.83 -17.80 26.08
N LEU A 142 -18.03 -18.10 27.36
CA LEU A 142 -17.93 -19.45 27.85
C LEU A 142 -19.13 -19.74 28.74
N ARG A 143 -19.68 -20.94 28.61
CA ARG A 143 -20.93 -21.31 29.25
C ARG A 143 -20.81 -22.75 29.71
N ILE A 144 -20.90 -22.97 31.02
CA ILE A 144 -20.82 -24.30 31.59
C ILE A 144 -22.23 -24.80 31.90
N SER A 145 -22.58 -25.95 31.35
CA SER A 145 -23.90 -26.52 31.56
C SER A 145 -23.95 -27.26 32.89
N LYS A 146 -25.17 -27.68 33.25
CA LYS A 146 -25.35 -28.48 34.45
C LYS A 146 -24.78 -29.88 34.25
N ASN A 147 -24.77 -30.34 33.00
CA ASN A 147 -24.18 -31.63 32.62
C ASN A 147 -22.68 -31.65 32.83
N GLY A 148 -22.03 -30.49 32.76
CA GLY A 148 -20.58 -30.44 32.68
C GLY A 148 -20.06 -30.12 31.30
N ASN A 149 -20.95 -29.82 30.35
CA ASN A 149 -20.56 -29.44 29.01
C ASN A 149 -20.15 -27.97 29.00
N VAL A 150 -19.10 -27.67 28.25
CA VAL A 150 -18.57 -26.32 28.13
C VAL A 150 -18.71 -25.88 26.68
N LEU A 151 -19.33 -24.71 26.49
CA LEU A 151 -19.46 -24.08 25.19
C LEU A 151 -18.59 -22.84 25.19
N TYR A 152 -17.70 -22.73 24.22
CA TYR A 152 -16.75 -21.63 24.16
C TYR A 152 -16.74 -21.01 22.77
N SER A 153 -17.32 -19.81 22.65
CA SER A 153 -17.46 -19.11 21.38
C SER A 153 -16.66 -17.83 21.41
N ILE A 154 -15.81 -17.64 20.40
CA ILE A 154 -14.99 -16.45 20.26
C ILE A 154 -15.18 -15.87 18.87
N ARG A 155 -14.66 -14.67 18.67
CA ARG A 155 -14.77 -13.96 17.41
C ARG A 155 -13.39 -13.43 17.05
N ILE A 156 -12.77 -14.01 16.03
CA ILE A 156 -11.38 -13.72 15.70
C ILE A 156 -11.26 -13.37 14.23
N THR A 157 -10.24 -12.58 13.92
CA THR A 157 -9.93 -12.16 12.55
C THR A 157 -8.65 -12.85 12.12
N LEU A 158 -8.64 -13.39 10.91
CA LEU A 158 -7.65 -14.35 10.46
C LEU A 158 -7.05 -13.90 9.14
N VAL A 159 -5.74 -14.04 9.02
CA VAL A 159 -5.07 -13.95 7.73
C VAL A 159 -4.54 -15.34 7.43
N LEU A 160 -5.26 -16.09 6.62
CA LEU A 160 -4.96 -17.48 6.35
C LEU A 160 -4.27 -17.63 5.00
N ALA A 161 -3.23 -18.46 4.98
CA ALA A 161 -2.43 -18.68 3.78
C ALA A 161 -3.08 -19.74 2.91
N CYS A 162 -3.33 -19.40 1.66
CA CYS A 162 -3.66 -20.42 0.66
C CYS A 162 -2.81 -20.20 -0.57
N PRO A 163 -2.01 -21.18 -0.99
CA PRO A 163 -1.21 -21.03 -2.20
C PRO A 163 -2.09 -21.10 -3.44
N MET A 164 -1.75 -20.30 -4.43
CA MET A 164 -2.56 -20.17 -5.63
C MET A 164 -1.74 -20.53 -6.86
N ASP A 165 -2.42 -21.12 -7.84
CA ASP A 165 -1.83 -21.45 -9.14
C ASP A 165 -2.61 -20.69 -10.19
N LEU A 166 -2.04 -19.58 -10.67
CA LEU A 166 -2.71 -18.72 -11.64
C LEU A 166 -2.38 -19.11 -13.07
N LYS A 167 -2.11 -20.39 -13.33
CA LYS A 167 -1.76 -20.84 -14.66
C LYS A 167 -2.96 -20.76 -15.60
N ASN A 168 -4.17 -20.86 -15.06
CA ASN A 168 -5.39 -20.83 -15.86
C ASN A 168 -6.11 -19.50 -15.78
N PHE A 169 -5.39 -18.41 -15.53
CA PHE A 169 -5.99 -17.10 -15.35
C PHE A 169 -6.56 -16.61 -16.68
N PRO A 170 -7.78 -16.04 -16.70
CA PRO A 170 -8.75 -15.79 -15.62
C PRO A 170 -9.67 -16.95 -15.27
N MET A 171 -9.73 -17.99 -16.11
CA MET A 171 -10.72 -19.05 -15.93
C MET A 171 -10.17 -20.15 -15.00
N ASP A 172 -9.70 -19.72 -13.84
CA ASP A 172 -9.10 -20.60 -12.86
C ASP A 172 -10.01 -20.79 -11.65
N VAL A 173 -9.85 -21.94 -11.00
CA VAL A 173 -10.61 -22.28 -9.80
C VAL A 173 -9.61 -22.45 -8.66
N GLN A 174 -9.80 -21.71 -7.59
CA GLN A 174 -8.94 -21.76 -6.43
C GLN A 174 -9.61 -22.57 -5.32
N THR A 175 -8.79 -23.13 -4.43
CA THR A 175 -9.29 -23.91 -3.30
C THR A 175 -8.49 -23.46 -2.09
N CYS A 176 -9.08 -22.57 -1.31
CA CYS A 176 -8.42 -22.04 -0.12
C CYS A 176 -8.97 -22.74 1.11
N ILE A 177 -8.09 -23.26 1.95
CA ILE A 177 -8.47 -24.19 3.00
C ILE A 177 -8.38 -23.50 4.35
N MET A 178 -8.76 -24.21 5.40
CA MET A 178 -8.81 -23.63 6.73
C MET A 178 -8.65 -24.76 7.73
N GLN A 179 -7.48 -24.87 8.35
CA GLN A 179 -7.11 -26.02 9.17
C GLN A 179 -7.19 -25.66 10.65
N LEU A 180 -7.67 -26.60 11.45
CA LEU A 180 -7.86 -26.43 12.88
C LEU A 180 -7.08 -27.53 13.58
N GLU A 181 -5.97 -27.19 14.22
CA GLU A 181 -5.03 -28.19 14.71
C GLU A 181 -4.75 -27.99 16.19
N SER A 182 -4.66 -29.10 16.92
CA SER A 182 -4.15 -29.07 18.28
C SER A 182 -2.65 -28.80 18.29
N PHE A 183 -2.20 -28.05 19.30
CA PHE A 183 -0.82 -27.58 19.32
C PHE A 183 0.10 -28.46 20.13
N GLY A 184 -0.35 -28.98 21.27
CA GLY A 184 0.54 -29.73 22.14
C GLY A 184 -0.02 -31.04 22.62
N TYR A 185 -1.31 -31.28 22.41
CA TYR A 185 -1.95 -32.52 22.80
C TYR A 185 -2.07 -33.41 21.57
N THR A 186 -1.65 -34.67 21.71
CA THR A 186 -1.79 -35.61 20.62
C THR A 186 -3.22 -36.14 20.55
N MET A 187 -3.45 -37.06 19.63
CA MET A 187 -4.79 -37.60 19.47
C MET A 187 -5.16 -38.59 20.58
N ASN A 188 -4.18 -39.05 21.37
CA ASN A 188 -4.48 -39.78 22.59
C ASN A 188 -4.97 -38.88 23.73
N ASP A 189 -4.99 -37.57 23.53
CA ASP A 189 -5.42 -36.63 24.55
C ASP A 189 -6.55 -35.72 24.08
N LEU A 190 -6.54 -35.32 22.82
CA LEU A 190 -7.47 -34.33 22.28
C LEU A 190 -7.82 -34.71 20.85
N ILE A 191 -9.11 -34.70 20.53
CA ILE A 191 -9.59 -35.04 19.20
C ILE A 191 -10.54 -33.95 18.72
N PHE A 192 -10.21 -33.31 17.60
CA PHE A 192 -11.07 -32.33 16.98
C PHE A 192 -11.93 -32.99 15.90
N GLU A 193 -13.17 -32.55 15.81
CA GLU A 193 -14.09 -33.03 14.79
C GLU A 193 -15.15 -31.96 14.57
N TRP A 194 -15.74 -31.98 13.37
CA TRP A 194 -16.71 -30.95 13.04
C TRP A 194 -18.06 -31.25 13.69
N ASP A 195 -18.91 -30.23 13.72
CA ASP A 195 -20.27 -30.42 14.17
C ASP A 195 -21.06 -31.16 13.08
N GLU A 196 -22.05 -31.95 13.52
CA GLU A 196 -22.74 -32.82 12.57
C GLU A 196 -23.72 -32.03 11.71
N LYS A 197 -24.56 -31.20 12.33
CA LYS A 197 -25.63 -30.50 11.65
C LYS A 197 -25.12 -29.49 10.62
N GLY A 198 -24.45 -28.45 11.07
CA GLY A 198 -23.77 -27.55 10.16
C GLY A 198 -22.46 -27.08 10.74
N ALA A 199 -21.36 -27.41 10.10
CA ALA A 199 -20.06 -27.02 10.64
C ALA A 199 -19.70 -25.60 10.23
N VAL A 200 -19.51 -25.38 8.94
CA VAL A 200 -19.15 -24.05 8.45
C VAL A 200 -20.39 -23.40 7.86
N GLN A 201 -20.65 -22.17 8.27
CA GLN A 201 -21.71 -21.36 7.71
C GLN A 201 -21.13 -20.04 7.28
N VAL A 202 -21.75 -19.43 6.27
CA VAL A 202 -21.31 -18.15 5.73
C VAL A 202 -22.48 -17.20 5.77
N ALA A 203 -22.26 -16.01 6.33
CA ALA A 203 -23.31 -15.00 6.40
C ALA A 203 -23.68 -14.55 5.00
N ASP A 204 -24.98 -14.57 4.71
CA ASP A 204 -25.44 -14.27 3.36
C ASP A 204 -25.31 -12.78 3.05
N GLY A 205 -25.07 -12.50 1.77
CA GLY A 205 -24.90 -11.14 1.31
C GLY A 205 -23.48 -10.71 1.07
N LEU A 206 -22.51 -11.62 1.20
CA LEU A 206 -21.12 -11.25 0.99
C LEU A 206 -20.80 -11.19 -0.50
N THR A 207 -19.85 -10.33 -0.86
CA THR A 207 -19.48 -10.12 -2.24
C THR A 207 -17.97 -9.94 -2.34
N LEU A 208 -17.35 -10.71 -3.23
CA LEU A 208 -15.93 -10.61 -3.54
C LEU A 208 -15.74 -9.83 -4.83
N PRO A 209 -14.69 -9.01 -4.93
CA PRO A 209 -14.47 -8.27 -6.18
C PRO A 209 -13.98 -9.14 -7.32
N GLN A 210 -13.30 -10.24 -7.02
CA GLN A 210 -12.74 -11.12 -8.03
C GLN A 210 -13.46 -12.45 -8.14
N PHE A 211 -13.70 -13.11 -7.02
CA PHE A 211 -14.11 -14.50 -7.00
C PHE A 211 -15.60 -14.63 -6.69
N ILE A 212 -16.08 -15.86 -6.71
CA ILE A 212 -17.40 -16.22 -6.20
C ILE A 212 -17.19 -17.35 -5.22
N LEU A 213 -17.56 -17.13 -3.96
CA LEU A 213 -17.48 -18.18 -2.96
C LEU A 213 -18.57 -19.20 -3.21
N LYS A 214 -18.16 -20.40 -3.60
CA LYS A 214 -19.08 -21.51 -3.89
C LYS A 214 -19.83 -21.90 -2.64
N GLU A 215 -21.10 -22.29 -2.81
CA GLU A 215 -21.92 -22.65 -1.66
C GLU A 215 -21.64 -24.03 -1.09
N GLU A 216 -20.91 -24.89 -1.81
CA GLU A 216 -20.60 -26.23 -1.32
C GLU A 216 -19.19 -26.24 -0.75
N LYS A 217 -19.10 -26.45 0.55
CA LYS A 217 -17.83 -26.52 1.27
C LYS A 217 -17.41 -27.97 1.40
N ASP A 218 -16.11 -28.18 1.57
CA ASP A 218 -15.54 -29.53 1.54
C ASP A 218 -14.87 -29.81 2.88
N LEU A 219 -15.58 -30.48 3.78
CA LEU A 219 -15.05 -30.78 5.11
C LEU A 219 -14.18 -32.02 5.06
N ARG A 220 -12.96 -31.92 5.57
CA ARG A 220 -12.01 -33.02 5.51
C ARG A 220 -11.26 -33.13 6.83
N TYR A 221 -10.56 -34.25 6.99
CA TYR A 221 -9.55 -34.43 8.01
C TYR A 221 -8.18 -34.22 7.40
N CYS A 222 -7.20 -33.88 8.24
CA CYS A 222 -5.86 -33.61 7.75
C CYS A 222 -4.78 -34.17 8.64
N THR A 223 -5.10 -35.23 9.40
CA THR A 223 -4.43 -35.68 10.63
C THR A 223 -2.91 -35.75 10.52
N LYS A 224 -2.25 -34.96 11.37
CA LYS A 224 -0.82 -34.77 11.26
C LYS A 224 -0.06 -35.94 11.89
N HIS A 225 1.05 -36.30 11.27
CA HIS A 225 1.87 -37.44 11.69
C HIS A 225 3.30 -36.95 11.91
N TYR A 226 3.65 -36.70 13.17
CA TYR A 226 5.00 -36.32 13.55
C TYR A 226 5.61 -37.38 14.45
N ASN A 227 6.91 -37.23 14.72
CA ASN A 227 7.61 -38.15 15.60
C ASN A 227 7.13 -38.08 17.04
N THR A 228 6.54 -36.96 17.46
CA THR A 228 5.83 -36.87 18.72
C THR A 228 4.57 -37.73 18.72
N GLY A 229 3.88 -37.81 17.59
CA GLY A 229 2.69 -38.63 17.47
C GLY A 229 1.72 -38.09 16.44
N LYS A 230 0.47 -38.49 16.59
CA LYS A 230 -0.57 -38.05 15.68
C LYS A 230 -1.32 -36.89 16.32
N PHE A 231 -1.28 -35.76 15.64
CA PHE A 231 -1.95 -34.54 16.10
C PHE A 231 -3.21 -34.32 15.28
N THR A 232 -4.31 -34.03 15.98
CA THR A 232 -5.58 -33.85 15.29
C THR A 232 -5.62 -32.51 14.58
N CYS A 233 -6.22 -32.51 13.40
CA CYS A 233 -6.61 -31.28 12.73
C CYS A 233 -7.76 -31.61 11.79
N ILE A 234 -8.65 -30.65 11.63
CA ILE A 234 -9.79 -30.78 10.72
C ILE A 234 -9.79 -29.55 9.81
N GLU A 235 -10.04 -29.75 8.53
CA GLU A 235 -9.95 -28.65 7.59
C GLU A 235 -11.27 -28.44 6.87
N ALA A 236 -11.51 -27.19 6.51
CA ALA A 236 -12.64 -26.81 5.67
C ALA A 236 -12.08 -26.22 4.40
N ARG A 237 -12.40 -26.84 3.27
CA ARG A 237 -11.95 -26.39 1.96
C ARG A 237 -13.03 -25.53 1.34
N PHE A 238 -12.64 -24.31 0.95
CA PHE A 238 -13.53 -23.36 0.29
C PHE A 238 -13.15 -23.29 -1.18
N HIS A 239 -14.15 -23.40 -2.05
CA HIS A 239 -13.95 -23.38 -3.49
C HIS A 239 -14.29 -21.99 -4.01
N LEU A 240 -13.31 -21.36 -4.66
CA LEU A 240 -13.43 -20.04 -5.25
C LEU A 240 -13.33 -20.15 -6.76
N GLU A 241 -14.11 -19.34 -7.46
CA GLU A 241 -14.10 -19.37 -8.92
C GLU A 241 -14.11 -17.95 -9.44
N ARG A 242 -13.15 -17.63 -10.29
CA ARG A 242 -12.97 -16.25 -10.73
C ARG A 242 -13.98 -15.89 -11.82
N GLN A 243 -14.59 -14.72 -11.66
CA GLN A 243 -15.42 -14.13 -12.70
C GLN A 243 -14.54 -13.64 -13.85
N MET A 244 -15.00 -13.86 -15.07
CA MET A 244 -14.19 -13.66 -16.26
C MET A 244 -14.71 -12.51 -17.12
N GLY A 245 -15.90 -12.00 -16.81
CA GLY A 245 -16.64 -11.17 -17.77
C GLY A 245 -15.98 -9.83 -18.06
N TYR A 246 -15.15 -9.34 -17.14
CA TYR A 246 -14.36 -8.15 -17.42
C TYR A 246 -13.31 -8.43 -18.47
N TYR A 247 -12.62 -9.56 -18.32
CA TYR A 247 -11.51 -9.89 -19.22
C TYR A 247 -12.00 -10.32 -20.59
N LEU A 248 -13.29 -10.64 -20.72
CA LEU A 248 -13.85 -10.86 -22.04
C LEU A 248 -13.91 -9.56 -22.83
N ILE A 249 -14.66 -8.58 -22.33
CA ILE A 249 -14.95 -7.39 -23.12
C ILE A 249 -13.90 -6.30 -22.90
N GLN A 250 -12.84 -6.61 -22.18
CA GLN A 250 -11.74 -5.65 -22.07
C GLN A 250 -10.42 -6.17 -22.61
N MET A 251 -10.20 -7.48 -22.62
CA MET A 251 -8.97 -8.07 -23.15
C MET A 251 -9.21 -8.97 -24.36
N TYR A 252 -10.17 -9.88 -24.28
CA TYR A 252 -10.34 -10.90 -25.30
C TYR A 252 -11.03 -10.36 -26.55
N ILE A 253 -12.18 -9.68 -26.37
CA ILE A 253 -12.92 -9.13 -27.49
C ILE A 253 -12.15 -8.06 -28.27
N PRO A 254 -11.50 -7.05 -27.63
CA PRO A 254 -10.74 -6.09 -28.45
C PRO A 254 -9.57 -6.69 -29.20
N SER A 255 -8.90 -7.69 -28.63
CA SER A 255 -7.83 -8.37 -29.34
C SER A 255 -8.37 -9.16 -30.54
N LEU A 256 -9.53 -9.79 -30.37
CA LEU A 256 -10.13 -10.54 -31.47
C LEU A 256 -10.57 -9.60 -32.60
N LEU A 257 -11.07 -8.42 -32.24
CA LEU A 257 -11.40 -7.39 -33.24
C LEU A 257 -10.16 -6.89 -33.97
N ILE A 258 -9.02 -6.76 -33.27
CA ILE A 258 -7.80 -6.35 -33.95
C ILE A 258 -7.29 -7.44 -34.90
N VAL A 259 -7.48 -8.71 -34.53
CA VAL A 259 -7.13 -9.81 -35.42
C VAL A 259 -8.00 -9.79 -36.68
N ILE A 260 -9.28 -9.45 -36.53
CA ILE A 260 -10.15 -9.28 -37.69
C ILE A 260 -9.70 -8.08 -38.53
N LEU A 261 -9.19 -7.02 -37.89
CA LEU A 261 -8.65 -5.89 -38.62
C LEU A 261 -7.41 -6.27 -39.43
N SER A 262 -6.62 -7.21 -38.94
CA SER A 262 -5.53 -7.71 -39.77
C SER A 262 -6.04 -8.63 -40.87
N TRP A 263 -7.21 -9.25 -40.67
CA TRP A 263 -7.81 -10.04 -41.73
C TRP A 263 -8.39 -9.17 -42.83
N VAL A 264 -8.68 -7.89 -42.53
CA VAL A 264 -9.16 -6.95 -43.54
C VAL A 264 -8.10 -6.71 -44.61
N SER A 265 -6.82 -6.77 -44.23
CA SER A 265 -5.70 -6.45 -45.12
C SER A 265 -5.54 -7.44 -46.27
N PHE A 266 -6.27 -8.54 -46.28
CA PHE A 266 -6.16 -9.52 -47.35
C PHE A 266 -7.11 -9.24 -48.50
N TRP A 267 -8.20 -8.53 -48.24
CA TRP A 267 -9.13 -8.15 -49.30
C TRP A 267 -8.78 -6.77 -49.85
N ILE A 268 -7.51 -6.57 -50.20
CA ILE A 268 -7.00 -5.32 -50.74
C ILE A 268 -6.10 -5.68 -51.92
N ASN A 269 -6.20 -4.89 -53.00
CA ASN A 269 -5.36 -5.09 -54.18
C ASN A 269 -3.89 -4.88 -53.83
N MET A 270 -3.04 -5.74 -54.39
CA MET A 270 -1.61 -5.64 -54.15
C MET A 270 -1.01 -4.48 -54.92
N ASP A 271 0.26 -4.20 -54.60
CA ASP A 271 1.07 -3.05 -55.06
C ASP A 271 0.51 -1.70 -54.60
N ALA A 272 -0.53 -1.71 -53.77
CA ALA A 272 -1.00 -0.52 -53.06
C ALA A 272 -0.39 -0.55 -51.66
N ALA A 273 0.88 -0.12 -51.60
CA ALA A 273 1.68 -0.29 -50.39
C ALA A 273 1.21 0.54 -49.20
N PRO A 274 1.08 1.89 -49.25
CA PRO A 274 0.86 2.63 -47.99
C PRO A 274 -0.53 2.45 -47.39
N ALA A 275 -1.48 1.90 -48.15
CA ALA A 275 -2.78 1.59 -47.59
C ALA A 275 -2.86 0.17 -47.06
N ARG A 276 -1.78 -0.59 -47.12
CA ARG A 276 -1.79 -1.98 -46.66
C ARG A 276 -0.62 -2.23 -45.73
N VAL A 277 0.49 -1.50 -45.93
CA VAL A 277 1.57 -1.51 -44.95
C VAL A 277 1.15 -0.76 -43.70
N GLY A 278 0.54 0.42 -43.88
CA GLY A 278 0.14 1.24 -42.74
C GLY A 278 -1.00 0.64 -41.94
N LEU A 279 -1.92 -0.05 -42.61
CA LEU A 279 -2.96 -0.81 -41.91
C LEU A 279 -2.36 -1.93 -41.09
N GLY A 280 -1.51 -2.75 -41.71
CA GLY A 280 -0.91 -3.89 -41.03
C GLY A 280 0.03 -3.52 -39.92
N ILE A 281 0.68 -2.36 -40.00
CA ILE A 281 1.56 -1.95 -38.91
C ILE A 281 0.75 -1.22 -37.84
N THR A 282 -0.39 -0.64 -38.21
CA THR A 282 -1.23 0.02 -37.23
C THR A 282 -1.99 -1.01 -36.39
N THR A 283 -2.31 -2.17 -36.97
CA THR A 283 -2.87 -3.26 -36.17
C THR A 283 -1.84 -3.83 -35.21
N VAL A 284 -0.56 -3.83 -35.60
CA VAL A 284 0.51 -4.25 -34.69
C VAL A 284 0.63 -3.26 -33.54
N LEU A 285 0.54 -1.96 -33.83
CA LEU A 285 0.69 -0.95 -32.78
C LEU A 285 -0.51 -0.96 -31.85
N THR A 286 -1.71 -1.26 -32.39
CA THR A 286 -2.90 -1.29 -31.57
C THR A 286 -2.95 -2.55 -30.72
N MET A 287 -2.45 -3.68 -31.25
CA MET A 287 -2.33 -4.90 -30.45
C MET A 287 -1.27 -4.73 -29.36
N THR A 288 -0.18 -4.03 -29.67
CA THR A 288 0.85 -3.78 -28.68
C THR A 288 0.35 -2.85 -27.58
N THR A 289 -0.43 -1.84 -27.95
CA THR A 289 -1.03 -0.95 -26.97
C THR A 289 -2.09 -1.68 -26.14
N GLN A 290 -2.80 -2.64 -26.76
CA GLN A 290 -3.78 -3.43 -26.02
C GLN A 290 -3.10 -4.35 -25.01
N SER A 291 -1.98 -4.98 -25.41
CA SER A 291 -1.32 -5.94 -24.52
C SER A 291 -0.55 -5.22 -23.42
N SER A 292 0.13 -4.13 -23.75
CA SER A 292 0.90 -3.42 -22.73
C SER A 292 -0.01 -2.60 -21.83
N GLY A 293 -1.15 -2.14 -22.35
CA GLY A 293 -2.07 -1.38 -21.53
C GLY A 293 -2.83 -2.23 -20.54
N SER A 294 -3.01 -3.51 -20.85
CA SER A 294 -3.71 -4.44 -19.98
C SER A 294 -2.77 -5.14 -19.00
N ARG A 295 -1.51 -4.71 -18.93
CA ARG A 295 -0.50 -5.33 -18.10
C ARG A 295 -0.59 -4.95 -16.64
N ALA A 296 -0.93 -3.69 -16.35
CA ALA A 296 -1.01 -3.24 -14.96
C ALA A 296 -2.26 -3.74 -14.24
N SER A 297 -3.25 -4.26 -14.97
CA SER A 297 -4.46 -4.76 -14.32
C SER A 297 -4.30 -6.22 -13.91
N LEU A 298 -3.65 -7.02 -14.75
CA LEU A 298 -3.44 -8.43 -14.48
C LEU A 298 -2.43 -8.61 -13.35
N PRO A 299 -2.47 -9.74 -12.64
CA PRO A 299 -1.58 -9.92 -11.48
C PRO A 299 -0.11 -10.01 -11.84
N LYS A 300 0.71 -9.92 -10.81
CA LYS A 300 2.16 -9.81 -10.95
C LYS A 300 2.87 -11.15 -10.83
N VAL A 301 2.25 -12.23 -11.30
CA VAL A 301 2.97 -13.49 -11.40
C VAL A 301 3.96 -13.40 -12.55
N SER A 302 5.06 -14.13 -12.43
CA SER A 302 6.14 -14.08 -13.42
C SER A 302 6.22 -15.36 -14.23
N TYR A 303 5.08 -15.98 -14.53
CA TYR A 303 5.06 -17.16 -15.37
C TYR A 303 3.89 -17.09 -16.33
N VAL A 304 3.90 -18.00 -17.30
CA VAL A 304 2.96 -17.94 -18.40
C VAL A 304 1.58 -18.34 -17.92
N LYS A 305 0.62 -17.44 -18.04
CA LYS A 305 -0.77 -17.69 -17.71
C LYS A 305 -1.62 -17.56 -18.96
N ALA A 306 -2.87 -18.01 -18.86
CA ALA A 306 -3.66 -18.30 -20.04
C ALA A 306 -4.11 -17.07 -20.81
N ILE A 307 -4.02 -15.87 -20.22
CA ILE A 307 -4.30 -14.66 -20.98
C ILE A 307 -3.07 -14.18 -21.74
N ASP A 308 -1.87 -14.51 -21.26
CA ASP A 308 -0.64 -14.17 -21.97
C ASP A 308 -0.46 -15.01 -23.22
N ILE A 309 -1.02 -16.22 -23.25
CA ILE A 309 -1.00 -17.03 -24.46
C ILE A 309 -1.94 -16.45 -25.50
N TRP A 310 -3.09 -15.93 -25.05
CA TRP A 310 -4.01 -15.26 -25.96
C TRP A 310 -3.41 -13.99 -26.55
N MET A 311 -2.74 -13.18 -25.71
CA MET A 311 -2.12 -11.97 -26.22
C MET A 311 -0.91 -12.29 -27.09
N ALA A 312 -0.21 -13.38 -26.80
CA ALA A 312 0.96 -13.75 -27.58
C ALA A 312 0.56 -14.25 -28.96
N VAL A 313 -0.43 -15.14 -29.02
CA VAL A 313 -0.86 -15.69 -30.31
C VAL A 313 -1.61 -14.64 -31.13
N CYS A 314 -2.42 -13.82 -30.47
CA CYS A 314 -3.05 -12.70 -31.15
C CYS A 314 -2.05 -11.62 -31.54
N LEU A 315 -0.83 -11.65 -31.00
CA LEU A 315 0.23 -10.83 -31.58
C LEU A 315 0.91 -11.54 -32.76
N LEU A 316 1.01 -12.86 -32.71
CA LEU A 316 1.69 -13.59 -33.79
C LEU A 316 0.86 -13.61 -35.06
N PHE A 317 -0.46 -13.52 -34.95
CA PHE A 317 -1.26 -13.47 -36.18
C PHE A 317 -1.24 -12.10 -36.81
N VAL A 318 -1.29 -11.05 -35.99
CA VAL A 318 -1.25 -9.68 -36.50
C VAL A 318 0.11 -9.38 -37.10
N PHE A 319 1.18 -9.84 -36.44
CA PHE A 319 2.51 -9.83 -37.04
C PHE A 319 2.60 -10.70 -38.28
N SER A 320 1.90 -11.83 -38.29
CA SER A 320 1.97 -12.77 -39.41
C SER A 320 1.28 -12.20 -40.64
N ALA A 321 0.35 -11.27 -40.47
CA ALA A 321 -0.28 -10.63 -41.63
C ALA A 321 0.72 -9.73 -42.37
N LEU A 322 1.44 -8.89 -41.63
CA LEU A 322 2.40 -7.99 -42.28
C LEU A 322 3.61 -8.76 -42.77
N LEU A 323 3.98 -9.84 -42.08
CA LEU A 323 5.05 -10.69 -42.60
C LEU A 323 4.60 -11.40 -43.87
N GLU A 324 3.31 -11.73 -43.96
CA GLU A 324 2.76 -12.33 -45.17
C GLU A 324 2.81 -11.35 -46.33
N TYR A 325 2.39 -10.10 -46.11
CA TYR A 325 2.50 -9.10 -47.18
C TYR A 325 3.95 -8.74 -47.47
N ALA A 326 4.83 -8.90 -46.48
CA ALA A 326 6.25 -8.69 -46.71
C ALA A 326 6.82 -9.77 -47.61
N ALA A 327 6.20 -10.96 -47.61
CA ALA A 327 6.53 -11.93 -48.63
C ALA A 327 5.89 -11.59 -49.98
N VAL A 328 4.61 -11.21 -49.96
CA VAL A 328 3.83 -11.03 -51.19
C VAL A 328 4.38 -9.90 -52.05
N ASN A 329 4.79 -8.80 -51.41
CA ASN A 329 5.30 -7.65 -52.13
C ASN A 329 6.64 -7.95 -52.80
N PHE A 330 7.44 -8.82 -52.20
CA PHE A 330 8.70 -9.22 -52.81
C PHE A 330 8.50 -10.25 -53.91
N ILE A 331 7.47 -11.10 -53.78
CA ILE A 331 7.16 -12.04 -54.85
C ILE A 331 6.64 -11.30 -56.08
N ALA A 332 5.72 -10.37 -55.87
CA ALA A 332 5.12 -9.65 -57.00
C ALA A 332 5.94 -8.43 -57.41
N ARG A 333 7.02 -8.15 -56.68
CA ARG A 333 7.80 -6.94 -56.97
C ARG A 333 8.75 -7.15 -58.15
N ALA A 334 9.14 -8.40 -58.41
CA ALA A 334 10.06 -8.67 -59.51
C ALA A 334 9.40 -8.45 -60.87
N GLY A 335 8.25 -9.07 -61.09
CA GLY A 335 7.47 -8.82 -62.29
C GLY A 335 7.43 -9.99 -63.25
N THR A 336 6.34 -10.76 -63.18
CA THR A 336 6.03 -11.90 -64.04
C THR A 336 4.62 -12.36 -63.74
N LYS A 337 3.97 -12.86 -64.81
CA LYS A 337 2.58 -13.34 -64.84
C LYS A 337 2.47 -14.44 -63.82
N LEU A 338 3.54 -15.24 -63.74
CA LEU A 338 3.67 -16.27 -62.71
C LEU A 338 3.72 -15.54 -61.36
N PHE A 339 4.47 -14.43 -61.32
CA PHE A 339 4.57 -13.58 -60.17
C PHE A 339 3.19 -13.02 -59.83
N ILE A 340 2.36 -12.61 -60.80
CA ILE A 340 1.06 -12.12 -60.30
C ILE A 340 0.16 -13.30 -59.97
N SER A 341 0.29 -14.40 -60.71
CA SER A 341 -0.45 -15.61 -60.36
C SER A 341 0.06 -16.21 -59.05
N ARG A 342 1.37 -16.11 -58.81
CA ARG A 342 1.94 -16.60 -57.56
C ARG A 342 1.55 -15.68 -56.40
N ALA A 343 1.49 -14.37 -56.66
CA ALA A 343 1.10 -13.43 -55.63
C ALA A 343 -0.38 -13.57 -55.26
N LYS A 344 -1.19 -13.69 -56.30
CA LYS A 344 -2.63 -13.85 -56.20
C LYS A 344 -2.93 -15.17 -55.50
N ARG A 345 -2.16 -16.20 -55.83
CA ARG A 345 -2.34 -17.50 -55.21
C ARG A 345 -2.05 -17.45 -53.71
N ILE A 346 -1.00 -16.74 -53.33
CA ILE A 346 -0.63 -16.61 -51.92
C ILE A 346 -1.73 -15.91 -51.15
N ASP A 347 -2.26 -14.84 -51.74
CA ASP A 347 -3.34 -14.08 -51.12
C ASP A 347 -4.60 -14.95 -51.02
N THR A 348 -4.83 -15.73 -52.06
CA THR A 348 -5.98 -16.62 -52.15
C THR A 348 -5.88 -17.66 -51.04
N VAL A 349 -4.68 -18.18 -50.81
CA VAL A 349 -4.54 -19.16 -49.74
C VAL A 349 -4.65 -18.48 -48.37
N SER A 350 -3.98 -17.35 -48.22
CA SER A 350 -3.95 -16.60 -46.96
C SER A 350 -5.29 -16.04 -46.49
N ARG A 351 -6.11 -15.63 -47.43
CA ARG A 351 -7.42 -15.05 -47.13
C ARG A 351 -8.37 -15.99 -46.42
N VAL A 352 -8.28 -17.24 -46.83
CA VAL A 352 -8.98 -18.39 -46.27
C VAL A 352 -8.27 -19.05 -45.08
N ALA A 353 -6.95 -19.19 -45.20
CA ALA A 353 -6.11 -19.87 -44.22
C ALA A 353 -5.96 -19.35 -42.78
N PHE A 354 -5.83 -18.04 -42.60
CA PHE A 354 -5.61 -17.52 -41.25
C PHE A 354 -6.84 -17.52 -40.35
N PRO A 355 -8.08 -17.30 -40.82
CA PRO A 355 -9.23 -17.60 -39.94
C PRO A 355 -9.39 -19.06 -39.60
N LEU A 356 -8.91 -19.99 -40.44
CA LEU A 356 -8.93 -21.39 -40.07
C LEU A 356 -7.93 -21.70 -38.96
N VAL A 357 -6.75 -21.10 -39.03
CA VAL A 357 -5.74 -21.32 -37.99
C VAL A 357 -6.17 -20.66 -36.69
N PHE A 358 -6.77 -19.47 -36.76
CA PHE A 358 -7.31 -18.83 -35.57
C PHE A 358 -8.54 -19.55 -35.05
N LEU A 359 -9.24 -20.29 -35.90
CA LEU A 359 -10.37 -21.09 -35.43
C LEU A 359 -9.90 -22.36 -34.74
N ILE A 360 -8.82 -22.99 -35.23
CA ILE A 360 -8.28 -24.18 -34.58
C ILE A 360 -7.67 -23.81 -33.23
N PHE A 361 -6.90 -22.71 -33.18
CA PHE A 361 -6.40 -22.21 -31.91
C PHE A 361 -7.53 -21.75 -31.00
N ASN A 362 -8.60 -21.21 -31.59
CA ASN A 362 -9.70 -20.70 -30.80
C ASN A 362 -10.53 -21.83 -30.20
N ILE A 363 -10.56 -23.00 -30.85
CA ILE A 363 -11.22 -24.16 -30.25
C ILE A 363 -10.34 -24.80 -29.18
N PHE A 364 -9.06 -25.02 -29.51
CA PHE A 364 -8.12 -25.68 -28.61
C PHE A 364 -7.89 -24.87 -27.33
N TYR A 365 -7.96 -23.54 -27.46
CA TYR A 365 -7.75 -22.65 -26.33
C TYR A 365 -8.87 -22.78 -25.31
N TRP A 366 -10.12 -22.60 -25.75
CA TRP A 366 -11.24 -22.58 -24.81
C TRP A 366 -11.59 -23.96 -24.31
N ILE A 367 -11.33 -25.01 -25.09
CA ILE A 367 -11.46 -26.35 -24.53
C ILE A 367 -10.39 -26.58 -23.47
N THR A 368 -9.15 -26.19 -23.77
CA THR A 368 -8.02 -26.50 -22.90
C THR A 368 -8.11 -25.77 -21.56
N TYR A 369 -8.46 -24.48 -21.59
CA TYR A 369 -8.47 -23.74 -20.33
C TYR A 369 -9.86 -23.62 -19.74
N LYS A 370 -10.89 -23.74 -20.57
CA LYS A 370 -12.25 -23.55 -20.06
C LYS A 370 -12.97 -24.86 -19.78
N LEU A 371 -12.78 -25.88 -20.61
CA LEU A 371 -13.60 -27.09 -20.50
C LEU A 371 -13.15 -27.98 -19.34
N VAL A 372 -11.85 -28.24 -19.23
CA VAL A 372 -11.34 -29.14 -18.20
C VAL A 372 -11.37 -28.46 -16.83
N PRO B 33 -1.77 -33.23 41.60
CA PRO B 33 -0.60 -34.10 41.57
C PRO B 33 0.30 -33.99 40.30
N PRO B 34 -0.25 -33.76 39.07
CA PRO B 34 0.67 -33.40 37.98
C PRO B 34 1.31 -32.03 38.11
N SER B 35 0.51 -30.98 38.24
CA SER B 35 1.05 -29.63 38.12
C SER B 35 1.60 -29.08 39.41
N GLU B 36 1.35 -29.72 40.55
CA GLU B 36 1.92 -29.28 41.81
C GLU B 36 3.30 -29.87 42.06
N PHE B 37 3.88 -30.55 41.07
CA PHE B 37 5.25 -31.02 41.13
C PHE B 37 6.23 -30.06 40.47
N LEU B 38 5.79 -29.30 39.47
CA LEU B 38 6.63 -28.26 38.89
C LEU B 38 6.78 -27.07 39.84
N ASP B 39 5.78 -26.83 40.69
CA ASP B 39 5.95 -25.79 41.70
C ASP B 39 6.90 -26.26 42.80
N LYS B 40 6.96 -27.58 43.02
CA LYS B 40 7.94 -28.14 43.94
C LYS B 40 9.35 -28.07 43.37
N LEU B 41 9.49 -28.12 42.04
CA LEU B 41 10.78 -28.21 41.37
C LEU B 41 11.34 -26.86 40.92
N MET B 42 10.48 -25.87 40.67
CA MET B 42 10.97 -24.57 40.22
C MET B 42 10.45 -23.41 41.07
N GLY B 43 9.89 -23.69 42.24
CA GLY B 43 9.27 -22.66 43.05
C GLY B 43 10.24 -21.98 43.99
N LYS B 44 9.68 -21.39 45.04
CA LYS B 44 10.50 -20.73 46.05
C LYS B 44 11.18 -21.74 46.96
N VAL B 45 10.67 -22.97 46.99
CA VAL B 45 11.24 -24.01 47.85
C VAL B 45 12.58 -24.47 47.27
N SER B 46 12.56 -25.00 46.06
CA SER B 46 13.79 -25.41 45.42
C SER B 46 14.58 -24.19 44.94
N GLY B 47 15.89 -24.37 44.82
CA GLY B 47 16.77 -23.26 44.51
C GLY B 47 17.01 -23.06 43.04
N TYR B 48 15.99 -23.26 42.21
CA TYR B 48 16.13 -23.01 40.79
C TYR B 48 16.09 -21.51 40.54
N ASP B 49 17.06 -21.01 39.80
CA ASP B 49 17.12 -19.60 39.44
C ASP B 49 16.87 -19.50 37.94
N ALA B 50 15.90 -18.67 37.56
CA ALA B 50 15.43 -18.65 36.18
C ALA B 50 16.41 -17.96 35.26
N ARG B 51 17.21 -17.02 35.78
CA ARG B 51 18.14 -16.27 34.96
C ARG B 51 19.60 -16.69 35.17
N ILE B 52 19.82 -17.93 35.60
CA ILE B 52 21.15 -18.52 35.64
C ILE B 52 21.13 -19.74 34.73
N ARG B 53 22.10 -19.81 33.81
CA ARG B 53 22.13 -20.85 32.80
C ARG B 53 22.45 -22.22 33.42
N PRO B 54 22.05 -23.31 32.77
CA PRO B 54 22.47 -24.63 33.24
C PRO B 54 23.97 -24.80 33.08
N ASN B 55 24.53 -25.65 33.94
CA ASN B 55 25.97 -25.90 34.02
C ASN B 55 26.75 -24.59 34.16
N PHE B 56 26.32 -23.77 35.12
CA PHE B 56 26.87 -22.44 35.27
C PHE B 56 28.30 -22.52 35.77
N LYS B 57 29.16 -21.66 35.19
CA LYS B 57 30.62 -21.73 35.31
C LYS B 57 31.15 -23.11 34.95
N GLY B 58 30.61 -23.70 33.89
CA GLY B 58 31.02 -25.00 33.42
C GLY B 58 31.03 -25.07 31.91
N PRO B 59 30.64 -26.21 31.36
CA PRO B 59 30.58 -26.36 29.90
C PRO B 59 29.46 -25.53 29.31
N PRO B 60 29.63 -25.06 28.08
CA PRO B 60 28.54 -24.34 27.41
C PRO B 60 27.40 -25.28 27.05
N VAL B 61 26.18 -24.85 27.32
CA VAL B 61 25.00 -25.67 27.05
C VAL B 61 24.78 -25.79 25.55
N ASN B 62 24.48 -27.01 25.10
CA ASN B 62 24.28 -27.22 23.68
C ASN B 62 22.82 -27.00 23.36
N VAL B 63 22.51 -26.29 22.28
CA VAL B 63 21.12 -26.10 21.88
C VAL B 63 20.96 -26.71 20.49
N THR B 64 20.26 -27.83 20.42
CA THR B 64 19.94 -28.48 19.17
C THR B 64 18.60 -27.92 18.70
N CYS B 65 18.64 -27.05 17.70
CA CYS B 65 17.46 -26.32 17.25
C CYS B 65 17.21 -26.58 15.77
N ASN B 66 15.94 -26.68 15.41
CA ASN B 66 15.52 -26.94 14.07
C ASN B 66 14.24 -26.16 13.75
N ILE B 67 14.03 -25.93 12.46
CA ILE B 67 13.05 -24.98 11.96
C ILE B 67 12.13 -25.68 10.98
N PHE B 68 10.82 -25.51 11.18
CA PHE B 68 9.83 -25.95 10.20
C PHE B 68 9.13 -24.72 9.64
N ILE B 69 9.08 -24.63 8.32
CA ILE B 69 8.51 -23.47 7.65
C ILE B 69 7.09 -23.81 7.22
N ASN B 70 6.13 -23.02 7.72
CA ASN B 70 4.73 -23.15 7.34
C ASN B 70 4.44 -22.34 6.09
N SER B 71 4.65 -21.03 6.17
CA SER B 71 4.44 -20.11 5.08
C SER B 71 5.77 -19.45 4.75
N PHE B 72 5.91 -19.03 3.50
CA PHE B 72 7.16 -18.44 3.07
C PHE B 72 6.87 -17.45 1.95
N GLY B 73 7.37 -16.23 2.11
CA GLY B 73 7.48 -15.34 0.98
C GLY B 73 6.45 -14.24 0.88
N SER B 74 6.86 -13.05 1.29
CA SER B 74 6.22 -11.83 0.86
C SER B 74 7.36 -10.98 0.30
N ILE B 75 8.13 -11.62 -0.57
CA ILE B 75 9.41 -11.15 -1.08
C ILE B 75 9.28 -9.83 -1.82
N ALA B 76 9.91 -8.79 -1.30
CA ALA B 76 9.79 -7.44 -1.83
C ALA B 76 11.17 -6.86 -2.04
N GLU B 77 11.39 -6.30 -3.23
CA GLU B 77 12.61 -5.55 -3.51
C GLU B 77 12.52 -4.10 -3.07
N THR B 78 11.33 -3.63 -2.70
CA THR B 78 11.18 -2.26 -2.20
C THR B 78 11.83 -2.11 -0.84
N THR B 79 11.59 -3.07 0.05
CA THR B 79 12.16 -3.03 1.39
C THR B 79 13.25 -4.06 1.61
N MET B 80 13.57 -4.88 0.60
CA MET B 80 14.65 -5.86 0.62
C MET B 80 14.52 -6.86 1.76
N ASP B 81 13.37 -7.52 1.81
CA ASP B 81 13.07 -8.45 2.89
C ASP B 81 12.03 -9.45 2.42
N TYR B 82 11.74 -10.43 3.28
CA TYR B 82 10.72 -11.42 3.02
C TYR B 82 10.09 -11.78 4.36
N ARG B 83 9.05 -12.60 4.31
N ARG B 83 9.04 -12.59 4.30
CA ARG B 83 8.35 -13.06 5.50
CA ARG B 83 8.31 -13.03 5.50
C ARG B 83 8.32 -14.57 5.55
C ARG B 83 8.23 -14.55 5.56
N VAL B 84 8.40 -15.10 6.77
CA VAL B 84 8.36 -16.55 6.95
C VAL B 84 7.72 -16.86 8.29
N ASN B 85 6.82 -17.83 8.31
CA ASN B 85 6.13 -18.27 9.52
C ASN B 85 6.68 -19.62 9.89
N ILE B 86 7.34 -19.71 11.03
CA ILE B 86 8.08 -20.91 11.39
C ILE B 86 7.60 -21.47 12.72
N PHE B 87 7.75 -22.79 12.85
CA PHE B 87 7.92 -23.45 14.14
C PHE B 87 9.41 -23.51 14.44
N LEU B 88 9.84 -22.86 15.51
CA LEU B 88 11.20 -22.97 16.01
C LEU B 88 11.21 -23.92 17.20
N ARG B 89 11.87 -25.07 17.04
CA ARG B 89 12.04 -25.97 18.16
C ARG B 89 13.50 -25.95 18.58
N GLN B 90 13.75 -25.80 19.87
CA GLN B 90 15.11 -25.79 20.38
C GLN B 90 15.17 -26.63 21.66
N GLN B 91 16.19 -27.48 21.72
CA GLN B 91 16.32 -28.49 22.76
C GLN B 91 17.64 -28.27 23.49
N TRP B 92 17.61 -28.32 24.82
CA TRP B 92 18.86 -28.24 25.57
C TRP B 92 18.73 -29.12 26.81
N ASN B 93 19.79 -29.13 27.61
CA ASN B 93 19.84 -29.92 28.83
C ASN B 93 19.92 -28.99 30.02
N ASP B 94 19.07 -29.23 31.01
CA ASP B 94 19.08 -28.47 32.27
C ASP B 94 19.16 -29.50 33.39
N PRO B 95 20.34 -29.73 33.97
CA PRO B 95 20.51 -30.85 34.92
C PRO B 95 19.80 -30.64 36.23
N ARG B 96 19.46 -29.42 36.60
CA ARG B 96 18.70 -29.14 37.81
C ARG B 96 17.20 -29.16 37.59
N LEU B 97 16.74 -29.83 36.53
CA LEU B 97 15.34 -30.14 36.34
C LEU B 97 15.09 -31.63 36.22
N ALA B 98 16.10 -32.47 36.45
CA ALA B 98 15.89 -33.91 36.43
C ALA B 98 15.11 -34.34 37.67
N TYR B 99 14.36 -35.42 37.52
CA TYR B 99 13.48 -35.88 38.58
C TYR B 99 13.29 -37.38 38.44
N SER B 100 12.82 -38.01 39.51
CA SER B 100 12.46 -39.41 39.46
C SER B 100 11.16 -39.74 40.18
N GLU B 101 10.63 -38.87 41.01
CA GLU B 101 9.42 -39.18 41.76
C GLU B 101 8.18 -38.61 41.07
N TYR B 102 7.95 -39.11 39.84
CA TYR B 102 6.77 -38.80 39.05
C TYR B 102 6.69 -39.88 37.98
N PRO B 103 5.49 -40.43 37.69
CA PRO B 103 5.42 -41.72 36.98
C PRO B 103 5.88 -41.70 35.52
N ASP B 104 5.54 -40.69 34.74
CA ASP B 104 5.81 -40.72 33.31
C ASP B 104 7.12 -40.03 32.99
N ASP B 105 7.51 -40.11 31.72
CA ASP B 105 8.79 -39.54 31.30
C ASP B 105 8.68 -38.04 31.11
N SER B 106 7.80 -37.60 30.21
CA SER B 106 7.70 -36.19 29.85
C SER B 106 6.71 -35.46 30.75
N LEU B 107 7.12 -34.26 31.18
CA LEU B 107 6.30 -33.40 32.03
C LEU B 107 6.30 -32.00 31.42
N ASP B 108 5.16 -31.58 30.88
CA ASP B 108 5.06 -30.33 30.16
C ASP B 108 4.83 -29.15 31.10
N LEU B 109 5.24 -27.97 30.64
CA LEU B 109 5.11 -26.74 31.39
C LEU B 109 4.13 -25.80 30.67
N ASP B 110 3.30 -25.12 31.46
CA ASP B 110 2.28 -24.21 30.97
C ASP B 110 2.93 -22.96 30.37
N PRO B 111 2.39 -22.44 29.26
CA PRO B 111 2.99 -21.25 28.63
C PRO B 111 2.88 -19.98 29.46
N SER B 112 2.04 -19.95 30.49
CA SER B 112 2.02 -18.78 31.37
C SER B 112 3.16 -18.78 32.37
N MET B 113 3.87 -19.90 32.52
CA MET B 113 4.91 -20.05 33.53
C MET B 113 6.30 -20.08 32.92
N LEU B 114 6.45 -19.62 31.67
CA LEU B 114 7.73 -19.73 30.98
C LEU B 114 8.76 -18.74 31.47
N ASP B 115 8.36 -17.75 32.28
CA ASP B 115 9.33 -16.91 32.96
C ASP B 115 9.96 -17.62 34.15
N SER B 116 9.47 -18.79 34.54
CA SER B 116 10.00 -19.52 35.68
C SER B 116 11.13 -20.47 35.31
N ILE B 117 11.51 -20.54 34.04
CA ILE B 117 12.52 -21.48 33.57
C ILE B 117 13.56 -20.70 32.74
N TRP B 118 14.78 -21.20 32.72
CA TRP B 118 15.80 -20.64 31.84
C TRP B 118 15.47 -20.95 30.39
N LYS B 119 15.67 -19.96 29.53
CA LYS B 119 15.53 -20.14 28.10
C LYS B 119 16.73 -19.45 27.45
N PRO B 120 17.18 -19.95 26.29
CA PRO B 120 18.26 -19.26 25.59
C PRO B 120 17.80 -17.91 25.05
N ASP B 121 18.74 -16.97 24.99
CA ASP B 121 18.46 -15.64 24.45
C ASP B 121 18.71 -15.58 22.95
N LEU B 122 18.12 -16.54 22.24
CA LEU B 122 18.21 -16.60 20.80
C LEU B 122 17.43 -15.45 20.19
N PHE B 123 18.01 -14.80 19.19
CA PHE B 123 17.30 -13.84 18.37
C PHE B 123 17.73 -14.07 16.94
N PHE B 124 17.07 -13.40 16.01
CA PHE B 124 17.37 -13.54 14.59
C PHE B 124 18.10 -12.31 14.13
N ALA B 125 19.33 -12.50 13.62
CA ALA B 125 20.22 -11.38 13.40
C ALA B 125 19.85 -10.55 12.19
N ASN B 126 18.93 -11.01 11.35
CA ASN B 126 18.52 -10.25 10.18
C ASN B 126 17.03 -10.00 10.13
N GLU B 127 16.37 -9.93 11.28
CA GLU B 127 14.94 -9.67 11.30
C GLU B 127 14.68 -8.17 11.28
N LYS B 128 13.55 -7.79 10.69
CA LYS B 128 13.12 -6.40 10.62
C LYS B 128 11.83 -6.18 11.40
N GLY B 129 11.43 -7.16 12.18
CA GLY B 129 10.16 -7.15 12.88
C GLY B 129 9.62 -8.57 12.87
N ALA B 130 9.09 -8.99 14.01
CA ALA B 130 8.68 -10.37 14.20
C ALA B 130 7.75 -10.45 15.40
N ASN B 131 6.88 -11.45 15.41
CA ASN B 131 5.96 -11.57 16.53
C ASN B 131 5.62 -13.02 16.80
N PHE B 132 5.02 -13.24 17.97
CA PHE B 132 4.51 -14.54 18.39
C PHE B 132 3.10 -14.73 17.86
N HIS B 133 2.46 -15.81 18.29
CA HIS B 133 1.07 -16.09 18.00
C HIS B 133 0.38 -16.52 19.28
N GLU B 134 -0.83 -16.01 19.51
CA GLU B 134 -1.50 -16.21 20.79
C GLU B 134 -2.97 -16.55 20.62
N VAL B 135 -3.39 -16.96 19.43
CA VAL B 135 -4.81 -17.10 19.11
C VAL B 135 -5.31 -18.44 19.63
N THR B 136 -6.33 -18.35 20.51
CA THR B 136 -7.13 -19.37 21.20
C THR B 136 -6.34 -20.03 22.33
N THR B 137 -5.01 -19.86 22.31
CA THR B 137 -4.04 -20.28 23.33
C THR B 137 -2.73 -19.70 22.84
N ASP B 138 -1.84 -19.28 23.74
CA ASP B 138 -0.50 -18.88 23.36
C ASP B 138 0.25 -20.06 22.74
N ASN B 139 0.68 -19.87 21.49
CA ASN B 139 1.30 -20.96 20.73
C ASN B 139 2.75 -21.20 21.13
N LYS B 140 2.96 -21.62 22.38
CA LYS B 140 4.27 -21.99 22.88
C LYS B 140 4.16 -23.36 23.52
N LEU B 141 5.29 -24.05 23.63
CA LEU B 141 5.29 -25.42 24.13
C LEU B 141 6.64 -25.66 24.78
N LEU B 142 6.62 -26.11 26.03
CA LEU B 142 7.84 -26.52 26.71
C LEU B 142 7.58 -27.85 27.41
N ARG B 143 8.55 -28.74 27.34
CA ARG B 143 8.40 -30.11 27.82
C ARG B 143 9.71 -30.54 28.46
N ILE B 144 9.66 -30.84 29.75
CA ILE B 144 10.83 -31.27 30.50
C ILE B 144 10.80 -32.79 30.62
N SER B 145 11.88 -33.43 30.17
CA SER B 145 11.96 -34.88 30.22
C SER B 145 12.40 -35.33 31.60
N LYS B 146 12.35 -36.65 31.82
CA LYS B 146 12.85 -37.23 33.06
C LYS B 146 14.36 -37.13 33.13
N ASN B 147 15.02 -37.14 31.98
CA ASN B 147 16.47 -36.97 31.87
C ASN B 147 16.91 -35.58 32.31
N GLY B 148 16.04 -34.58 32.21
CA GLY B 148 16.45 -33.21 32.38
C GLY B 148 16.55 -32.45 31.08
N ASN B 149 16.17 -33.07 29.96
CA ASN B 149 16.16 -32.42 28.67
C ASN B 149 14.92 -31.56 28.54
N VAL B 150 15.09 -30.39 27.93
CA VAL B 150 14.02 -29.43 27.74
C VAL B 150 13.81 -29.24 26.24
N LEU B 151 12.57 -29.42 25.80
CA LEU B 151 12.16 -29.18 24.43
C LEU B 151 11.26 -27.95 24.42
N TYR B 152 11.60 -26.96 23.60
CA TYR B 152 10.88 -25.70 23.57
C TYR B 152 10.55 -25.33 22.13
N SER B 153 9.27 -25.46 21.77
CA SER B 153 8.79 -25.22 20.41
C SER B 153 7.83 -24.04 20.41
N ILE B 154 8.09 -23.07 19.54
CA ILE B 154 7.26 -21.88 19.40
C ILE B 154 6.90 -21.71 17.94
N ARG B 155 5.97 -20.80 17.68
CA ARG B 155 5.50 -20.51 16.32
C ARG B 155 5.49 -19.01 16.14
N ILE B 156 6.40 -18.50 15.32
CA ILE B 156 6.61 -17.07 15.19
C ILE B 156 6.60 -16.66 13.73
N THR B 157 6.21 -15.41 13.50
CA THR B 157 6.17 -14.83 12.16
C THR B 157 7.28 -13.80 12.04
N LEU B 158 7.99 -13.83 10.92
CA LEU B 158 9.27 -13.17 10.76
C LEU B 158 9.27 -12.30 9.52
N VAL B 159 9.81 -11.10 9.65
CA VAL B 159 10.17 -10.30 8.49
C VAL B 159 11.69 -10.23 8.45
N LEU B 160 12.30 -11.05 7.63
CA LEU B 160 13.75 -11.20 7.60
C LEU B 160 14.33 -10.44 6.41
N ALA B 161 15.43 -9.75 6.68
CA ALA B 161 16.10 -8.93 5.67
C ALA B 161 17.04 -9.79 4.85
N CYS B 162 16.87 -9.77 3.53
CA CYS B 162 17.89 -10.30 2.63
C CYS B 162 18.16 -9.28 1.53
N PRO B 163 19.40 -8.81 1.39
CA PRO B 163 19.71 -7.87 0.32
C PRO B 163 19.73 -8.57 -1.03
N MET B 164 19.26 -7.87 -2.05
CA MET B 164 19.09 -8.44 -3.37
C MET B 164 19.90 -7.66 -4.39
N ASP B 165 20.41 -8.37 -5.39
CA ASP B 165 21.12 -7.76 -6.50
C ASP B 165 20.35 -8.13 -7.77
N LEU B 166 19.58 -7.18 -8.28
CA LEU B 166 18.75 -7.41 -9.46
C LEU B 166 19.46 -7.05 -10.75
N LYS B 167 20.78 -7.19 -10.79
CA LYS B 167 21.54 -6.86 -11.99
C LYS B 167 21.25 -7.84 -13.11
N ASN B 168 20.88 -9.08 -12.77
CA ASN B 168 20.63 -10.11 -13.76
C ASN B 168 19.14 -10.36 -13.97
N PHE B 169 18.30 -9.35 -13.74
CA PHE B 169 16.86 -9.50 -13.84
C PHE B 169 16.44 -9.71 -15.30
N PRO B 170 15.53 -10.66 -15.59
CA PRO B 170 14.82 -11.60 -14.72
C PRO B 170 15.56 -12.90 -14.40
N MET B 171 16.66 -13.21 -15.09
CA MET B 171 17.32 -14.51 -14.94
C MET B 171 18.35 -14.46 -13.81
N ASP B 172 17.89 -14.02 -12.65
CA ASP B 172 18.73 -13.85 -11.48
C ASP B 172 18.43 -14.92 -10.43
N VAL B 173 19.42 -15.23 -9.61
CA VAL B 173 19.30 -16.18 -8.52
C VAL B 173 19.57 -15.45 -7.22
N GLN B 174 18.63 -15.50 -6.30
CA GLN B 174 18.75 -14.84 -5.01
C GLN B 174 19.10 -15.88 -3.94
N THR B 175 19.72 -15.39 -2.87
CA THR B 175 20.11 -16.25 -1.75
C THR B 175 19.71 -15.50 -0.48
N CYS B 176 18.56 -15.85 0.07
CA CYS B 176 18.08 -15.19 1.27
C CYS B 176 18.33 -16.10 2.48
N ILE B 177 18.95 -15.53 3.50
CA ILE B 177 19.52 -16.32 4.59
C ILE B 177 18.67 -16.17 5.84
N MET B 178 19.03 -16.88 6.89
CA MET B 178 18.25 -16.90 8.11
C MET B 178 19.18 -17.24 9.26
N GLN B 179 19.54 -16.23 10.06
CA GLN B 179 20.58 -16.38 11.08
C GLN B 179 19.96 -16.50 12.47
N LEU B 180 20.55 -17.36 13.29
CA LEU B 180 20.08 -17.65 14.64
C LEU B 180 21.24 -17.37 15.60
N GLU B 181 21.14 -16.28 16.36
CA GLU B 181 22.29 -15.80 17.12
C GLU B 181 21.93 -15.64 18.59
N SER B 182 22.86 -16.01 19.46
CA SER B 182 22.75 -15.69 20.87
C SER B 182 22.96 -14.19 21.10
N PHE B 183 22.23 -13.64 22.06
CA PHE B 183 22.21 -12.19 22.25
C PHE B 183 23.18 -11.72 23.32
N GLY B 184 23.32 -12.44 24.42
CA GLY B 184 24.15 -11.96 25.51
C GLY B 184 25.12 -12.98 26.06
N TYR B 185 24.98 -14.24 25.67
CA TYR B 185 25.88 -15.30 26.10
C TYR B 185 26.88 -15.56 24.99
N THR B 186 28.16 -15.59 25.34
CA THR B 186 29.20 -15.91 24.38
C THR B 186 29.26 -17.42 24.14
N MET B 187 30.22 -17.83 23.32
CA MET B 187 30.33 -19.25 23.01
C MET B 187 30.94 -20.05 24.16
N ASN B 188 31.53 -19.38 25.15
CA ASN B 188 31.92 -20.04 26.38
C ASN B 188 30.74 -20.33 27.30
N ASP B 189 29.53 -19.90 26.94
CA ASP B 189 28.33 -20.11 27.75
C ASP B 189 27.22 -20.82 26.98
N LEU B 190 27.07 -20.52 25.70
CA LEU B 190 25.96 -20.99 24.89
C LEU B 190 26.45 -21.28 23.48
N ILE B 191 26.09 -22.46 22.96
CA ILE B 191 26.50 -22.87 21.62
C ILE B 191 25.27 -23.33 20.85
N PHE B 192 24.97 -22.67 19.73
CA PHE B 192 23.89 -23.09 18.85
C PHE B 192 24.43 -23.98 17.74
N GLU B 193 23.64 -25.00 17.39
CA GLU B 193 24.00 -25.88 16.30
C GLU B 193 22.72 -26.50 15.76
N TRP B 194 22.75 -26.92 14.50
CA TRP B 194 21.55 -27.45 13.88
C TRP B 194 21.30 -28.88 14.34
N ASP B 195 20.08 -29.35 14.09
CA ASP B 195 19.76 -30.75 14.32
C ASP B 195 20.39 -31.60 13.23
N GLU B 196 20.75 -32.84 13.58
CA GLU B 196 21.51 -33.66 12.65
C GLU B 196 20.63 -34.22 11.55
N LYS B 197 19.48 -34.80 11.91
CA LYS B 197 18.61 -35.49 10.97
C LYS B 197 18.01 -34.56 9.92
N GLY B 198 17.15 -33.63 10.35
CA GLY B 198 16.69 -32.60 9.45
C GLY B 198 16.55 -31.29 10.19
N ALA B 199 17.32 -30.29 9.78
CA ALA B 199 17.26 -29.01 10.48
C ALA B 199 16.11 -28.15 9.95
N VAL B 200 16.19 -27.74 8.71
CA VAL B 200 15.15 -26.91 8.12
C VAL B 200 14.25 -27.80 7.24
N GLN B 201 12.94 -27.66 7.45
CA GLN B 201 11.96 -28.34 6.62
C GLN B 201 10.98 -27.30 6.12
N VAL B 202 10.40 -27.56 4.95
CA VAL B 202 9.43 -26.65 4.35
C VAL B 202 8.17 -27.45 4.08
N ALA B 203 7.03 -26.91 4.50
CA ALA B 203 5.75 -27.57 4.27
C ALA B 203 5.46 -27.60 2.78
N ASP B 204 5.13 -28.79 2.28
CA ASP B 204 4.94 -28.97 0.85
C ASP B 204 3.65 -28.31 0.38
N GLY B 205 3.67 -27.85 -0.87
CA GLY B 205 2.53 -27.18 -1.46
C GLY B 205 2.61 -25.68 -1.52
N LEU B 206 3.73 -25.09 -1.11
CA LEU B 206 3.86 -23.64 -1.14
C LEU B 206 4.16 -23.15 -2.55
N THR B 207 3.72 -21.93 -2.84
CA THR B 207 3.87 -21.35 -4.17
C THR B 207 4.19 -19.87 -4.02
N LEU B 208 5.25 -19.44 -4.69
CA LEU B 208 5.64 -18.04 -4.77
C LEU B 208 5.21 -17.45 -6.10
N PRO B 209 4.79 -16.19 -6.13
CA PRO B 209 4.38 -15.59 -7.41
C PRO B 209 5.54 -15.28 -8.33
N GLN B 210 6.73 -15.04 -7.79
CA GLN B 210 7.91 -14.69 -8.57
C GLN B 210 8.94 -15.80 -8.62
N PHE B 211 9.29 -16.37 -7.48
CA PHE B 211 10.45 -17.22 -7.35
C PHE B 211 10.07 -18.69 -7.29
N ILE B 212 11.07 -19.55 -7.24
CA ILE B 212 10.91 -20.97 -6.92
C ILE B 212 11.86 -21.26 -5.77
N LEU B 213 11.32 -21.67 -4.63
CA LEU B 213 12.16 -22.06 -3.51
C LEU B 213 12.81 -23.40 -3.81
N LYS B 214 14.14 -23.36 -3.95
CA LYS B 214 14.93 -24.54 -4.26
C LYS B 214 14.85 -25.54 -3.12
N GLU B 215 14.86 -26.83 -3.45
CA GLU B 215 14.74 -27.85 -2.41
C GLU B 215 16.01 -28.11 -1.63
N GLU B 216 17.16 -27.64 -2.11
CA GLU B 216 18.43 -27.85 -1.41
C GLU B 216 18.77 -26.60 -0.61
N LYS B 217 18.78 -26.73 0.71
CA LYS B 217 19.11 -25.65 1.63
C LYS B 217 20.58 -25.75 2.01
N ASP B 218 21.14 -24.63 2.42
CA ASP B 218 22.58 -24.54 2.65
C ASP B 218 22.82 -24.15 4.12
N LEU B 219 23.06 -25.15 4.97
CA LEU B 219 23.28 -24.91 6.38
C LEU B 219 24.73 -24.51 6.65
N ARG B 220 24.91 -23.37 7.33
CA ARG B 220 26.25 -22.85 7.57
C ARG B 220 26.36 -22.34 9.00
N TYR B 221 27.59 -22.08 9.41
CA TYR B 221 27.88 -21.31 10.61
C TYR B 221 28.22 -19.88 10.21
N CYS B 222 28.06 -18.96 11.16
CA CYS B 222 28.30 -17.55 10.86
C CYS B 222 29.02 -16.83 12.00
N THR B 223 29.77 -17.58 12.81
CA THR B 223 30.18 -17.24 14.17
C THR B 223 30.73 -15.83 14.35
N LYS B 224 30.05 -15.04 15.17
CA LYS B 224 30.35 -13.62 15.28
C LYS B 224 31.55 -13.38 16.19
N HIS B 225 32.36 -12.38 15.81
CA HIS B 225 33.59 -12.04 16.49
C HIS B 225 33.54 -10.58 16.90
N TYR B 226 33.20 -10.31 18.15
CA TYR B 226 33.19 -8.97 18.69
C TYR B 226 34.21 -8.85 19.82
N ASN B 227 34.42 -7.62 20.27
CA ASN B 227 35.34 -7.36 21.38
C ASN B 227 34.88 -7.96 22.70
N THR B 228 33.58 -8.20 22.85
CA THR B 228 33.06 -8.98 23.96
C THR B 228 33.47 -10.45 23.86
N GLY B 229 33.53 -10.99 22.65
CA GLY B 229 33.95 -12.36 22.43
C GLY B 229 33.33 -12.96 21.20
N LYS B 230 33.28 -14.29 21.19
CA LYS B 230 32.72 -15.00 20.07
C LYS B 230 31.28 -15.40 20.42
N PHE B 231 30.35 -14.91 19.62
CA PHE B 231 28.93 -15.18 19.81
C PHE B 231 28.48 -16.19 18.77
N THR B 232 27.75 -17.20 19.22
CA THR B 232 27.31 -18.25 18.32
C THR B 232 26.17 -17.77 17.44
N CYS B 233 26.19 -18.19 16.18
CA CYS B 233 25.04 -18.07 15.31
C CYS B 233 25.15 -19.15 14.25
N ILE B 234 24.00 -19.65 13.82
CA ILE B 234 23.93 -20.63 12.75
C ILE B 234 22.95 -20.12 11.71
N GLU B 235 23.27 -20.28 10.44
CA GLU B 235 22.43 -19.72 9.40
C GLU B 235 21.96 -20.80 8.44
N ALA B 236 20.77 -20.58 7.90
CA ALA B 236 20.21 -21.40 6.84
C ALA B 236 20.07 -20.53 5.61
N ARG B 237 20.74 -20.91 4.53
CA ARG B 237 20.68 -20.19 3.27
C ARG B 237 19.64 -20.83 2.37
N PHE B 238 18.70 -20.03 1.90
CA PHE B 238 17.66 -20.47 0.98
C PHE B 238 17.95 -19.91 -0.40
N HIS B 239 17.91 -20.79 -1.40
CA HIS B 239 18.20 -20.41 -2.77
C HIS B 239 16.89 -20.21 -3.52
N LEU B 240 16.72 -19.02 -4.07
CA LEU B 240 15.54 -18.62 -4.83
C LEU B 240 15.94 -18.39 -6.27
N GLU B 241 15.06 -18.77 -7.20
CA GLU B 241 15.35 -18.60 -8.62
C GLU B 241 14.10 -18.08 -9.31
N ARG B 242 14.25 -16.96 -10.02
CA ARG B 242 13.10 -16.29 -10.60
C ARG B 242 12.63 -16.99 -11.87
N GLN B 243 11.33 -17.19 -11.96
CA GLN B 243 10.71 -17.65 -13.19
C GLN B 243 10.72 -16.53 -14.23
N MET B 244 11.00 -16.89 -15.49
CA MET B 244 11.26 -15.93 -16.53
C MET B 244 10.18 -15.93 -17.61
N GLY B 245 9.28 -16.92 -17.57
CA GLY B 245 8.43 -17.22 -18.73
C GLY B 245 7.44 -16.13 -19.08
N TYR B 246 7.08 -15.30 -18.11
CA TYR B 246 6.26 -14.13 -18.39
C TYR B 246 7.04 -13.11 -19.21
N TYR B 247 8.27 -12.85 -18.81
CA TYR B 247 9.08 -11.82 -19.45
C TYR B 247 9.57 -12.26 -20.82
N LEU B 248 9.50 -13.56 -21.13
CA LEU B 248 9.75 -14.01 -22.49
C LEU B 248 8.65 -13.53 -23.43
N ILE B 249 7.42 -13.98 -23.19
CA ILE B 249 6.37 -13.76 -24.16
C ILE B 249 5.64 -12.45 -23.92
N GLN B 250 6.13 -11.63 -23.00
CA GLN B 250 5.55 -10.30 -22.82
C GLN B 250 6.53 -9.17 -23.06
N MET B 251 7.84 -9.40 -22.87
CA MET B 251 8.84 -8.38 -23.11
C MET B 251 9.83 -8.75 -24.21
N TYR B 252 10.36 -9.98 -24.18
CA TYR B 252 11.44 -10.35 -25.09
C TYR B 252 10.94 -10.67 -26.49
N ILE B 253 9.93 -11.54 -26.58
CA ILE B 253 9.38 -11.92 -27.88
C ILE B 253 8.75 -10.76 -28.65
N PRO B 254 7.90 -9.88 -28.04
CA PRO B 254 7.37 -8.76 -28.84
C PRO B 254 8.43 -7.77 -29.30
N SER B 255 9.47 -7.54 -28.50
CA SER B 255 10.57 -6.69 -28.93
C SER B 255 11.34 -7.32 -30.09
N LEU B 256 11.54 -8.63 -30.04
CA LEU B 256 12.25 -9.31 -31.13
C LEU B 256 11.43 -9.28 -32.41
N LEU B 257 10.10 -9.40 -32.30
CA LEU B 257 9.23 -9.25 -33.46
C LEU B 257 9.26 -7.84 -34.03
N ILE B 258 9.38 -6.81 -33.17
CA ILE B 258 9.48 -5.45 -33.68
C ILE B 258 10.82 -5.23 -34.39
N VAL B 259 11.89 -5.87 -33.90
CA VAL B 259 13.18 -5.79 -34.58
C VAL B 259 13.11 -6.45 -35.96
N ILE B 260 12.37 -7.56 -36.06
CA ILE B 260 12.15 -8.19 -37.37
C ILE B 260 11.32 -7.27 -38.26
N LEU B 261 10.37 -6.52 -37.68
CA LEU B 261 9.61 -5.54 -38.45
C LEU B 261 10.47 -4.42 -38.99
N SER B 262 11.53 -4.04 -38.26
CA SER B 262 12.48 -3.09 -38.82
C SER B 262 13.36 -3.76 -39.86
N TRP B 263 13.53 -5.07 -39.78
CA TRP B 263 14.29 -5.77 -40.83
C TRP B 263 13.48 -5.89 -42.11
N VAL B 264 12.15 -5.78 -42.03
CA VAL B 264 11.30 -5.80 -43.21
C VAL B 264 11.58 -4.61 -44.12
N SER B 265 11.98 -3.47 -43.52
CA SER B 265 12.17 -2.21 -44.24
C SER B 265 13.34 -2.25 -45.21
N PHE B 266 14.15 -3.31 -45.21
CA PHE B 266 15.29 -3.39 -46.12
C PHE B 266 14.95 -4.06 -47.43
N TRP B 267 13.89 -4.87 -47.45
CA TRP B 267 13.42 -5.50 -48.69
C TRP B 267 12.34 -4.64 -49.35
N ILE B 268 12.60 -3.35 -49.50
CA ILE B 268 11.69 -2.39 -50.11
C ILE B 268 12.50 -1.53 -51.06
N ASN B 269 11.93 -1.24 -52.23
CA ASN B 269 12.58 -0.38 -53.21
C ASN B 269 12.79 1.02 -52.66
N MET B 270 13.94 1.61 -52.96
CA MET B 270 14.26 2.95 -52.49
C MET B 270 13.49 3.99 -53.29
N ASP B 271 13.56 5.24 -52.80
CA ASP B 271 12.81 6.41 -53.26
C ASP B 271 11.30 6.29 -53.08
N ALA B 272 10.84 5.21 -52.43
CA ALA B 272 9.46 5.08 -51.98
C ALA B 272 9.44 5.48 -50.50
N ALA B 273 9.41 6.81 -50.29
CA ALA B 273 9.60 7.36 -48.94
C ALA B 273 8.48 7.05 -47.96
N PRO B 274 7.19 7.38 -48.21
CA PRO B 274 6.21 7.28 -47.11
C PRO B 274 5.84 5.85 -46.73
N ALA B 275 6.19 4.87 -47.55
CA ALA B 275 5.98 3.47 -47.19
C ALA B 275 7.20 2.86 -46.50
N ARG B 276 8.26 3.64 -46.28
CA ARG B 276 9.46 3.11 -45.66
C ARG B 276 9.90 4.02 -44.52
N VAL B 277 9.59 5.31 -44.63
CA VAL B 277 9.78 6.21 -43.49
C VAL B 277 8.72 5.92 -42.43
N GLY B 278 7.45 5.76 -42.86
CA GLY B 278 6.38 5.52 -41.92
C GLY B 278 6.44 4.16 -41.25
N LEU B 279 6.92 3.16 -41.97
CA LEU B 279 7.18 1.85 -41.37
C LEU B 279 8.27 1.94 -40.31
N GLY B 280 9.41 2.54 -40.68
CA GLY B 280 10.54 2.64 -39.78
C GLY B 280 10.30 3.52 -38.57
N ILE B 281 9.42 4.52 -38.69
CA ILE B 281 9.13 5.34 -37.53
C ILE B 281 8.01 4.70 -36.71
N THR B 282 7.18 3.87 -37.34
CA THR B 282 6.13 3.19 -36.60
C THR B 282 6.71 2.05 -35.77
N THR B 283 7.80 1.43 -36.25
CA THR B 283 8.49 0.45 -35.43
C THR B 283 9.18 1.11 -34.24
N VAL B 284 9.66 2.35 -34.41
CA VAL B 284 10.21 3.11 -33.29
C VAL B 284 9.12 3.42 -32.27
N LEU B 285 7.93 3.79 -32.73
CA LEU B 285 6.87 4.15 -31.80
C LEU B 285 6.33 2.90 -31.10
N THR B 286 6.33 1.76 -31.79
CA THR B 286 5.85 0.53 -31.19
C THR B 286 6.88 -0.03 -30.21
N MET B 287 8.17 0.13 -30.50
CA MET B 287 9.21 -0.26 -29.54
C MET B 287 9.19 0.66 -28.33
N THR B 288 8.92 1.95 -28.52
CA THR B 288 8.84 2.89 -27.41
C THR B 288 7.62 2.60 -26.54
N THR B 289 6.49 2.24 -27.16
CA THR B 289 5.31 1.85 -26.42
C THR B 289 5.52 0.52 -25.69
N GLN B 290 6.31 -0.38 -26.28
CA GLN B 290 6.62 -1.64 -25.63
C GLN B 290 7.52 -1.43 -24.42
N SER B 291 8.51 -0.56 -24.53
CA SER B 291 9.46 -0.36 -23.44
C SER B 291 8.84 0.47 -22.32
N SER B 292 8.08 1.51 -22.67
CA SER B 292 7.48 2.35 -21.64
C SER B 292 6.27 1.67 -21.00
N GLY B 293 5.58 0.82 -21.76
CA GLY B 293 4.44 0.10 -21.22
C GLY B 293 4.83 -1.01 -20.26
N SER B 294 6.03 -1.57 -20.44
CA SER B 294 6.54 -2.63 -19.59
C SER B 294 7.30 -2.09 -18.38
N ARG B 295 7.27 -0.79 -18.16
CA ARG B 295 8.03 -0.14 -17.11
C ARG B 295 7.38 -0.27 -15.73
N ALA B 296 6.05 -0.20 -15.67
CA ALA B 296 5.36 -0.29 -14.39
C ALA B 296 5.33 -1.71 -13.82
N SER B 297 5.63 -2.72 -14.63
CA SER B 297 5.61 -4.09 -14.13
C SER B 297 6.96 -4.48 -13.53
N LEU B 298 8.05 -4.03 -14.13
CA LEU B 298 9.38 -4.34 -13.66
C LEU B 298 9.66 -3.58 -12.37
N PRO B 299 10.59 -4.08 -11.53
CA PRO B 299 10.83 -3.45 -10.22
C PRO B 299 11.43 -2.05 -10.32
N LYS B 300 11.43 -1.37 -9.17
CA LYS B 300 11.78 0.03 -9.10
C LYS B 300 13.24 0.24 -8.69
N VAL B 301 14.13 -0.65 -9.11
CA VAL B 301 15.55 -0.38 -8.94
C VAL B 301 15.98 0.72 -9.90
N SER B 302 16.98 1.49 -9.50
CA SER B 302 17.44 2.63 -10.30
C SER B 302 18.81 2.38 -10.92
N TYR B 303 19.08 1.14 -11.33
CA TYR B 303 20.33 0.83 -12.00
C TYR B 303 20.06 -0.12 -13.15
N VAL B 304 21.09 -0.31 -13.97
CA VAL B 304 20.94 -1.04 -15.21
C VAL B 304 20.80 -2.52 -14.93
N LYS B 305 19.68 -3.10 -15.32
CA LYS B 305 19.43 -4.53 -15.19
C LYS B 305 19.26 -5.14 -16.58
N ALA B 306 19.27 -6.47 -16.63
CA ALA B 306 19.52 -7.17 -17.88
C ALA B 306 18.35 -7.09 -18.86
N ILE B 307 17.17 -6.68 -18.43
CA ILE B 307 16.08 -6.45 -19.37
C ILE B 307 16.14 -5.04 -19.97
N ASP B 308 16.74 -4.09 -19.26
CA ASP B 308 16.92 -2.75 -19.78
C ASP B 308 17.98 -2.71 -20.88
N ILE B 309 18.94 -3.62 -20.84
CA ILE B 309 19.92 -3.73 -21.91
C ILE B 309 19.26 -4.30 -23.16
N TRP B 310 18.34 -5.26 -22.98
CA TRP B 310 17.59 -5.80 -24.12
C TRP B 310 16.69 -4.74 -24.75
N MET B 311 16.00 -3.95 -23.92
CA MET B 311 15.15 -2.90 -24.46
C MET B 311 15.96 -1.77 -25.08
N ALA B 312 17.16 -1.52 -24.54
CA ALA B 312 18.00 -0.45 -25.06
C ALA B 312 18.60 -0.83 -26.41
N VAL B 313 19.12 -2.04 -26.53
CA VAL B 313 19.73 -2.47 -27.78
C VAL B 313 18.66 -2.74 -28.84
N CYS B 314 17.53 -3.30 -28.43
CA CYS B 314 16.39 -3.43 -29.35
C CYS B 314 15.76 -2.10 -29.70
N LEU B 315 16.08 -1.02 -28.97
CA LEU B 315 15.74 0.31 -29.46
C LEU B 315 16.81 0.84 -30.40
N LEU B 316 18.08 0.49 -30.17
CA LEU B 316 19.15 1.02 -31.02
C LEU B 316 19.14 0.38 -32.40
N PHE B 317 18.62 -0.84 -32.54
CA PHE B 317 18.55 -1.43 -33.86
C PHE B 317 17.38 -0.88 -34.66
N VAL B 318 16.24 -0.68 -33.99
CA VAL B 318 15.06 -0.12 -34.66
C VAL B 318 15.31 1.32 -35.06
N PHE B 319 15.96 2.09 -34.18
CA PHE B 319 16.46 3.42 -34.53
C PHE B 319 17.52 3.35 -35.63
N SER B 320 18.36 2.31 -35.60
CA SER B 320 19.44 2.21 -36.57
C SER B 320 18.93 1.90 -37.97
N ALA B 321 17.73 1.31 -38.08
CA ALA B 321 17.15 1.07 -39.39
C ALA B 321 16.75 2.39 -40.07
N LEU B 322 16.05 3.26 -39.33
CA LEU B 322 15.62 4.52 -39.92
C LEU B 322 16.80 5.47 -40.10
N LEU B 323 17.81 5.37 -39.23
CA LEU B 323 19.02 6.15 -39.44
C LEU B 323 19.76 5.65 -40.68
N GLU B 324 19.68 4.34 -40.93
CA GLU B 324 20.29 3.77 -42.13
C GLU B 324 19.60 4.28 -43.38
N TYR B 325 18.26 4.27 -43.40
CA TYR B 325 17.55 4.83 -44.56
C TYR B 325 17.71 6.35 -44.63
N ALA B 326 17.95 7.00 -43.50
CA ALA B 326 18.24 8.43 -43.51
C ALA B 326 19.59 8.71 -44.15
N ALA B 327 20.50 7.74 -44.12
CA ALA B 327 21.69 7.85 -44.94
C ALA B 327 21.41 7.51 -46.40
N VAL B 328 20.65 6.43 -46.65
CA VAL B 328 20.46 5.91 -48.01
C VAL B 328 19.72 6.90 -48.89
N ASN B 329 18.71 7.58 -48.34
CA ASN B 329 17.91 8.52 -49.11
C ASN B 329 18.73 9.74 -49.50
N PHE B 330 19.68 10.14 -48.66
CA PHE B 330 20.55 11.27 -48.99
C PHE B 330 21.65 10.86 -49.97
N ILE B 331 22.10 9.60 -49.92
CA ILE B 331 23.07 9.12 -50.91
C ILE B 331 22.43 9.02 -52.29
N ALA B 332 21.23 8.44 -52.36
CA ALA B 332 20.57 8.25 -53.64
C ALA B 332 19.75 9.47 -54.05
N ARG B 333 19.71 10.49 -53.21
CA ARG B 333 18.86 11.65 -53.50
C ARG B 333 19.56 12.61 -54.48
N ALA B 334 20.89 12.60 -54.51
CA ALA B 334 21.62 13.50 -55.40
C ALA B 334 21.44 13.11 -56.87
N GLY B 335 21.71 11.85 -57.20
CA GLY B 335 21.45 11.35 -58.53
C GLY B 335 22.69 11.04 -59.33
N THR B 336 23.06 9.76 -59.35
CA THR B 336 24.19 9.19 -60.09
C THR B 336 24.12 7.67 -59.97
N LYS B 337 24.59 7.03 -61.05
CA LYS B 337 24.61 5.58 -61.27
C LYS B 337 25.43 4.98 -60.15
N LEU B 338 26.48 5.71 -59.78
CA LEU B 338 27.31 5.36 -58.63
C LEU B 338 26.41 5.50 -57.39
N PHE B 339 25.60 6.57 -57.38
CA PHE B 339 24.63 6.80 -56.33
C PHE B 339 23.62 5.65 -56.30
N ILE B 340 23.14 5.13 -57.44
CA ILE B 340 22.22 4.03 -57.24
C ILE B 340 22.98 2.75 -56.91
N SER B 341 24.17 2.59 -57.47
CA SER B 341 25.02 1.46 -57.10
C SER B 341 25.51 1.59 -55.66
N ARG B 342 25.78 2.82 -55.22
CA ARG B 342 26.19 3.04 -53.84
C ARG B 342 25.01 2.84 -52.89
N ALA B 343 23.81 3.25 -53.32
CA ALA B 343 22.62 3.07 -52.49
C ALA B 343 22.23 1.60 -52.37
N LYS B 344 22.28 0.92 -53.51
CA LYS B 344 21.97 -0.49 -53.62
C LYS B 344 22.99 -1.28 -52.82
N ARG B 345 24.25 -0.87 -52.89
CA ARG B 345 25.30 -1.54 -52.15
C ARG B 345 25.08 -1.44 -50.64
N ILE B 346 24.67 -0.25 -50.19
CA ILE B 346 24.43 -0.03 -48.76
C ILE B 346 23.28 -0.92 -48.27
N ASP B 347 22.23 -0.99 -49.08
CA ASP B 347 21.08 -1.83 -48.76
C ASP B 347 21.49 -3.30 -48.75
N THR B 348 22.33 -3.65 -49.71
CA THR B 348 22.82 -5.01 -49.86
C THR B 348 23.63 -5.40 -48.65
N VAL B 349 24.45 -4.47 -48.14
CA VAL B 349 25.21 -4.80 -46.95
C VAL B 349 24.31 -4.83 -45.72
N SER B 350 23.44 -3.84 -45.60
CA SER B 350 22.53 -3.72 -44.46
C SER B 350 21.50 -4.84 -44.30
N ARG B 351 21.02 -5.37 -45.40
CA ARG B 351 20.03 -6.43 -45.40
C ARG B 351 20.49 -7.71 -44.76
N VAL B 352 21.76 -7.99 -44.98
CA VAL B 352 22.52 -9.10 -44.40
C VAL B 352 23.16 -8.80 -43.04
N ALA B 353 23.70 -7.60 -42.92
CA ALA B 353 24.44 -7.14 -41.73
C ALA B 353 23.75 -7.00 -40.37
N PHE B 354 22.53 -6.46 -40.33
CA PHE B 354 21.88 -6.24 -39.04
C PHE B 354 21.34 -7.50 -38.37
N PRO B 355 20.83 -8.54 -39.06
CA PRO B 355 20.60 -9.81 -38.35
C PRO B 355 21.87 -10.50 -37.86
N LEU B 356 23.02 -10.25 -38.48
CA LEU B 356 24.26 -10.78 -37.95
C LEU B 356 24.66 -10.08 -36.65
N VAL B 357 24.48 -8.75 -36.60
CA VAL B 357 24.81 -8.00 -35.39
C VAL B 357 23.85 -8.36 -34.27
N PHE B 358 22.56 -8.50 -34.60
CA PHE B 358 21.58 -8.93 -33.60
C PHE B 358 21.78 -10.38 -33.21
N LEU B 359 22.42 -11.18 -34.07
CA LEU B 359 22.73 -12.56 -33.69
C LEU B 359 23.95 -12.63 -32.78
N ILE B 360 24.95 -11.77 -33.00
CA ILE B 360 26.11 -11.73 -32.12
C ILE B 360 25.71 -11.21 -30.74
N PHE B 361 24.92 -10.12 -30.72
CA PHE B 361 24.39 -9.64 -29.45
C PHE B 361 23.46 -10.65 -28.81
N ASN B 362 22.71 -11.39 -29.62
CA ASN B 362 21.76 -12.35 -29.10
C ASN B 362 22.46 -13.58 -28.52
N ILE B 363 23.66 -13.91 -29.00
CA ILE B 363 24.43 -14.98 -28.39
C ILE B 363 25.12 -14.50 -27.11
N PHE B 364 25.78 -13.34 -27.19
CA PHE B 364 26.53 -12.78 -26.06
C PHE B 364 25.61 -12.45 -24.89
N TYR B 365 24.37 -12.05 -25.18
CA TYR B 365 23.41 -11.70 -24.16
C TYR B 365 23.00 -12.91 -23.33
N TRP B 366 22.52 -13.97 -24.00
CA TRP B 366 22.00 -15.11 -23.27
C TRP B 366 23.10 -15.96 -22.66
N ILE B 367 24.30 -15.97 -23.25
CA ILE B 367 25.41 -16.61 -22.55
C ILE B 367 25.77 -15.81 -21.30
N THR B 368 25.84 -14.48 -21.44
CA THR B 368 26.34 -13.62 -20.36
C THR B 368 25.39 -13.63 -19.17
N TYR B 369 24.08 -13.52 -19.41
CA TYR B 369 23.16 -13.43 -18.28
C TYR B 369 22.52 -14.76 -17.96
N LYS B 370 22.46 -15.68 -18.91
CA LYS B 370 21.77 -16.94 -18.67
C LYS B 370 22.72 -18.09 -18.35
N LEU B 371 23.89 -18.15 -19.01
CA LEU B 371 24.74 -19.33 -18.88
C LEU B 371 25.50 -19.34 -17.55
N VAL B 372 26.14 -18.23 -17.19
CA VAL B 372 26.95 -18.16 -15.99
C VAL B 372 26.07 -18.12 -14.74
N PRO C 33 23.42 -17.43 44.57
CA PRO C 33 24.60 -16.60 44.84
C PRO C 33 24.98 -15.58 43.73
N PRO C 34 24.81 -15.88 42.41
CA PRO C 34 24.95 -14.78 41.45
C PRO C 34 23.85 -13.74 41.51
N SER C 35 22.59 -14.15 41.37
CA SER C 35 21.52 -13.19 41.16
C SER C 35 20.95 -12.63 42.46
N GLU C 36 21.28 -13.22 43.61
CA GLU C 36 20.83 -12.68 44.88
C GLU C 36 21.76 -11.62 45.43
N PHE C 37 22.74 -11.18 44.65
CA PHE C 37 23.59 -10.06 44.98
C PHE C 37 23.11 -8.76 44.38
N LEU C 38 22.44 -8.80 43.23
CA LEU C 38 21.82 -7.60 42.67
C LEU C 38 20.60 -7.19 43.47
N ASP C 39 19.91 -8.13 44.12
CA ASP C 39 18.82 -7.75 45.00
C ASP C 39 19.36 -7.14 46.29
N LYS C 40 20.58 -7.53 46.67
CA LYS C 40 21.25 -6.91 47.80
C LYS C 40 21.72 -5.50 47.47
N LEU C 41 22.03 -5.24 46.19
CA LEU C 41 22.63 -3.98 45.77
C LEU C 41 21.61 -2.96 45.26
N MET C 42 20.47 -3.41 44.73
CA MET C 42 19.47 -2.47 44.21
C MET C 42 18.09 -2.68 44.82
N GLY C 43 17.97 -3.43 45.91
CA GLY C 43 16.69 -3.76 46.47
C GLY C 43 16.18 -2.73 47.46
N LYS C 44 15.28 -3.18 48.33
CA LYS C 44 14.74 -2.31 49.37
C LYS C 44 15.74 -2.11 50.50
N VAL C 45 16.73 -3.01 50.60
CA VAL C 45 17.73 -2.91 51.65
C VAL C 45 18.67 -1.73 51.38
N SER C 46 19.37 -1.79 50.25
CA SER C 46 20.25 -0.69 49.87
C SER C 46 19.44 0.50 49.38
N GLY C 47 20.02 1.68 49.50
CA GLY C 47 19.31 2.90 49.21
C GLY C 47 19.44 3.37 47.77
N TYR C 48 19.46 2.44 46.83
CA TYR C 48 19.51 2.81 45.43
C TYR C 48 18.13 3.30 44.99
N ASP C 49 18.09 4.46 44.36
CA ASP C 49 16.86 5.02 43.85
C ASP C 49 16.94 5.00 42.33
N ALA C 50 15.93 4.40 41.69
CA ALA C 50 16.00 4.13 40.26
C ALA C 50 15.81 5.38 39.44
N ARG C 51 15.10 6.37 39.95
CA ARG C 51 14.82 7.60 39.21
C ARG C 51 15.63 8.79 39.71
N ILE C 52 16.78 8.54 40.32
CA ILE C 52 17.74 9.59 40.65
C ILE C 52 19.03 9.28 39.91
N ARG C 53 19.55 10.27 39.17
CA ARG C 53 20.71 10.06 38.32
C ARG C 53 21.97 9.84 39.16
N PRO C 54 22.99 9.18 38.59
CA PRO C 54 24.28 9.08 39.28
C PRO C 54 24.92 10.45 39.40
N ASN C 55 25.75 10.60 40.43
CA ASN C 55 26.41 11.86 40.78
C ASN C 55 25.40 13.00 40.88
N PHE C 56 24.33 12.76 41.64
CA PHE C 56 23.23 13.70 41.72
C PHE C 56 23.66 14.96 42.45
N LYS C 57 23.23 16.10 41.91
CA LYS C 57 23.72 17.44 42.27
C LYS C 57 25.24 17.53 42.19
N GLY C 58 25.80 16.94 41.14
CA GLY C 58 27.22 16.96 40.91
C GLY C 58 27.55 17.12 39.45
N PRO C 59 28.60 16.44 38.98
CA PRO C 59 28.97 16.50 37.57
C PRO C 59 27.94 15.80 36.70
N PRO C 60 27.77 16.25 35.46
CA PRO C 60 26.87 15.54 34.54
C PRO C 60 27.47 14.21 34.12
N VAL C 61 26.63 13.18 34.12
CA VAL C 61 27.09 11.82 33.77
C VAL C 61 27.39 11.76 32.28
N ASN C 62 28.51 11.12 31.95
CA ASN C 62 28.90 11.03 30.55
C ASN C 62 28.29 9.76 29.98
N VAL C 63 27.72 9.84 28.78
CA VAL C 63 27.18 8.65 28.13
C VAL C 63 27.94 8.46 26.83
N THR C 64 28.78 7.44 26.78
CA THR C 64 29.51 7.06 25.58
C THR C 64 28.65 6.05 24.84
N CYS C 65 28.02 6.49 23.76
CA CYS C 65 27.06 5.68 23.03
C CYS C 65 27.47 5.53 21.58
N ASN C 66 27.24 4.34 21.03
CA ASN C 66 27.58 4.01 19.67
C ASN C 66 26.52 3.11 19.06
N ILE C 67 26.45 3.13 17.73
CA ILE C 67 25.34 2.59 16.96
C ILE C 67 25.88 1.60 15.94
N PHE C 68 25.29 0.41 15.89
CA PHE C 68 25.57 -0.55 14.84
C PHE C 68 24.30 -0.73 14.02
N ILE C 69 24.42 -0.60 12.70
CA ILE C 69 23.28 -0.67 11.80
C ILE C 69 23.22 -2.07 11.19
N ASN C 70 22.12 -2.76 11.42
CA ASN C 70 21.87 -4.07 10.85
C ASN C 70 21.23 -3.94 9.48
N SER C 71 20.07 -3.32 9.43
CA SER C 71 19.32 -3.08 8.20
C SER C 71 19.16 -1.58 8.02
N PHE C 72 19.03 -1.17 6.76
CA PHE C 72 18.94 0.25 6.48
C PHE C 72 18.12 0.43 5.21
N GLY C 73 17.11 1.28 5.29
CA GLY C 73 16.50 1.80 4.09
C GLY C 73 15.17 1.22 3.68
N SER C 74 14.11 1.95 4.01
CA SER C 74 12.84 1.81 3.33
C SER C 74 12.50 3.21 2.87
N ILE C 75 13.47 3.83 2.22
CA ILE C 75 13.52 5.24 1.87
C ILE C 75 12.37 5.63 0.96
N ALA C 76 11.50 6.51 1.45
CA ALA C 76 10.30 6.89 0.74
C ALA C 76 10.21 8.41 0.67
N GLU C 77 9.95 8.94 -0.52
CA GLU C 77 9.68 10.36 -0.69
C GLU C 77 8.23 10.69 -0.45
N THR C 78 7.35 9.69 -0.34
CA THR C 78 5.95 9.96 -0.05
C THR C 78 5.77 10.46 1.37
N THR C 79 6.43 9.82 2.32
CA THR C 79 6.34 10.20 3.72
C THR C 79 7.60 10.87 4.25
N MET C 80 8.64 11.01 3.42
CA MET C 80 9.89 11.71 3.72
C MET C 80 10.59 11.12 4.96
N ASP C 81 10.84 9.81 4.89
CA ASP C 81 11.44 9.11 6.02
C ASP C 81 12.14 7.84 5.51
N TYR C 82 12.81 7.16 6.42
CA TYR C 82 13.48 5.90 6.14
C TYR C 82 13.39 5.03 7.38
N ARG C 83 13.84 3.80 7.27
N ARG C 83 13.83 3.79 7.26
CA ARG C 83 13.85 2.86 8.38
CA ARG C 83 13.81 2.83 8.36
C ARG C 83 15.25 2.32 8.60
C ARG C 83 15.20 2.24 8.61
N VAL C 84 15.57 2.09 9.87
CA VAL C 84 16.88 1.55 10.23
C VAL C 84 16.73 0.69 11.48
N ASN C 85 17.37 -0.47 11.47
CA ASN C 85 17.35 -1.40 12.58
C ASN C 85 18.73 -1.37 13.22
N ILE C 86 18.81 -0.91 14.47
CA ILE C 86 20.10 -0.66 15.08
C ILE C 86 20.26 -1.45 16.37
N PHE C 87 21.51 -1.76 16.70
CA PHE C 87 21.96 -1.96 18.06
C PHE C 87 22.43 -0.62 18.61
N LEU C 88 21.78 -0.13 19.65
CA LEU C 88 22.20 1.06 20.37
C LEU C 88 22.89 0.62 21.65
N ARG C 89 24.19 0.87 21.76
CA ARG C 89 24.91 0.61 22.99
C ARG C 89 25.25 1.93 23.63
N GLN C 90 24.98 2.07 24.92
CA GLN C 90 25.29 3.28 25.64
C GLN C 90 25.87 2.93 27.00
N GLN C 91 26.98 3.58 27.34
CA GLN C 91 27.79 3.25 28.50
C GLN C 91 27.86 4.48 29.40
N TRP C 92 27.68 4.29 30.71
CA TRP C 92 27.85 5.39 31.64
C TRP C 92 28.43 4.86 32.94
N ASN C 93 28.62 5.74 33.91
CA ASN C 93 29.17 5.38 35.20
C ASN C 93 28.12 5.62 36.27
N ASP C 94 27.91 4.63 37.13
CA ASP C 94 26.99 4.75 38.26
C ASP C 94 27.78 4.37 39.50
N PRO C 95 28.26 5.34 40.28
CA PRO C 95 29.19 5.01 41.38
C PRO C 95 28.56 4.25 42.53
N ARG C 96 27.25 4.31 42.67
CA ARG C 96 26.55 3.55 43.70
C ARG C 96 26.14 2.16 43.24
N LEU C 97 26.82 1.64 42.22
CA LEU C 97 26.71 0.24 41.84
C LEU C 97 28.04 -0.48 41.87
N ALA C 98 29.09 0.17 42.35
CA ALA C 98 30.38 -0.50 42.50
C ALA C 98 30.33 -1.52 43.63
N TYR C 99 31.14 -2.57 43.49
CA TYR C 99 31.12 -3.66 44.45
C TYR C 99 32.49 -4.31 44.46
N SER C 100 32.74 -5.08 45.51
CA SER C 100 33.96 -5.88 45.59
C SER C 100 33.74 -7.29 46.11
N GLU C 101 32.62 -7.60 46.73
CA GLU C 101 32.40 -8.92 47.31
C GLU C 101 31.61 -9.81 46.34
N TYR C 102 32.22 -10.05 45.18
CA TYR C 102 31.70 -10.97 44.17
C TYR C 102 32.86 -11.28 43.25
N PRO C 103 33.06 -12.54 42.83
CA PRO C 103 34.38 -12.95 42.29
C PRO C 103 34.75 -12.35 40.93
N ASP C 104 33.83 -12.25 39.98
CA ASP C 104 34.18 -11.84 38.63
C ASP C 104 34.00 -10.34 38.45
N ASP C 105 34.42 -9.85 37.28
CA ASP C 105 34.35 -8.43 37.01
C ASP C 105 32.93 -8.01 36.62
N SER C 106 32.40 -8.59 35.55
CA SER C 106 31.12 -8.17 34.99
C SER C 106 29.98 -8.95 35.62
N LEU C 107 28.91 -8.24 35.96
CA LEU C 107 27.71 -8.82 36.55
C LEU C 107 26.51 -8.28 35.77
N ASP C 108 25.85 -9.16 35.01
CA ASP C 108 24.77 -8.75 34.13
C ASP C 108 23.44 -8.68 34.87
N LEU C 109 22.54 -7.86 34.33
CA LEU C 109 21.20 -7.67 34.89
C LEU C 109 20.16 -8.18 33.91
N ASP C 110 19.13 -8.83 34.46
CA ASP C 110 18.05 -9.43 33.70
C ASP C 110 17.19 -8.34 33.07
N PRO C 111 16.72 -8.55 31.83
CA PRO C 111 15.90 -7.53 31.16
C PRO C 111 14.53 -7.31 31.78
N SER C 112 14.06 -8.19 32.66
CA SER C 112 12.82 -7.94 33.37
C SER C 112 13.00 -6.98 34.54
N MET C 113 14.24 -6.71 34.94
CA MET C 113 14.53 -5.90 36.11
C MET C 113 15.09 -4.52 35.74
N LEU C 114 14.91 -4.09 34.49
CA LEU C 114 15.53 -2.86 34.03
C LEU C 114 14.84 -1.61 34.57
N ASP C 115 13.66 -1.76 35.16
CA ASP C 115 13.05 -0.65 35.88
C ASP C 115 13.70 -0.42 37.24
N SER C 116 14.58 -1.32 37.68
CA SER C 116 15.23 -1.19 38.98
C SER C 116 16.53 -0.40 38.93
N ILE C 117 16.93 0.08 37.76
CA ILE C 117 18.20 0.77 37.57
C ILE C 117 17.94 2.08 36.84
N TRP C 118 18.79 3.08 37.08
CA TRP C 118 18.73 4.32 36.33
C TRP C 118 19.16 4.07 34.89
N LYS C 119 18.44 4.67 33.95
CA LYS C 119 18.81 4.66 32.55
C LYS C 119 18.66 6.08 32.03
N PRO C 120 19.45 6.47 31.04
CA PRO C 120 19.27 7.80 30.43
C PRO C 120 17.95 7.87 29.67
N ASP C 121 17.37 9.06 29.65
CA ASP C 121 16.13 9.31 28.90
C ASP C 121 16.42 9.73 27.46
N LEU C 122 17.25 8.93 26.80
CA LEU C 122 17.58 9.16 25.40
C LEU C 122 16.37 8.89 24.53
N PHE C 123 16.12 9.78 23.57
CA PHE C 123 15.14 9.50 22.53
C PHE C 123 15.73 10.00 21.23
N PHE C 124 15.05 9.71 20.13
CA PHE C 124 15.53 10.10 18.82
C PHE C 124 14.68 11.26 18.32
N ALA C 125 15.32 12.39 18.05
CA ALA C 125 14.58 13.63 17.84
C ALA C 125 13.90 13.69 16.49
N ASN C 126 14.19 12.78 15.58
CA ASN C 126 13.55 12.78 14.27
C ASN C 126 12.87 11.47 13.94
N GLU C 127 12.41 10.74 14.95
CA GLU C 127 11.71 9.49 14.70
C GLU C 127 10.24 9.74 14.45
N LYS C 128 9.64 8.87 13.65
CA LYS C 128 8.22 8.93 13.34
C LYS C 128 7.48 7.71 13.86
N GLY C 129 8.14 6.92 14.69
CA GLY C 129 7.63 5.65 15.15
C GLY C 129 8.78 4.68 15.23
N ALA C 130 8.82 3.92 16.31
CA ALA C 130 9.95 3.06 16.60
C ALA C 130 9.53 2.03 17.63
N ASN C 131 10.19 0.87 17.62
CA ASN C 131 9.84 -0.15 18.59
C ASN C 131 11.04 -0.99 18.98
N PHE C 132 10.86 -1.75 20.06
CA PHE C 132 11.84 -2.71 20.54
C PHE C 132 11.68 -4.03 19.82
N HIS C 133 12.42 -5.04 20.27
CA HIS C 133 12.30 -6.41 19.79
C HIS C 133 12.27 -7.34 20.99
N GLU C 134 11.39 -8.34 20.94
CA GLU C 134 11.14 -9.17 22.11
C GLU C 134 11.04 -10.64 21.75
N VAL C 135 11.49 -11.03 20.57
CA VAL C 135 11.24 -12.36 20.04
C VAL C 135 12.25 -13.35 20.64
N THR C 136 11.71 -14.37 21.32
CA THR C 136 12.30 -15.54 21.98
C THR C 136 12.96 -15.14 23.31
N THR C 137 13.21 -13.84 23.49
CA THR C 137 13.74 -13.18 24.68
C THR C 137 13.68 -11.70 24.35
N ASP C 138 13.40 -10.84 25.33
CA ASP C 138 13.51 -9.41 25.13
C ASP C 138 14.94 -9.02 24.79
N ASN C 139 15.13 -8.41 23.62
CA ASN C 139 16.46 -8.10 23.12
C ASN C 139 17.07 -6.88 23.78
N LYS C 140 17.31 -6.96 25.08
CA LYS C 140 17.97 -5.91 25.83
C LYS C 140 19.11 -6.54 26.61
N LEU C 141 20.09 -5.71 26.99
CA LEU C 141 21.28 -6.22 27.64
C LEU C 141 21.81 -5.12 28.54
N LEU C 142 22.00 -5.42 29.82
CA LEU C 142 22.66 -4.49 30.73
C LEU C 142 23.69 -5.26 31.54
N ARG C 143 24.84 -4.62 31.74
CA ARG C 143 26.00 -5.27 32.35
C ARG C 143 26.69 -4.27 33.26
N ILE C 144 26.73 -4.56 34.55
CA ILE C 144 27.37 -3.70 35.52
C ILE C 144 28.76 -4.23 35.82
N SER C 145 29.78 -3.39 35.65
CA SER C 145 31.14 -3.80 35.89
C SER C 145 31.47 -3.69 37.38
N LYS C 146 32.65 -4.19 37.74
CA LYS C 146 33.14 -4.07 39.10
C LYS C 146 33.50 -2.62 39.41
N ASN C 147 33.90 -1.87 38.39
CA ASN C 147 34.21 -0.45 38.50
C ASN C 147 32.97 0.37 38.84
N GLY C 148 31.79 -0.10 38.47
CA GLY C 148 30.61 0.72 38.53
C GLY C 148 30.15 1.21 37.17
N ASN C 149 30.79 0.77 36.10
CA ASN C 149 30.41 1.13 34.75
C ASN C 149 29.23 0.27 34.31
N VAL C 150 28.29 0.88 33.60
CA VAL C 150 27.10 0.21 33.11
C VAL C 150 27.13 0.26 31.60
N LEU C 151 26.97 -0.91 30.98
CA LEU C 151 26.87 -1.06 29.53
C LEU C 151 25.44 -1.50 29.23
N TYR C 152 24.76 -0.76 28.36
CA TYR C 152 23.36 -1.01 28.05
C TYR C 152 23.16 -1.04 26.54
N SER C 153 22.95 -2.23 25.99
CA SER C 153 22.81 -2.45 24.56
C SER C 153 21.42 -2.96 24.26
N ILE C 154 20.73 -2.29 23.33
CA ILE C 154 19.38 -2.67 22.90
C ILE C 154 19.37 -2.78 21.39
N ARG C 155 18.28 -3.33 20.87
CA ARG C 155 18.10 -3.52 19.43
C ARG C 155 16.71 -3.01 19.06
N ILE C 156 16.66 -1.89 18.35
CA ILE C 156 15.41 -1.20 18.07
C ILE C 156 15.27 -0.92 16.59
N THR C 157 14.02 -0.84 16.14
CA THR C 157 13.69 -0.54 14.76
C THR C 157 13.09 0.86 14.69
N LEU C 158 13.54 1.65 13.72
CA LEU C 158 13.34 3.08 13.70
C LEU C 158 12.73 3.50 12.37
N VAL C 159 11.76 4.40 12.43
CA VAL C 159 11.32 5.13 11.26
C VAL C 159 11.72 6.58 11.47
N LEU C 160 12.83 6.97 10.86
CA LEU C 160 13.42 8.29 11.08
C LEU C 160 13.09 9.22 9.93
N ALA C 161 12.73 10.45 10.27
CA ALA C 161 12.35 11.46 9.29
C ALA C 161 13.59 12.15 8.75
N CYS C 162 13.74 12.15 7.43
CA CYS C 162 14.70 13.03 6.78
C CYS C 162 14.01 13.75 5.63
N PRO C 163 13.99 15.08 5.63
CA PRO C 163 13.39 15.81 4.52
C PRO C 163 14.28 15.75 3.29
N MET C 164 13.65 15.66 2.13
CA MET C 164 14.36 15.46 0.88
C MET C 164 14.05 16.60 -0.08
N ASP C 165 15.05 16.95 -0.89
CA ASP C 165 14.89 17.96 -1.94
C ASP C 165 15.21 17.26 -3.26
N LEU C 166 14.17 16.90 -4.01
CA LEU C 166 14.33 16.18 -5.26
C LEU C 166 14.44 17.11 -6.46
N LYS C 167 14.98 18.30 -6.26
CA LYS C 167 15.11 19.27 -7.35
C LYS C 167 16.14 18.80 -8.37
N ASN C 168 17.12 18.02 -7.95
CA ASN C 168 18.19 17.54 -8.82
C ASN C 168 17.99 16.10 -9.25
N PHE C 169 16.74 15.62 -9.28
CA PHE C 169 16.46 14.22 -9.60
C PHE C 169 16.78 13.94 -11.06
N PRO C 170 17.44 12.81 -11.38
CA PRO C 170 17.96 11.72 -10.54
C PRO C 170 19.34 11.95 -9.93
N MET C 171 20.08 12.96 -10.39
CA MET C 171 21.47 13.13 -9.97
C MET C 171 21.56 13.99 -8.70
N ASP C 172 20.80 13.56 -7.70
CA ASP C 172 20.71 14.27 -6.43
C ASP C 172 21.42 13.51 -5.33
N VAL C 173 21.88 14.26 -4.33
CA VAL C 173 22.56 13.70 -3.15
C VAL C 173 21.73 14.06 -1.94
N GLN C 174 21.33 13.04 -1.18
CA GLN C 174 20.53 13.22 0.02
C GLN C 174 21.42 13.09 1.25
N THR C 175 20.99 13.70 2.34
CA THR C 175 21.71 13.65 3.62
C THR C 175 20.67 13.39 4.69
N CYS C 176 20.55 12.13 5.09
CA CYS C 176 19.57 11.75 6.10
C CYS C 176 20.29 11.56 7.44
N ILE C 177 19.77 12.21 8.47
CA ILE C 177 20.51 12.35 9.73
C ILE C 177 19.88 11.47 10.79
N MET C 178 20.49 11.45 11.97
CA MET C 178 20.04 10.57 13.04
C MET C 178 20.45 11.20 14.36
N GLN C 179 19.50 11.76 15.07
CA GLN C 179 19.77 12.58 16.26
C GLN C 179 19.46 11.80 17.53
N LEU C 180 20.30 11.97 18.54
CA LEU C 180 20.19 11.28 19.82
C LEU C 180 20.12 12.35 20.91
N GLU C 181 18.95 12.53 21.50
CA GLU C 181 18.72 13.67 22.38
C GLU C 181 18.21 13.23 23.74
N SER C 182 18.69 13.88 24.79
CA SER C 182 18.11 13.73 26.11
C SER C 182 16.74 14.38 26.17
N PHE C 183 15.84 13.77 26.93
CA PHE C 183 14.44 14.21 26.93
C PHE C 183 14.12 15.15 28.07
N GLY C 184 14.65 14.92 29.27
CA GLY C 184 14.27 15.73 30.41
C GLY C 184 15.42 16.24 31.23
N TYR C 185 16.62 15.73 30.99
CA TYR C 185 17.82 16.18 31.68
C TYR C 185 18.56 17.17 30.80
N THR C 186 18.93 18.32 31.37
CA THR C 186 19.71 19.29 30.62
C THR C 186 21.18 18.87 30.59
N MET C 187 22.00 19.73 30.00
CA MET C 187 23.41 19.40 29.89
C MET C 187 24.15 19.57 31.21
N ASN C 188 23.55 20.24 32.19
CA ASN C 188 24.06 20.24 33.55
C ASN C 188 23.82 18.93 34.29
N ASP C 189 23.10 17.99 33.70
CA ASP C 189 22.80 16.70 34.31
C ASP C 189 23.25 15.52 33.46
N LEU C 190 23.13 15.62 32.15
CA LEU C 190 23.38 14.51 31.23
C LEU C 190 24.04 15.03 29.98
N ILE C 191 25.12 14.38 29.54
CA ILE C 191 25.86 14.78 28.35
C ILE C 191 26.05 13.56 27.46
N PHE C 192 25.54 13.63 26.23
CA PHE C 192 25.74 12.58 25.24
C PHE C 192 26.93 12.93 24.37
N GLU C 193 27.70 11.90 24.01
CA GLU C 193 28.83 12.05 23.11
C GLU C 193 29.10 10.71 22.46
N TRP C 194 29.72 10.75 21.28
CA TRP C 194 29.95 9.52 20.55
C TRP C 194 31.13 8.76 21.13
N ASP C 195 31.24 7.49 20.74
CA ASP C 195 32.40 6.71 21.10
C ASP C 195 33.58 7.15 20.24
N GLU C 196 34.79 7.02 20.79
CA GLU C 196 35.96 7.57 20.11
C GLU C 196 36.40 6.69 18.96
N LYS C 197 36.53 5.38 19.20
CA LYS C 197 37.07 4.45 18.22
C LYS C 197 36.18 4.32 16.98
N GLY C 198 34.99 3.76 17.14
CA GLY C 198 34.03 3.78 16.07
C GLY C 198 32.64 3.99 16.59
N ALA C 199 32.00 5.08 16.19
CA ALA C 199 30.67 5.37 16.71
C ALA C 199 29.60 4.64 15.90
N VAL C 200 29.46 4.98 14.63
CA VAL C 200 28.46 4.36 13.78
C VAL C 200 29.15 3.32 12.90
N GLN C 201 28.60 2.12 12.87
CA GLN C 201 29.07 1.08 11.99
C GLN C 201 27.88 0.56 11.20
N VAL C 202 28.14 0.06 10.00
CA VAL C 202 27.11 -0.48 9.13
C VAL C 202 27.51 -1.88 8.75
N ALA C 203 26.58 -2.84 8.92
CA ALA C 203 26.84 -4.21 8.56
C ALA C 203 27.04 -4.34 7.05
N ASP C 204 28.13 -4.98 6.66
CA ASP C 204 28.48 -5.05 5.26
C ASP C 204 27.55 -5.99 4.50
N GLY C 205 27.35 -5.67 3.23
CA GLY C 205 26.47 -6.45 2.38
C GLY C 205 25.10 -5.88 2.15
N LEU C 206 24.82 -4.67 2.66
CA LEU C 206 23.51 -4.06 2.47
C LEU C 206 23.38 -3.47 1.08
N THR C 207 22.16 -3.45 0.57
CA THR C 207 21.89 -2.96 -0.77
C THR C 207 20.57 -2.19 -0.77
N LEU C 208 20.61 -0.97 -1.31
CA LEU C 208 19.45 -0.14 -1.49
C LEU C 208 18.99 -0.20 -2.94
N PRO C 209 17.67 -0.17 -3.20
CA PRO C 209 17.21 -0.22 -4.59
C PRO C 209 17.43 1.08 -5.34
N GLN C 210 17.49 2.21 -4.64
CA GLN C 210 17.66 3.52 -5.26
C GLN C 210 19.02 4.13 -5.00
N PHE C 211 19.47 4.14 -3.76
CA PHE C 211 20.61 4.93 -3.34
C PHE C 211 21.84 4.07 -3.15
N ILE C 212 22.95 4.73 -2.82
CA ILE C 212 24.17 4.08 -2.36
C ILE C 212 24.54 4.74 -1.05
N LEU C 213 24.57 3.96 0.02
CA LEU C 213 24.99 4.49 1.32
C LEU C 213 26.50 4.71 1.29
N LYS C 214 26.91 5.96 1.37
CA LYS C 214 28.31 6.36 1.34
C LYS C 214 29.01 5.82 2.58
N GLU C 215 30.28 5.44 2.42
CA GLU C 215 31.02 4.87 3.54
C GLU C 215 31.53 5.90 4.54
N GLU C 216 31.51 7.19 4.21
CA GLU C 216 31.99 8.22 5.12
C GLU C 216 30.78 8.85 5.80
N LYS C 217 30.68 8.67 7.12
CA LYS C 217 29.62 9.24 7.92
C LYS C 217 30.10 10.53 8.56
N ASP C 218 29.14 11.38 8.91
CA ASP C 218 29.46 12.73 9.36
C ASP C 218 28.93 12.91 10.78
N LEU C 219 29.80 12.72 11.78
CA LEU C 219 29.39 12.84 13.17
C LEU C 219 29.41 14.30 13.62
N ARG C 220 28.29 14.76 14.18
CA ARG C 220 28.17 16.16 14.57
C ARG C 220 27.49 16.27 15.92
N TYR C 221 27.55 17.46 16.49
CA TYR C 221 26.72 17.85 17.61
C TYR C 221 25.55 18.68 17.10
N CYS C 222 24.48 18.73 17.88
CA CYS C 222 23.29 19.45 17.45
C CYS C 222 22.64 20.23 18.58
N THR C 223 23.43 20.60 19.61
CA THR C 223 23.00 20.94 20.98
C THR C 223 21.82 21.90 21.05
N LYS C 224 20.74 21.43 21.65
CA LYS C 224 19.49 22.16 21.63
C LYS C 224 19.47 23.27 22.67
N HIS C 225 18.85 24.38 22.31
CA HIS C 225 18.80 25.58 23.15
C HIS C 225 17.34 25.97 23.34
N TYR C 226 16.77 25.60 24.48
CA TYR C 226 15.41 25.97 24.85
C TYR C 226 15.43 26.83 26.10
N ASN C 227 14.26 27.39 26.42
CA ASN C 227 14.11 28.21 27.62
C ASN C 227 14.31 27.43 28.92
N THR C 228 14.11 26.11 28.89
CA THR C 228 14.48 25.23 29.98
C THR C 228 16.01 25.15 30.13
N GLY C 229 16.73 25.17 29.03
CA GLY C 229 18.17 25.12 29.06
C GLY C 229 18.77 24.50 27.81
N LYS C 230 19.99 24.01 27.97
CA LYS C 230 20.69 23.37 26.87
C LYS C 230 20.55 21.86 27.03
N PHE C 231 19.93 21.24 26.03
CA PHE C 231 19.73 19.81 26.01
C PHE C 231 20.71 19.17 25.06
N THR C 232 21.35 18.09 25.50
CA THR C 232 22.36 17.44 24.68
C THR C 232 21.70 16.63 23.57
N CYS C 233 22.32 16.66 22.40
CA CYS C 233 22.00 15.71 21.33
C CYS C 233 23.23 15.59 20.45
N ILE C 234 23.41 14.40 19.91
CA ILE C 234 24.50 14.13 18.97
C ILE C 234 23.90 13.49 17.73
N GLU C 235 24.36 13.89 16.56
CA GLU C 235 23.75 13.41 15.34
C GLU C 235 24.78 12.72 14.46
N ALA C 236 24.30 11.75 13.70
CA ALA C 236 25.09 11.07 12.67
C ALA C 236 24.43 11.36 11.34
N ARG C 237 25.18 11.99 10.45
CA ARG C 237 24.71 12.32 9.11
C ARG C 237 25.15 11.24 8.14
N PHE C 238 24.19 10.67 7.43
CA PHE C 238 24.42 9.65 6.42
C PHE C 238 24.24 10.27 5.04
N HIS C 239 25.21 10.06 4.17
CA HIS C 239 25.19 10.61 2.81
C HIS C 239 24.72 9.53 1.85
N LEU C 240 23.65 9.82 1.13
CA LEU C 240 23.05 8.94 0.15
C LEU C 240 23.20 9.57 -1.23
N GLU C 241 23.44 8.73 -2.23
CA GLU C 241 23.62 9.21 -3.60
C GLU C 241 22.86 8.30 -4.54
N ARG C 242 21.99 8.88 -5.35
CA ARG C 242 21.10 8.08 -6.19
C ARG C 242 21.83 7.57 -7.42
N GLN C 243 21.63 6.29 -7.71
CA GLN C 243 22.09 5.71 -8.96
C GLN C 243 21.22 6.20 -10.11
N MET C 244 21.85 6.48 -11.24
CA MET C 244 21.21 7.17 -12.35
C MET C 244 21.07 6.28 -13.58
N GLY C 245 21.71 5.10 -13.56
CA GLY C 245 21.93 4.35 -14.80
C GLY C 245 20.66 3.81 -15.44
N TYR C 246 19.61 3.64 -14.64
CA TYR C 246 18.31 3.29 -15.21
C TYR C 246 17.73 4.44 -16.01
N TYR C 247 17.81 5.65 -15.45
CA TYR C 247 17.20 6.81 -16.08
C TYR C 247 18.00 7.29 -17.27
N LEU C 248 19.25 6.83 -17.43
CA LEU C 248 19.97 7.08 -18.66
C LEU C 248 19.36 6.31 -19.82
N ILE C 249 19.35 4.98 -19.74
CA ILE C 249 18.99 4.17 -20.89
C ILE C 249 17.49 3.89 -20.93
N GLN C 250 16.71 4.51 -20.05
CA GLN C 250 15.27 4.39 -20.15
C GLN C 250 14.55 5.71 -20.35
N MET C 251 15.14 6.84 -19.93
CA MET C 251 14.53 8.15 -20.12
C MET C 251 15.38 9.07 -20.99
N TYR C 252 16.67 9.17 -20.72
CA TYR C 252 17.52 10.16 -21.39
C TYR C 252 17.90 9.74 -22.80
N ILE C 253 18.42 8.52 -22.94
CA ILE C 253 18.83 8.02 -24.26
C ILE C 253 17.67 7.91 -25.26
N PRO C 254 16.49 7.33 -24.92
CA PRO C 254 15.42 7.30 -25.93
C PRO C 254 14.90 8.67 -26.33
N SER C 255 14.86 9.63 -25.40
CA SER C 255 14.48 10.99 -25.75
C SER C 255 15.50 11.64 -26.68
N LEU C 256 16.79 11.39 -26.43
CA LEU C 256 17.82 11.95 -27.29
C LEU C 256 17.77 11.35 -28.69
N LEU C 257 17.45 10.04 -28.78
CA LEU C 257 17.24 9.41 -30.07
C LEU C 257 16.02 9.96 -30.80
N ILE C 258 14.95 10.32 -30.09
CA ILE C 258 13.79 10.93 -30.74
C ILE C 258 14.13 12.34 -31.24
N VAL C 259 14.97 13.07 -30.50
CA VAL C 259 15.42 14.39 -30.96
C VAL C 259 16.25 14.26 -32.24
N ILE C 260 17.08 13.21 -32.31
CA ILE C 260 17.81 12.94 -33.56
C ILE C 260 16.85 12.57 -34.68
N LEU C 261 15.76 11.87 -34.36
CA LEU C 261 14.74 11.55 -35.36
C LEU C 261 14.05 12.81 -35.88
N SER C 262 13.91 13.83 -35.04
CA SER C 262 13.40 15.10 -35.56
C SER C 262 14.47 15.83 -36.35
N TRP C 263 15.74 15.55 -36.09
CA TRP C 263 16.81 16.14 -36.89
C TRP C 263 16.90 15.50 -38.27
N VAL C 264 16.37 14.27 -38.42
CA VAL C 264 16.32 13.61 -39.72
C VAL C 264 15.45 14.37 -40.70
N SER C 265 14.40 15.04 -40.20
CA SER C 265 13.42 15.73 -41.03
C SER C 265 13.97 16.92 -41.79
N PHE C 266 15.22 17.33 -41.52
CA PHE C 266 15.80 18.48 -42.20
C PHE C 266 16.54 18.08 -43.46
N TRP C 267 16.98 16.83 -43.56
CA TRP C 267 17.63 16.32 -44.77
C TRP C 267 16.62 15.67 -45.69
N ILE C 268 15.51 16.36 -45.95
CA ILE C 268 14.44 15.89 -46.82
C ILE C 268 14.04 17.04 -47.73
N ASN C 269 13.79 16.74 -49.01
CA ASN C 269 13.36 17.74 -49.97
C ASN C 269 12.02 18.33 -49.57
N MET C 270 11.88 19.64 -49.74
CA MET C 270 10.65 20.33 -49.41
C MET C 270 9.57 20.04 -50.45
N ASP C 271 8.34 20.46 -50.11
CA ASP C 271 7.09 20.21 -50.83
C ASP C 271 6.71 18.73 -50.89
N ALA C 272 7.47 17.87 -50.19
CA ALA C 272 7.08 16.48 -49.95
C ALA C 272 6.43 16.42 -48.57
N ALA C 273 5.16 16.81 -48.52
CA ALA C 273 4.47 17.02 -47.25
C ALA C 273 4.24 15.74 -46.43
N PRO C 274 3.58 14.68 -46.93
CA PRO C 274 3.19 13.60 -46.00
C PRO C 274 4.34 12.74 -45.51
N ALA C 275 5.51 12.83 -46.13
CA ALA C 275 6.69 12.14 -45.65
C ALA C 275 7.51 12.99 -44.69
N ARG C 276 7.07 14.21 -44.39
CA ARG C 276 7.83 15.10 -43.53
C ARG C 276 6.93 15.69 -42.46
N VAL C 277 5.64 15.84 -42.77
CA VAL C 277 4.66 16.17 -41.73
C VAL C 277 4.42 14.96 -40.84
N GLY C 278 4.25 13.78 -41.45
CA GLY C 278 3.98 12.58 -40.67
C GLY C 278 5.17 12.11 -39.83
N LEU C 279 6.39 12.32 -40.34
CA LEU C 279 7.58 12.06 -39.54
C LEU C 279 7.65 13.00 -38.34
N GLY C 280 7.50 14.29 -38.59
CA GLY C 280 7.60 15.29 -37.54
C GLY C 280 6.50 15.21 -36.50
N ILE C 281 5.31 14.74 -36.90
CA ILE C 281 4.25 14.59 -35.91
C ILE C 281 4.36 13.24 -35.21
N THR C 282 5.00 12.26 -35.85
CA THR C 282 5.19 10.96 -35.22
C THR C 282 6.29 11.04 -34.17
N THR C 283 7.28 11.91 -34.38
CA THR C 283 8.27 12.15 -33.34
C THR C 283 7.66 12.88 -32.15
N VAL C 284 6.68 13.74 -32.39
CA VAL C 284 5.94 14.38 -31.31
C VAL C 284 5.16 13.35 -30.52
N LEU C 285 4.51 12.42 -31.22
CA LEU C 285 3.70 11.42 -30.53
C LEU C 285 4.57 10.43 -29.76
N THR C 286 5.75 10.14 -30.30
CA THR C 286 6.66 9.21 -29.63
C THR C 286 7.33 9.87 -28.44
N MET C 287 7.64 11.17 -28.53
CA MET C 287 8.14 11.90 -27.38
C MET C 287 7.08 12.06 -26.29
N THR C 288 5.82 12.25 -26.70
CA THR C 288 4.72 12.35 -25.75
C THR C 288 4.48 11.01 -25.06
N THR C 289 4.57 9.91 -25.81
CA THR C 289 4.44 8.58 -25.22
C THR C 289 5.62 8.27 -24.31
N GLN C 290 6.81 8.77 -24.64
CA GLN C 290 7.98 8.57 -23.80
C GLN C 290 7.85 9.34 -22.50
N SER C 291 7.35 10.58 -22.55
CA SER C 291 7.27 11.41 -21.35
C SER C 291 6.12 10.96 -20.46
N SER C 292 4.97 10.64 -21.05
CA SER C 292 3.82 10.24 -20.25
C SER C 292 3.99 8.81 -19.74
N GLY C 293 4.70 7.97 -20.50
CA GLY C 293 4.92 6.60 -20.06
C GLY C 293 5.91 6.50 -18.93
N SER C 294 6.83 7.45 -18.82
CA SER C 294 7.83 7.48 -17.78
C SER C 294 7.37 8.23 -16.54
N ARG C 295 6.09 8.61 -16.50
CA ARG C 295 5.54 9.42 -15.41
C ARG C 295 5.23 8.61 -14.17
N ALA C 296 4.74 7.37 -14.32
CA ALA C 296 4.40 6.55 -13.17
C ALA C 296 5.61 5.98 -12.45
N SER C 297 6.79 6.02 -13.06
CA SER C 297 7.99 5.50 -12.41
C SER C 297 8.66 6.56 -11.55
N LEU C 298 8.69 7.81 -12.02
CA LEU C 298 9.30 8.91 -11.29
C LEU C 298 8.45 9.27 -10.07
N PRO C 299 9.06 9.86 -9.04
CA PRO C 299 8.32 10.15 -7.80
C PRO C 299 7.22 11.19 -7.98
N LYS C 300 6.38 11.28 -6.94
CA LYS C 300 5.16 12.07 -6.98
C LYS C 300 5.34 13.45 -6.37
N VAL C 301 6.53 14.05 -6.53
CA VAL C 301 6.69 15.44 -6.15
C VAL C 301 5.96 16.32 -7.17
N SER C 302 5.47 17.47 -6.71
CA SER C 302 4.69 18.36 -7.56
C SER C 302 5.45 19.63 -7.90
N TYR C 303 6.75 19.53 -8.11
CA TYR C 303 7.55 20.67 -8.52
C TYR C 303 8.55 20.24 -9.57
N VAL C 304 9.18 21.23 -10.19
CA VAL C 304 10.04 20.99 -11.34
C VAL C 304 11.34 20.35 -10.89
N LYS C 305 11.60 19.14 -11.38
CA LYS C 305 12.83 18.43 -11.13
C LYS C 305 13.58 18.23 -12.43
N ALA C 306 14.84 17.81 -12.30
CA ALA C 306 15.79 17.95 -13.41
C ALA C 306 15.53 16.99 -14.57
N ILE C 307 14.70 15.96 -14.39
CA ILE C 307 14.31 15.13 -15.52
C ILE C 307 13.12 15.72 -16.27
N ASP C 308 12.29 16.51 -15.59
CA ASP C 308 11.19 17.19 -16.25
C ASP C 308 11.65 18.32 -17.14
N ILE C 309 12.81 18.92 -16.84
CA ILE C 309 13.40 19.92 -17.73
C ILE C 309 13.94 19.26 -18.98
N TRP C 310 14.52 18.07 -18.84
CA TRP C 310 14.98 17.31 -20.00
C TRP C 310 13.82 16.89 -20.89
N MET C 311 12.73 16.40 -20.30
CA MET C 311 11.58 16.02 -21.10
C MET C 311 10.88 17.22 -21.71
N ALA C 312 10.91 18.36 -21.01
CA ALA C 312 10.27 19.56 -21.52
C ALA C 312 11.04 20.15 -22.70
N VAL C 313 12.37 20.26 -22.58
CA VAL C 313 13.16 20.83 -23.65
C VAL C 313 13.26 19.86 -24.83
N CYS C 314 13.37 18.57 -24.55
CA CYS C 314 13.31 17.57 -25.62
C CYS C 314 11.91 17.46 -26.22
N LEU C 315 10.88 18.02 -25.59
CA LEU C 315 9.62 18.20 -26.30
C LEU C 315 9.61 19.49 -27.10
N LEU C 316 10.28 20.54 -26.63
CA LEU C 316 10.27 21.81 -27.35
C LEU C 316 11.10 21.76 -28.62
N PHE C 317 12.10 20.88 -28.68
CA PHE C 317 12.88 20.77 -29.93
C PHE C 317 12.13 19.94 -30.96
N VAL C 318 11.47 18.86 -30.53
CA VAL C 318 10.70 18.02 -31.44
C VAL C 318 9.49 18.79 -31.97
N PHE C 319 8.83 19.54 -31.10
CA PHE C 319 7.80 20.48 -31.54
C PHE C 319 8.38 21.58 -32.42
N SER C 320 9.60 22.03 -32.13
CA SER C 320 10.20 23.12 -32.89
C SER C 320 10.57 22.70 -34.30
N ALA C 321 10.77 21.40 -34.53
CA ALA C 321 11.03 20.91 -35.88
C ALA C 321 9.79 21.05 -36.77
N LEU C 322 8.64 20.60 -36.27
CA LEU C 322 7.43 20.69 -37.08
C LEU C 322 6.94 22.12 -37.17
N LEU C 323 7.19 22.93 -36.14
CA LEU C 323 6.87 24.35 -36.26
C LEU C 323 7.78 25.02 -37.28
N GLU C 324 9.03 24.55 -37.38
CA GLU C 324 9.95 25.07 -38.38
C GLU C 324 9.48 24.73 -39.78
N TYR C 325 9.08 23.47 -40.02
CA TYR C 325 8.54 23.12 -41.33
C TYR C 325 7.18 23.77 -41.58
N ALA C 326 6.45 24.10 -40.51
CA ALA C 326 5.20 24.83 -40.65
C ALA C 326 5.46 26.27 -41.10
N ALA C 327 6.65 26.79 -40.78
CA ALA C 327 7.06 28.04 -41.41
C ALA C 327 7.53 27.83 -42.85
N VAL C 328 8.34 26.79 -43.08
CA VAL C 328 9.01 26.60 -44.37
C VAL C 328 8.01 26.34 -45.48
N ASN C 329 6.97 25.55 -45.19
CA ASN C 329 5.98 25.20 -46.20
C ASN C 329 5.14 26.42 -46.60
N PHE C 330 4.93 27.35 -45.67
CA PHE C 330 4.19 28.57 -45.99
C PHE C 330 5.09 29.58 -46.73
N ILE C 331 6.40 29.57 -46.44
CA ILE C 331 7.30 30.44 -47.18
C ILE C 331 7.44 29.97 -48.63
N ALA C 332 7.62 28.66 -48.82
CA ALA C 332 7.82 28.13 -50.16
C ALA C 332 6.51 27.82 -50.85
N ARG C 333 5.38 28.00 -50.15
CA ARG C 333 4.09 27.63 -50.73
C ARG C 333 3.57 28.71 -51.69
N ALA C 334 4.00 29.96 -51.51
CA ALA C 334 3.54 31.05 -52.36
C ALA C 334 4.09 30.92 -53.77
N GLY C 335 5.41 30.79 -53.90
CA GLY C 335 6.03 30.53 -55.18
C GLY C 335 6.84 31.69 -55.73
N THR C 336 8.16 31.62 -55.52
CA THR C 336 9.16 32.57 -55.99
C THR C 336 10.54 32.00 -55.70
N LYS C 337 11.47 32.34 -56.60
CA LYS C 337 12.87 31.90 -56.62
C LYS C 337 13.49 32.35 -55.32
N LEU C 338 13.07 33.54 -54.88
CA LEU C 338 13.45 34.06 -53.58
C LEU C 338 12.83 33.12 -52.53
N PHE C 339 11.59 32.71 -52.78
CA PHE C 339 10.89 31.76 -51.95
C PHE C 339 11.65 30.43 -51.93
N ILE C 340 12.19 29.95 -53.06
CA ILE C 340 12.89 28.69 -52.88
C ILE C 340 14.28 28.93 -52.28
N SER C 341 14.89 30.07 -52.61
CA SER C 341 16.14 30.45 -51.96
C SER C 341 15.93 30.79 -50.50
N ARG C 342 14.78 31.40 -50.17
CA ARG C 342 14.46 31.69 -48.78
C ARG C 342 14.12 30.42 -48.02
N ALA C 343 13.45 29.48 -48.68
CA ALA C 343 13.10 28.20 -48.05
C ALA C 343 14.33 27.35 -47.81
N LYS C 344 15.18 27.30 -48.84
CA LYS C 344 16.43 26.55 -48.81
C LYS C 344 17.35 27.15 -47.77
N ARG C 345 17.35 28.48 -47.67
CA ARG C 345 18.19 29.17 -46.69
C ARG C 345 17.76 28.81 -45.27
N ILE C 346 16.45 28.77 -45.03
CA ILE C 346 15.93 28.45 -43.71
C ILE C 346 16.32 27.03 -43.31
N ASP C 347 16.20 26.11 -44.26
CA ASP C 347 16.57 24.72 -44.04
C ASP C 347 18.08 24.61 -43.77
N THR C 348 18.84 25.40 -44.54
CA THR C 348 20.28 25.42 -44.43
C THR C 348 20.68 25.92 -43.06
N VAL C 349 19.97 26.93 -42.55
CA VAL C 349 20.31 27.41 -41.21
C VAL C 349 19.87 26.41 -40.15
N SER C 350 18.64 25.90 -40.30
CA SER C 350 18.04 24.96 -39.36
C SER C 350 18.76 23.61 -39.23
N ARG C 351 19.30 23.12 -40.32
CA ARG C 351 19.98 21.83 -40.35
C ARG C 351 21.20 21.77 -39.47
N VAL C 352 21.90 22.89 -39.46
CA VAL C 352 23.08 23.17 -38.62
C VAL C 352 22.75 23.71 -37.22
N ALA C 353 21.78 24.61 -37.16
CA ALA C 353 21.38 25.31 -35.94
C ALA C 353 20.79 24.55 -34.74
N PHE C 354 19.91 23.59 -34.97
CA PHE C 354 19.28 22.90 -33.85
C PHE C 354 20.18 21.90 -33.11
N PRO C 355 21.11 21.16 -33.75
CA PRO C 355 22.11 20.44 -32.94
C PRO C 355 23.06 21.35 -32.16
N LEU C 356 23.28 22.58 -32.61
CA LEU C 356 24.08 23.51 -31.81
C LEU C 356 23.32 23.97 -30.57
N VAL C 357 22.01 24.23 -30.71
CA VAL C 357 21.21 24.65 -29.57
C VAL C 357 21.05 23.50 -28.59
N PHE C 358 20.85 22.28 -29.10
CA PHE C 358 20.77 21.11 -28.23
C PHE C 358 22.13 20.78 -27.63
N LEU C 359 23.22 21.20 -28.27
CA LEU C 359 24.54 20.99 -27.68
C LEU C 359 24.82 22.01 -26.58
N ILE C 360 24.37 23.26 -26.74
CA ILE C 360 24.54 24.26 -25.68
C ILE C 360 23.68 23.91 -24.47
N PHE C 361 22.43 23.52 -24.71
CA PHE C 361 21.59 23.03 -23.62
C PHE C 361 22.13 21.74 -23.03
N ASN C 362 22.75 20.91 -23.85
CA ASN C 362 23.25 19.63 -23.36
C ASN C 362 24.52 19.82 -22.53
N ILE C 363 25.29 20.88 -22.77
CA ILE C 363 26.42 21.19 -21.90
C ILE C 363 25.96 21.84 -20.60
N PHE C 364 25.09 22.86 -20.72
CA PHE C 364 24.60 23.61 -19.56
C PHE C 364 23.81 22.72 -18.61
N TYR C 365 23.11 21.73 -19.15
CA TYR C 365 22.30 20.82 -18.34
C TYR C 365 23.17 19.95 -17.46
N TRP C 366 24.13 19.23 -18.06
CA TRP C 366 24.92 18.28 -17.28
C TRP C 366 25.94 18.95 -16.39
N ILE C 367 26.42 20.14 -16.78
CA ILE C 367 27.25 20.90 -15.83
C ILE C 367 26.39 21.35 -14.65
N THR C 368 25.20 21.87 -14.95
CA THR C 368 24.36 22.49 -13.91
C THR C 368 23.86 21.47 -12.90
N TYR C 369 23.40 20.31 -13.36
CA TYR C 369 22.85 19.35 -12.42
C TYR C 369 23.83 18.26 -12.04
N LYS C 370 24.85 18.02 -12.87
CA LYS C 370 25.77 16.93 -12.59
C LYS C 370 27.08 17.41 -11.98
N LEU C 371 27.61 18.55 -12.41
CA LEU C 371 28.95 18.95 -12.00
C LEU C 371 28.97 19.51 -10.58
N VAL C 372 28.07 20.43 -10.27
CA VAL C 372 28.04 21.07 -8.96
C VAL C 372 27.53 20.12 -7.89
N PRO D 33 15.98 11.07 49.58
CA PRO D 33 15.52 12.41 49.94
C PRO D 33 14.87 13.24 48.80
N PRO D 34 15.32 13.13 47.51
CA PRO D 34 14.50 13.74 46.45
C PRO D 34 13.17 13.03 46.19
N SER D 35 13.20 11.74 45.91
CA SER D 35 12.00 11.07 45.41
C SER D 35 11.08 10.58 46.52
N GLU D 36 11.55 10.56 47.77
CA GLU D 36 10.68 10.17 48.88
C GLU D 36 9.88 11.34 49.44
N PHE D 37 9.91 12.49 48.77
CA PHE D 37 9.07 13.62 49.11
C PHE D 37 7.79 13.66 48.28
N LEU D 38 7.83 13.15 47.04
CA LEU D 38 6.61 13.03 46.25
C LEU D 38 5.70 11.93 46.78
N ASP D 39 6.27 10.90 47.42
CA ASP D 39 5.42 9.90 48.07
C ASP D 39 4.81 10.46 49.33
N LYS D 40 5.48 11.43 49.96
CA LYS D 40 4.91 12.14 51.10
C LYS D 40 3.79 13.08 50.68
N LEU D 41 3.86 13.60 49.45
CA LEU D 41 2.94 14.63 48.97
C LEU D 41 1.76 14.07 48.18
N MET D 42 1.91 12.91 47.54
CA MET D 42 0.82 12.35 46.75
C MET D 42 0.48 10.92 47.14
N GLY D 43 0.96 10.43 48.28
CA GLY D 43 0.78 9.05 48.67
C GLY D 43 -0.51 8.80 49.42
N LYS D 44 -0.51 7.72 50.18
CA LYS D 44 -1.67 7.38 51.00
C LYS D 44 -1.74 8.26 52.24
N VAL D 45 -0.61 8.87 52.61
CA VAL D 45 -0.57 9.72 53.79
C VAL D 45 -1.33 11.02 53.53
N SER D 46 -0.87 11.78 52.55
CA SER D 46 -1.56 13.02 52.19
C SER D 46 -2.84 12.70 51.43
N GLY D 47 -3.79 13.62 51.50
CA GLY D 47 -5.11 13.39 50.94
C GLY D 47 -5.26 13.85 49.51
N TYR D 48 -4.22 13.66 48.70
CA TYR D 48 -4.32 14.00 47.28
C TYR D 48 -5.12 12.91 46.58
N ASP D 49 -6.12 13.33 45.82
CA ASP D 49 -6.94 12.42 45.03
C ASP D 49 -6.63 12.65 43.56
N ALA D 50 -6.28 11.59 42.85
CA ALA D 50 -5.75 11.73 41.50
C ALA D 50 -6.85 12.07 40.50
N ARG D 51 -8.08 11.67 40.78
CA ARG D 51 -9.18 11.89 39.85
C ARG D 51 -10.14 12.98 40.32
N ILE D 52 -9.66 13.91 41.14
CA ILE D 52 -10.40 15.12 41.49
C ILE D 52 -9.58 16.31 41.01
N ARG D 53 -10.22 17.21 40.26
CA ARG D 53 -9.53 18.32 39.64
C ARG D 53 -9.07 19.34 40.69
N PRO D 54 -8.05 20.15 40.38
CA PRO D 54 -7.68 21.23 41.28
C PRO D 54 -8.77 22.28 41.33
N ASN D 55 -8.84 22.98 42.46
CA ASN D 55 -9.87 23.98 42.75
C ASN D 55 -11.26 23.39 42.54
N PHE D 56 -11.49 22.23 43.14
CA PHE D 56 -12.73 21.50 42.93
C PHE D 56 -13.90 22.24 43.56
N LYS D 57 -15.01 22.28 42.82
CA LYS D 57 -16.18 23.13 43.09
C LYS D 57 -15.77 24.59 43.24
N GLY D 58 -14.87 25.04 42.38
CA GLY D 58 -14.41 26.41 42.38
C GLY D 58 -14.21 26.94 40.98
N PRO D 59 -13.17 27.75 40.78
CA PRO D 59 -12.88 28.28 39.46
C PRO D 59 -12.38 27.18 38.52
N PRO D 60 -12.64 27.30 37.22
CA PRO D 60 -12.11 26.35 36.26
C PRO D 60 -10.61 26.51 36.12
N VAL D 61 -9.89 25.38 36.10
CA VAL D 61 -8.43 25.41 36.00
C VAL D 61 -8.02 25.84 34.60
N ASN D 62 -7.03 26.72 34.54
CA ASN D 62 -6.58 27.21 33.25
C ASN D 62 -5.49 26.28 32.74
N VAL D 63 -5.53 25.91 31.46
CA VAL D 63 -4.47 25.09 30.89
C VAL D 63 -3.84 25.89 29.76
N THR D 64 -2.62 26.35 29.98
CA THR D 64 -1.84 27.04 28.97
C THR D 64 -1.03 25.98 28.23
N CYS D 65 -1.45 25.67 27.01
CA CYS D 65 -0.88 24.58 26.25
C CYS D 65 -0.35 25.08 24.92
N ASN D 66 0.77 24.53 24.48
CA ASN D 66 1.42 24.90 23.25
C ASN D 66 2.04 23.67 22.59
N ILE D 67 2.22 23.78 21.27
CA ILE D 67 2.52 22.65 20.40
C ILE D 67 3.78 22.94 19.62
N PHE D 68 4.72 22.01 19.62
CA PHE D 68 5.89 22.06 18.75
C PHE D 68 5.80 20.91 17.77
N ILE D 69 5.94 21.22 16.48
CA ILE D 69 5.80 20.23 15.42
C ILE D 69 7.20 19.79 14.98
N ASN D 70 7.47 18.49 15.12
CA ASN D 70 8.72 17.89 14.68
C ASN D 70 8.62 17.49 13.21
N SER D 71 7.69 16.62 12.90
CA SER D 71 7.45 16.13 11.55
C SER D 71 6.03 16.51 11.16
N PHE D 72 5.81 16.66 9.86
CA PHE D 72 4.51 17.09 9.38
C PHE D 72 4.30 16.51 7.99
N GLY D 73 3.17 15.84 7.80
CA GLY D 73 2.70 15.58 6.47
C GLY D 73 2.91 14.19 5.92
N SER D 74 1.84 13.40 5.98
CA SER D 74 1.69 12.24 5.12
C SER D 74 0.35 12.43 4.44
N ILE D 75 0.19 13.63 3.88
CA ILE D 75 -1.06 14.18 3.38
C ILE D 75 -1.62 13.34 2.25
N ALA D 76 -2.79 12.75 2.47
CA ALA D 76 -3.41 11.83 1.54
C ALA D 76 -4.85 12.26 1.28
N GLU D 77 -5.21 12.34 0.00
CA GLU D 77 -6.60 12.57 -0.39
C GLU D 77 -7.41 11.28 -0.43
N THR D 78 -6.76 10.13 -0.35
CA THR D 78 -7.48 8.86 -0.32
C THR D 78 -8.26 8.70 0.98
N THR D 79 -7.61 9.00 2.10
CA THR D 79 -8.23 8.88 3.40
C THR D 79 -8.56 10.22 4.05
N MET D 80 -8.23 11.33 3.38
CA MET D 80 -8.54 12.70 3.81
C MET D 80 -7.99 13.02 5.20
N ASP D 81 -6.68 12.83 5.33
CA ASP D 81 -6.01 13.03 6.62
C ASP D 81 -4.54 13.33 6.39
N TYR D 82 -3.85 13.64 7.48
CA TYR D 82 -2.41 13.87 7.47
C TYR D 82 -1.84 13.35 8.78
N ARG D 83 -0.52 13.39 8.90
N ARG D 83 -0.52 13.37 8.88
CA ARG D 83 0.16 12.95 10.09
CA ARG D 83 0.18 12.92 10.07
C ARG D 83 1.07 14.06 10.62
C ARG D 83 1.12 13.99 10.61
N VAL D 84 1.16 14.14 11.93
CA VAL D 84 2.01 15.15 12.56
C VAL D 84 2.56 14.59 13.87
N ASN D 85 3.85 14.79 14.10
CA ASN D 85 4.53 14.33 15.31
C ASN D 85 4.82 15.57 16.15
N ILE D 86 4.20 15.66 17.32
CA ILE D 86 4.26 16.89 18.11
C ILE D 86 4.83 16.62 19.49
N PHE D 87 5.45 17.66 20.05
CA PHE D 87 5.54 17.85 21.50
C PHE D 87 4.34 18.67 21.93
N LEU D 88 3.51 18.09 22.79
CA LEU D 88 2.41 18.81 23.42
C LEU D 88 2.81 19.16 24.83
N ARG D 89 2.96 20.45 25.12
CA ARG D 89 3.22 20.90 26.48
C ARG D 89 1.98 21.59 27.00
N GLN D 90 1.54 21.23 28.19
CA GLN D 90 0.38 21.84 28.81
C GLN D 90 0.67 22.11 30.28
N GLN D 91 0.34 23.32 30.71
CA GLN D 91 0.69 23.84 32.02
C GLN D 91 -0.59 24.20 32.76
N TRP D 92 -0.67 23.82 34.03
CA TRP D 92 -1.81 24.24 34.83
C TRP D 92 -1.36 24.46 36.27
N ASN D 93 -2.29 24.82 37.14
CA ASN D 93 -2.00 25.07 38.54
C ASN D 93 -2.74 24.03 39.38
N ASP D 94 -2.02 23.42 40.31
CA ASP D 94 -2.61 22.46 41.26
C ASP D 94 -2.21 22.93 42.64
N PRO D 95 -3.11 23.61 43.37
CA PRO D 95 -2.69 24.25 44.63
C PRO D 95 -2.37 23.28 45.75
N ARG D 96 -2.86 22.05 45.67
CA ARG D 96 -2.54 21.02 46.66
C ARG D 96 -1.29 20.24 46.31
N LEU D 97 -0.42 20.81 45.49
CA LEU D 97 0.92 20.30 45.27
C LEU D 97 2.00 21.30 45.61
N ALA D 98 1.64 22.45 46.17
CA ALA D 98 2.64 23.42 46.60
C ALA D 98 3.38 22.90 47.83
N TYR D 99 4.63 23.33 47.96
CA TYR D 99 5.49 22.84 49.02
C TYR D 99 6.53 23.90 49.34
N SER D 100 7.14 23.78 50.51
CA SER D 100 8.25 24.64 50.88
C SER D 100 9.42 23.92 51.53
N GLU D 101 9.26 22.68 51.99
CA GLU D 101 10.33 21.97 52.68
C GLU D 101 11.08 21.05 51.72
N TYR D 102 11.68 21.68 50.71
CA TYR D 102 12.56 21.01 49.75
C TYR D 102 13.37 22.10 49.07
N PRO D 103 14.67 21.92 48.85
CA PRO D 103 15.55 23.07 48.59
C PRO D 103 15.34 23.78 47.25
N ASP D 104 15.12 23.06 46.15
CA ASP D 104 15.08 23.68 44.84
C ASP D 104 13.65 24.02 44.45
N ASP D 105 13.53 24.71 43.31
CA ASP D 105 12.21 25.15 42.86
C ASP D 105 11.45 24.01 42.19
N SER D 106 12.01 23.44 41.13
CA SER D 106 11.32 22.44 40.33
C SER D 106 11.59 21.04 40.85
N LEU D 107 10.54 20.23 40.92
CA LEU D 107 10.60 18.84 41.37
C LEU D 107 9.87 17.98 40.35
N ASP D 108 10.61 17.17 39.60
CA ASP D 108 10.04 16.40 38.52
C ASP D 108 9.44 15.08 39.00
N LEU D 109 8.49 14.57 38.24
CA LEU D 109 7.80 13.33 38.54
C LEU D 109 8.12 12.28 37.48
N ASP D 110 8.32 11.05 37.93
CA ASP D 110 8.67 9.92 37.08
C ASP D 110 7.49 9.55 36.18
N PRO D 111 7.76 9.18 34.92
CA PRO D 111 6.66 8.83 34.01
C PRO D 111 5.92 7.55 34.37
N SER D 112 6.46 6.73 35.26
CA SER D 112 5.71 5.56 35.72
C SER D 112 4.67 5.91 36.77
N MET D 113 4.74 7.11 37.33
CA MET D 113 3.86 7.52 38.44
C MET D 113 2.81 8.53 37.99
N LEU D 114 2.58 8.66 36.68
CA LEU D 114 1.68 9.70 36.19
C LEU D 114 0.21 9.39 36.44
N ASP D 115 -0.11 8.18 36.85
CA ASP D 115 -1.46 7.89 37.32
C ASP D 115 -1.70 8.42 38.73
N SER D 116 -0.66 8.90 39.42
CA SER D 116 -0.80 9.40 40.78
C SER D 116 -1.14 10.88 40.84
N ILE D 117 -1.25 11.55 39.69
CA ILE D 117 -1.48 12.98 39.64
C ILE D 117 -2.67 13.26 38.72
N TRP D 118 -3.37 14.36 38.97
CA TRP D 118 -4.42 14.81 38.06
C TRP D 118 -3.82 15.29 36.76
N LYS D 119 -4.44 14.93 35.66
CA LYS D 119 -4.08 15.42 34.34
C LYS D 119 -5.36 15.81 33.62
N PRO D 120 -5.33 16.80 32.73
CA PRO D 120 -6.51 17.12 31.95
C PRO D 120 -6.86 16.01 30.98
N ASP D 121 -8.15 15.86 30.72
CA ASP D 121 -8.64 14.87 29.76
C ASP D 121 -8.70 15.44 28.34
N LEU D 122 -7.59 16.03 27.92
CA LEU D 122 -7.47 16.58 26.59
C LEU D 122 -7.44 15.45 25.57
N PHE D 123 -8.18 15.62 24.48
CA PHE D 123 -8.05 14.73 23.34
C PHE D 123 -8.11 15.60 22.10
N PHE D 124 -7.86 14.99 20.96
CA PHE D 124 -7.86 15.72 19.69
C PHE D 124 -9.12 15.36 18.92
N ALA D 125 -9.93 16.37 18.63
CA ALA D 125 -11.28 16.11 18.15
C ALA D 125 -11.33 15.64 16.71
N ASN D 126 -10.23 15.73 15.97
CA ASN D 126 -10.21 15.28 14.59
C ASN D 126 -9.13 14.24 14.31
N GLU D 127 -8.77 13.44 15.32
CA GLU D 127 -7.76 12.42 15.13
C GLU D 127 -8.41 11.15 14.60
N LYS D 128 -7.65 10.39 13.82
CA LYS D 128 -8.09 9.11 13.28
C LYS D 128 -7.26 7.96 13.82
N GLY D 129 -6.47 8.22 14.83
CA GLY D 129 -5.51 7.26 15.36
C GLY D 129 -4.27 8.03 15.74
N ALA D 130 -3.72 7.68 16.90
CA ALA D 130 -2.61 8.42 17.48
C ALA D 130 -1.95 7.57 18.55
N ASN D 131 -0.67 7.81 18.79
CA ASN D 131 0.01 7.02 19.80
C ASN D 131 1.11 7.84 20.49
N PHE D 132 1.58 7.29 21.60
CA PHE D 132 2.69 7.85 22.36
C PHE D 132 4.01 7.33 21.79
N HIS D 133 5.10 7.64 22.48
CA HIS D 133 6.42 7.14 22.15
C HIS D 133 7.09 6.66 23.43
N GLU D 134 7.75 5.51 23.37
CA GLU D 134 8.25 4.88 24.58
C GLU D 134 9.67 4.33 24.39
N VAL D 135 10.37 4.76 23.35
CA VAL D 135 11.63 4.15 22.97
C VAL D 135 12.76 4.70 23.83
N THR D 136 13.43 3.77 24.53
CA THR D 136 14.59 3.86 25.43
C THR D 136 14.20 4.47 26.78
N THR D 137 13.04 5.11 26.84
CA THR D 137 12.38 5.67 28.01
C THR D 137 11.04 6.15 27.49
N ASP D 138 9.98 6.07 28.31
CA ASP D 138 8.70 6.67 27.95
C ASP D 138 8.84 8.17 27.80
N ASN D 139 8.52 8.68 26.61
CA ASN D 139 8.73 10.08 26.30
C ASN D 139 7.66 10.99 26.89
N LYS D 140 7.59 11.04 28.21
CA LYS D 140 6.69 11.92 28.93
C LYS D 140 7.50 12.69 29.97
N LEU D 141 6.96 13.83 30.38
CA LEU D 141 7.70 14.71 31.29
C LEU D 141 6.68 15.47 32.12
N LEU D 142 6.80 15.40 33.43
CA LEU D 142 5.98 16.22 34.31
C LEU D 142 6.88 16.83 35.37
N ARG D 143 6.61 18.11 35.69
CA ARG D 143 7.46 18.89 36.55
C ARG D 143 6.59 19.78 37.42
N ILE D 144 6.66 19.57 38.73
CA ILE D 144 5.88 20.34 39.67
C ILE D 144 6.77 21.44 40.27
N SER D 145 6.32 22.67 40.16
CA SER D 145 7.09 23.81 40.67
C SER D 145 6.83 23.97 42.16
N LYS D 146 7.61 24.86 42.77
CA LYS D 146 7.40 25.21 44.17
C LYS D 146 6.11 25.99 44.35
N ASN D 147 5.70 26.73 43.33
CA ASN D 147 4.45 27.47 43.31
C ASN D 147 3.23 26.55 43.34
N GLY D 148 3.38 25.33 42.85
CA GLY D 148 2.23 24.48 42.61
C GLY D 148 1.87 24.38 41.14
N ASN D 149 2.66 24.96 40.26
CA ASN D 149 2.43 24.87 38.83
C ASN D 149 2.94 23.54 38.31
N VAL D 150 2.20 22.94 37.39
CA VAL D 150 2.54 21.66 36.80
C VAL D 150 2.77 21.86 35.31
N LEU D 151 3.93 21.41 34.83
CA LEU D 151 4.27 21.43 33.41
C LEU D 151 4.29 19.98 32.93
N TYR D 152 3.54 19.69 31.88
CA TYR D 152 3.40 18.33 31.38
C TYR D 152 3.62 18.31 29.88
N SER D 153 4.76 17.77 29.45
CA SER D 153 5.16 17.74 28.06
C SER D 153 5.25 16.30 27.59
N ILE D 154 4.58 15.98 26.48
CA ILE D 154 4.59 14.64 25.90
C ILE D 154 4.94 14.77 24.42
N ARG D 155 5.20 13.62 23.80
CA ARG D 155 5.57 13.55 22.39
C ARG D 155 4.73 12.47 21.75
N ILE D 156 3.79 12.88 20.90
CA ILE D 156 2.81 11.96 20.34
C ILE D 156 2.75 12.10 18.83
N THR D 157 2.36 11.01 18.18
CA THR D 157 2.22 10.96 16.73
C THR D 157 0.74 10.86 16.39
N LEU D 158 0.30 11.65 15.42
CA LEU D 158 -1.09 11.94 15.19
C LEU D 158 -1.45 11.67 13.73
N VAL D 159 -2.60 11.05 13.53
CA VAL D 159 -3.23 11.00 12.21
C VAL D 159 -4.49 11.84 12.31
N LEU D 160 -4.42 13.07 11.85
CA LEU D 160 -5.50 14.03 12.00
C LEU D 160 -6.29 14.17 10.70
N ALA D 161 -7.61 14.20 10.82
CA ALA D 161 -8.49 14.28 9.68
C ALA D 161 -8.67 15.73 9.27
N CYS D 162 -8.40 16.03 8.00
CA CYS D 162 -8.82 17.30 7.41
C CYS D 162 -9.51 17.02 6.09
N PRO D 163 -10.76 17.44 5.93
CA PRO D 163 -11.44 17.24 4.64
C PRO D 163 -10.90 18.20 3.59
N MET D 164 -10.81 17.71 2.36
CA MET D 164 -10.20 18.46 1.28
C MET D 164 -11.19 18.65 0.15
N ASP D 165 -11.08 19.79 -0.52
CA ASP D 165 -11.88 20.10 -1.70
C ASP D 165 -10.91 20.33 -2.85
N LEU D 166 -10.77 19.32 -3.71
CA LEU D 166 -9.83 19.37 -4.83
C LEU D 166 -10.47 19.91 -6.08
N LYS D 167 -11.46 20.79 -5.95
CA LYS D 167 -12.13 21.36 -7.12
C LYS D 167 -11.20 22.29 -7.89
N ASN D 168 -10.23 22.90 -7.22
CA ASN D 168 -9.31 23.84 -7.85
C ASN D 168 -7.95 23.22 -8.12
N PHE D 169 -7.89 21.91 -8.30
CA PHE D 169 -6.61 21.22 -8.47
C PHE D 169 -6.00 21.59 -9.83
N PRO D 170 -4.68 21.87 -9.88
CA PRO D 170 -3.65 21.90 -8.85
C PRO D 170 -3.54 23.20 -8.06
N MET D 171 -4.18 24.28 -8.50
CA MET D 171 -3.97 25.59 -7.89
C MET D 171 -4.96 25.81 -6.74
N ASP D 172 -4.98 24.84 -5.82
CA ASP D 172 -5.88 24.85 -4.69
C ASP D 172 -5.14 25.15 -3.39
N VAL D 173 -5.86 25.71 -2.43
CA VAL D 173 -5.33 26.02 -1.12
C VAL D 173 -6.12 25.21 -0.09
N GLN D 174 -5.43 24.42 0.70
CA GLN D 174 -6.05 23.59 1.73
C GLN D 174 -5.86 24.24 3.10
N THR D 175 -6.75 23.91 4.02
CA THR D 175 -6.70 24.43 5.38
C THR D 175 -6.95 23.24 6.29
N CYS D 176 -5.88 22.66 6.83
CA CYS D 176 -6.00 21.51 7.71
C CYS D 176 -5.82 21.97 9.14
N ILE D 177 -6.76 21.58 10.00
CA ILE D 177 -6.89 22.17 11.33
C ILE D 177 -6.43 21.18 12.37
N MET D 178 -6.42 21.60 13.63
CA MET D 178 -5.91 20.76 14.72
C MET D 178 -6.60 21.21 15.99
N GLN D 179 -7.56 20.42 16.48
CA GLN D 179 -8.44 20.81 17.58
C GLN D 179 -8.01 20.11 18.86
N LEU D 180 -8.09 20.84 19.97
CA LEU D 180 -7.70 20.36 21.29
C LEU D 180 -8.89 20.53 22.21
N GLU D 181 -9.53 19.42 22.59
CA GLU D 181 -10.82 19.48 23.25
C GLU D 181 -10.79 18.70 24.55
N SER D 182 -11.42 19.25 25.59
CA SER D 182 -11.69 18.50 26.81
C SER D 182 -12.74 17.43 26.56
N PHE D 183 -12.57 16.29 27.22
CA PHE D 183 -13.41 15.13 26.94
C PHE D 183 -14.59 15.00 27.90
N GLY D 184 -14.41 15.29 29.18
CA GLY D 184 -15.48 15.07 30.13
C GLY D 184 -15.74 16.22 31.07
N TYR D 185 -14.86 17.20 31.08
CA TYR D 185 -15.02 18.40 31.91
C TYR D 185 -15.56 19.53 31.04
N THR D 186 -16.62 20.17 31.51
CA THR D 186 -17.17 21.31 30.80
C THR D 186 -16.32 22.55 31.05
N MET D 187 -16.76 23.68 30.50
CA MET D 187 -16.00 24.91 30.67
C MET D 187 -16.16 25.51 32.06
N ASN D 188 -17.13 25.05 32.84
CA ASN D 188 -17.21 25.38 34.26
C ASN D 188 -16.18 24.63 35.11
N ASP D 189 -15.41 23.72 34.51
CA ASP D 189 -14.42 22.93 35.23
C ASP D 189 -13.03 23.06 34.62
N LEU D 190 -12.93 23.15 33.30
CA LEU D 190 -11.66 23.11 32.58
C LEU D 190 -11.74 24.06 31.39
N ILE D 191 -10.71 24.89 31.23
CA ILE D 191 -10.66 25.86 30.13
C ILE D 191 -9.32 25.73 29.44
N PHE D 192 -9.32 25.41 28.15
CA PHE D 192 -8.11 25.37 27.35
C PHE D 192 -7.91 26.70 26.64
N GLU D 193 -6.65 27.12 26.55
CA GLU D 193 -6.30 28.33 25.83
C GLU D 193 -4.84 28.22 25.40
N TRP D 194 -4.50 28.95 24.34
CA TRP D 194 -3.15 28.84 23.81
C TRP D 194 -2.17 29.63 24.67
N ASP D 195 -0.89 29.36 24.46
CA ASP D 195 0.14 30.15 25.11
C ASP D 195 0.25 31.50 24.40
N GLU D 196 0.64 32.53 25.16
CA GLU D 196 0.60 33.88 24.61
C GLU D 196 1.77 34.14 23.66
N LYS D 197 2.99 33.79 24.08
CA LYS D 197 4.19 34.10 23.32
C LYS D 197 4.26 33.38 21.98
N GLY D 198 4.37 32.05 22.01
CA GLY D 198 4.24 31.28 20.80
C GLY D 198 3.52 29.98 21.06
N ALA D 199 2.38 29.80 20.43
CA ALA D 199 1.60 28.59 20.68
C ALA D 199 2.10 27.44 19.81
N VAL D 200 1.94 27.56 18.50
CA VAL D 200 2.37 26.52 17.59
C VAL D 200 3.70 26.93 16.97
N GLN D 201 4.66 26.02 16.99
CA GLN D 201 5.93 26.22 16.33
C GLN D 201 6.18 25.02 15.43
N VAL D 202 6.93 25.24 14.36
CA VAL D 202 7.26 24.19 13.41
C VAL D 202 8.77 24.14 13.28
N ALA D 203 9.34 22.94 13.40
CA ALA D 203 10.78 22.77 13.27
C ALA D 203 11.20 23.09 11.84
N ASP D 204 12.21 23.94 11.71
CA ASP D 204 12.62 24.41 10.41
C ASP D 204 13.34 23.32 9.63
N GLY D 205 13.20 23.37 8.32
CA GLY D 205 13.80 22.40 7.44
C GLY D 205 12.87 21.32 6.92
N LEU D 206 11.58 21.40 7.21
CA LEU D 206 10.64 20.40 6.74
C LEU D 206 10.27 20.64 5.29
N THR D 207 9.96 19.55 4.59
CA THR D 207 9.65 19.61 3.16
C THR D 207 8.53 18.64 2.85
N LEU D 208 7.49 19.13 2.18
CA LEU D 208 6.37 18.34 1.72
C LEU D 208 6.53 18.05 0.23
N PRO D 209 6.16 16.87 -0.24
CA PRO D 209 6.28 16.58 -1.68
C PRO D 209 5.26 17.30 -2.53
N GLN D 210 4.11 17.64 -1.98
CA GLN D 210 3.04 18.30 -2.71
C GLN D 210 2.85 19.76 -2.32
N PHE D 211 2.77 20.03 -1.02
CA PHE D 211 2.30 21.31 -0.52
C PHE D 211 3.46 22.17 -0.04
N ILE D 212 3.13 23.38 0.38
CA ILE D 212 4.04 24.25 1.12
C ILE D 212 3.31 24.67 2.38
N LEU D 213 3.87 24.32 3.53
CA LEU D 213 3.28 24.74 4.80
C LEU D 213 3.56 26.23 5.00
N LYS D 214 2.48 27.02 4.97
CA LYS D 214 2.55 28.46 5.14
C LYS D 214 3.07 28.80 6.53
N GLU D 215 3.84 29.88 6.62
CA GLU D 215 4.42 30.26 7.91
C GLU D 215 3.44 30.95 8.85
N GLU D 216 2.28 31.41 8.36
CA GLU D 216 1.30 32.09 9.21
C GLU D 216 0.23 31.10 9.59
N LYS D 217 0.15 30.79 10.89
CA LYS D 217 -0.85 29.88 11.44
C LYS D 217 -2.02 30.69 11.98
N ASP D 218 -3.17 30.04 12.06
CA ASP D 218 -4.41 30.73 12.39
C ASP D 218 -4.98 30.13 13.67
N LEU D 219 -4.71 30.76 14.81
CA LEU D 219 -5.18 30.26 16.09
C LEU D 219 -6.61 30.71 16.36
N ARG D 220 -7.48 29.76 16.66
CA ARG D 220 -8.90 30.06 16.85
C ARG D 220 -9.43 29.29 18.05
N TYR D 221 -10.63 29.68 18.47
CA TYR D 221 -11.46 28.91 19.38
C TYR D 221 -12.51 28.14 18.59
N CYS D 222 -13.00 27.06 19.17
CA CYS D 222 -13.98 26.24 18.47
C CYS D 222 -15.10 25.76 19.38
N THR D 223 -15.38 26.50 20.46
CA THR D 223 -16.05 26.06 21.68
C THR D 223 -17.33 25.26 21.45
N LYS D 224 -17.33 24.02 21.92
CA LYS D 224 -18.40 23.09 21.61
C LYS D 224 -19.61 23.32 22.49
N HIS D 225 -20.79 23.16 21.89
CA HIS D 225 -22.07 23.39 22.56
C HIS D 225 -22.92 22.13 22.45
N TYR D 226 -22.94 21.36 23.53
CA TYR D 226 -23.76 20.16 23.61
C TYR D 226 -24.78 20.32 24.73
N ASN D 227 -25.72 19.37 24.80
CA ASN D 227 -26.73 19.37 25.84
C ASN D 227 -26.16 19.14 27.24
N THR D 228 -24.99 18.51 27.34
CA THR D 228 -24.24 18.46 28.59
C THR D 228 -23.71 19.84 28.99
N GLY D 229 -23.32 20.66 28.02
CA GLY D 229 -22.84 21.99 28.29
C GLY D 229 -21.85 22.48 27.25
N LYS D 230 -21.05 23.45 27.66
CA LYS D 230 -20.05 24.01 26.78
C LYS D 230 -18.71 23.37 27.10
N PHE D 231 -18.14 22.70 26.10
CA PHE D 231 -16.86 22.04 26.22
C PHE D 231 -15.79 22.85 25.52
N THR D 232 -14.67 23.05 26.20
CA THR D 232 -13.61 23.87 25.64
C THR D 232 -12.87 23.11 24.54
N CYS D 233 -12.50 23.84 23.50
CA CYS D 233 -11.53 23.36 22.52
C CYS D 233 -10.89 24.55 21.87
N ILE D 234 -9.63 24.41 21.52
CA ILE D 234 -8.88 25.44 20.81
C ILE D 234 -8.26 24.80 19.58
N GLU D 235 -8.29 25.51 18.46
CA GLU D 235 -7.83 24.92 17.22
C GLU D 235 -6.71 25.75 16.61
N ALA D 236 -5.81 25.07 15.92
CA ALA D 236 -4.76 25.70 15.12
C ALA D 236 -5.01 25.34 13.67
N ARG D 237 -5.22 26.35 12.84
CA ARG D 237 -5.46 26.17 11.42
C ARG D 237 -4.14 26.33 10.68
N PHE D 238 -3.78 25.32 9.88
CA PHE D 238 -2.58 25.34 9.07
C PHE D 238 -3.00 25.52 7.61
N HIS D 239 -2.34 26.46 6.94
CA HIS D 239 -2.63 26.77 5.54
C HIS D 239 -1.61 26.09 4.65
N LEU D 240 -2.10 25.26 3.74
CA LEU D 240 -1.29 24.53 2.79
C LEU D 240 -1.59 25.03 1.39
N GLU D 241 -0.56 25.09 0.55
CA GLU D 241 -0.72 25.58 -0.82
C GLU D 241 0.05 24.67 -1.75
N ARG D 242 -0.62 24.14 -2.77
CA ARG D 242 -0.01 23.15 -3.63
C ARG D 242 0.90 23.80 -4.65
N GLN D 243 2.10 23.23 -4.80
CA GLN D 243 3.00 23.59 -5.88
C GLN D 243 2.45 23.08 -7.20
N MET D 244 2.58 23.90 -8.25
CA MET D 244 1.92 23.65 -9.52
C MET D 244 2.93 23.37 -10.64
N GLY D 245 4.22 23.57 -10.38
CA GLY D 245 5.19 23.67 -11.45
C GLY D 245 5.43 22.38 -12.22
N TYR D 246 5.13 21.25 -11.60
CA TYR D 246 5.15 19.98 -12.32
C TYR D 246 4.02 19.91 -13.35
N TYR D 247 2.82 20.31 -12.93
CA TYR D 247 1.65 20.21 -13.78
C TYR D 247 1.65 21.24 -14.89
N LEU D 248 2.50 22.28 -14.78
CA LEU D 248 2.70 23.18 -15.90
C LEU D 248 3.42 22.49 -17.03
N ILE D 249 4.65 22.03 -16.79
CA ILE D 249 5.49 21.55 -17.88
C ILE D 249 5.30 20.06 -18.13
N GLN D 250 4.32 19.45 -17.47
CA GLN D 250 4.01 18.06 -17.79
C GLN D 250 2.58 17.85 -18.27
N MET D 251 1.64 18.72 -17.90
CA MET D 251 0.26 18.61 -18.34
C MET D 251 -0.19 19.81 -19.17
N TYR D 252 0.08 21.02 -18.71
CA TYR D 252 -0.48 22.22 -19.34
C TYR D 252 0.26 22.60 -20.61
N ILE D 253 1.60 22.70 -20.52
CA ILE D 253 2.41 23.07 -21.68
C ILE D 253 2.33 22.06 -22.82
N PRO D 254 2.45 20.72 -22.61
CA PRO D 254 2.31 19.82 -23.78
C PRO D 254 0.94 19.84 -24.42
N SER D 255 -0.12 20.02 -23.64
CA SER D 255 -1.46 20.15 -24.22
C SER D 255 -1.60 21.42 -25.03
N LEU D 256 -1.00 22.52 -24.56
CA LEU D 256 -1.06 23.78 -25.30
C LEU D 256 -0.27 23.68 -26.60
N LEU D 257 0.85 22.96 -26.57
CA LEU D 257 1.61 22.71 -27.80
C LEU D 257 0.83 21.83 -28.78
N ILE D 258 0.05 20.87 -28.29
CA ILE D 258 -0.77 20.06 -29.20
C ILE D 258 -1.90 20.89 -29.81
N VAL D 259 -2.45 21.83 -29.03
CA VAL D 259 -3.47 22.74 -29.58
C VAL D 259 -2.87 23.63 -30.68
N ILE D 260 -1.62 24.06 -30.49
CA ILE D 260 -0.93 24.80 -31.56
C ILE D 260 -0.69 23.91 -32.77
N LEU D 261 -0.42 22.62 -32.54
CA LEU D 261 -0.27 21.69 -33.65
C LEU D 261 -1.57 21.51 -34.43
N SER D 262 -2.72 21.60 -33.76
CA SER D 262 -3.97 21.62 -34.50
C SER D 262 -4.20 22.95 -35.19
N TRP D 263 -3.58 24.02 -34.68
CA TRP D 263 -3.67 25.30 -35.38
C TRP D 263 -2.80 25.34 -36.63
N VAL D 264 -1.79 24.45 -36.71
CA VAL D 264 -0.96 24.34 -37.90
C VAL D 264 -1.79 23.88 -39.11
N SER D 265 -2.83 23.07 -38.86
CA SER D 265 -3.63 22.47 -39.93
C SER D 265 -4.46 23.47 -40.72
N PHE D 266 -4.50 24.73 -40.30
CA PHE D 266 -5.26 25.74 -41.02
C PHE D 266 -4.45 26.44 -42.09
N TRP D 267 -3.13 26.46 -41.96
CA TRP D 267 -2.25 27.05 -42.97
C TRP D 267 -1.79 25.99 -43.96
N ILE D 268 -2.74 25.20 -44.48
CA ILE D 268 -2.48 24.15 -45.45
C ILE D 268 -3.53 24.25 -46.55
N ASN D 269 -3.11 24.07 -47.79
CA ASN D 269 -4.01 24.11 -48.94
C ASN D 269 -5.05 22.99 -48.84
N MET D 270 -6.29 23.32 -49.19
CA MET D 270 -7.37 22.35 -49.15
C MET D 270 -7.26 21.37 -50.31
N ASP D 271 -8.08 20.32 -50.23
CA ASP D 271 -8.11 19.14 -51.10
C ASP D 271 -6.84 18.30 -51.04
N ALA D 272 -5.92 18.65 -50.13
CA ALA D 272 -4.78 17.80 -49.79
C ALA D 272 -5.17 17.02 -48.53
N ALA D 273 -5.92 15.95 -48.74
CA ALA D 273 -6.55 15.23 -47.63
C ALA D 273 -5.57 14.49 -46.71
N PRO D 274 -4.69 13.58 -47.18
CA PRO D 274 -3.95 12.75 -46.20
C PRO D 274 -2.88 13.49 -45.44
N ALA D 275 -2.50 14.70 -45.86
CA ALA D 275 -1.57 15.51 -45.10
C ALA D 275 -2.27 16.45 -44.13
N ARG D 276 -3.61 16.41 -44.07
CA ARG D 276 -4.35 17.32 -43.21
C ARG D 276 -5.35 16.54 -42.38
N VAL D 277 -5.83 15.42 -42.91
CA VAL D 277 -6.62 14.49 -42.11
C VAL D 277 -5.72 13.77 -41.11
N GLY D 278 -4.57 13.29 -41.59
CA GLY D 278 -3.66 12.54 -40.72
C GLY D 278 -3.00 13.41 -39.66
N LEU D 279 -2.73 14.66 -39.98
CA LEU D 279 -2.26 15.62 -38.97
C LEU D 279 -3.32 15.85 -37.91
N GLY D 280 -4.53 16.17 -38.33
CA GLY D 280 -5.60 16.47 -37.40
C GLY D 280 -6.04 15.30 -36.57
N ILE D 281 -5.91 14.08 -37.08
CA ILE D 281 -6.27 12.91 -36.27
C ILE D 281 -5.09 12.49 -35.40
N THR D 282 -3.86 12.84 -35.82
CA THR D 282 -2.71 12.51 -34.99
C THR D 282 -2.61 13.46 -33.80
N THR D 283 -3.08 14.70 -33.95
CA THR D 283 -3.17 15.59 -32.80
C THR D 283 -4.25 15.12 -31.82
N VAL D 284 -5.32 14.51 -32.33
CA VAL D 284 -6.34 13.91 -31.46
C VAL D 284 -5.75 12.74 -30.69
N LEU D 285 -4.95 11.90 -31.37
CA LEU D 285 -4.39 10.73 -30.70
C LEU D 285 -3.32 11.14 -29.70
N THR D 286 -2.59 12.21 -29.98
CA THR D 286 -1.56 12.68 -29.07
C THR D 286 -2.16 13.39 -27.87
N MET D 287 -3.27 14.11 -28.07
CA MET D 287 -4.00 14.70 -26.96
C MET D 287 -4.65 13.62 -26.09
N THR D 288 -5.15 12.55 -26.72
CA THR D 288 -5.75 11.46 -25.97
C THR D 288 -4.69 10.70 -25.17
N THR D 289 -3.50 10.51 -25.76
CA THR D 289 -2.40 9.88 -25.04
C THR D 289 -1.90 10.78 -23.91
N GLN D 290 -1.94 12.10 -24.12
CA GLN D 290 -1.54 13.03 -23.06
C GLN D 290 -2.52 13.01 -21.90
N SER D 291 -3.82 12.97 -22.19
CA SER D 291 -4.82 13.02 -21.13
C SER D 291 -4.92 11.69 -20.39
N SER D 292 -4.87 10.58 -21.13
CA SER D 292 -4.97 9.28 -20.48
C SER D 292 -3.68 8.90 -19.78
N GLY D 293 -2.55 9.38 -20.30
CA GLY D 293 -1.27 9.08 -19.66
C GLY D 293 -1.06 9.85 -18.38
N SER D 294 -1.69 11.01 -18.25
CA SER D 294 -1.57 11.84 -17.06
C SER D 294 -2.64 11.51 -16.03
N ARG D 295 -3.39 10.44 -16.23
CA ARG D 295 -4.50 10.06 -15.36
C ARG D 295 -4.05 9.36 -14.09
N ALA D 296 -3.02 8.52 -14.17
CA ALA D 296 -2.56 7.79 -13.00
C ALA D 296 -1.76 8.65 -12.02
N SER D 297 -1.33 9.85 -12.44
CA SER D 297 -0.59 10.73 -11.54
C SER D 297 -1.52 11.60 -10.72
N LEU D 298 -2.60 12.09 -11.32
CA LEU D 298 -3.56 12.95 -10.65
C LEU D 298 -4.37 12.13 -9.64
N PRO D 299 -4.92 12.78 -8.60
CA PRO D 299 -5.62 12.03 -7.55
C PRO D 299 -6.90 11.37 -8.03
N LYS D 300 -7.42 10.50 -7.16
CA LYS D 300 -8.54 9.62 -7.50
C LYS D 300 -9.86 10.18 -7.04
N VAL D 301 -10.04 11.50 -7.08
CA VAL D 301 -11.36 12.06 -6.85
C VAL D 301 -12.23 11.80 -8.07
N SER D 302 -13.54 11.66 -7.85
CA SER D 302 -14.47 11.32 -8.92
C SER D 302 -15.36 12.49 -9.28
N TYR D 303 -14.83 13.71 -9.26
CA TYR D 303 -15.59 14.88 -9.68
C TYR D 303 -14.68 15.80 -10.48
N VAL D 304 -15.32 16.78 -11.11
CA VAL D 304 -14.63 17.63 -12.07
C VAL D 304 -13.71 18.59 -11.33
N LYS D 305 -12.41 18.49 -11.63
CA LYS D 305 -11.40 19.38 -11.08
C LYS D 305 -10.76 20.17 -12.22
N ALA D 306 -10.00 21.20 -11.84
CA ALA D 306 -9.65 22.26 -12.77
C ALA D 306 -8.65 21.83 -13.84
N ILE D 307 -7.97 20.70 -13.67
CA ILE D 307 -7.11 20.18 -14.73
C ILE D 307 -7.91 19.35 -15.74
N ASP D 308 -9.03 18.75 -15.31
CA ASP D 308 -9.89 18.02 -16.22
C ASP D 308 -10.65 18.94 -17.16
N ILE D 309 -10.91 20.18 -16.74
CA ILE D 309 -11.51 21.16 -17.63
C ILE D 309 -10.50 21.59 -18.70
N TRP D 310 -9.24 21.73 -18.31
CA TRP D 310 -8.19 22.05 -19.28
C TRP D 310 -8.01 20.93 -20.29
N MET D 311 -7.99 19.67 -19.83
CA MET D 311 -7.84 18.55 -20.76
C MET D 311 -9.09 18.37 -21.62
N ALA D 312 -10.26 18.69 -21.07
CA ALA D 312 -11.50 18.55 -21.82
C ALA D 312 -11.61 19.60 -22.92
N VAL D 313 -11.32 20.86 -22.60
CA VAL D 313 -11.43 21.92 -23.59
C VAL D 313 -10.30 21.83 -24.60
N CYS D 314 -9.09 21.47 -24.14
CA CYS D 314 -8.01 21.20 -25.08
C CYS D 314 -8.22 19.94 -25.89
N LEU D 315 -9.17 19.08 -25.51
CA LEU D 315 -9.61 18.04 -26.42
C LEU D 315 -10.69 18.54 -27.38
N LEU D 316 -11.54 19.47 -26.94
CA LEU D 316 -12.61 19.96 -27.80
C LEU D 316 -12.08 20.86 -28.91
N PHE D 317 -10.95 21.53 -28.69
CA PHE D 317 -10.41 22.35 -29.77
C PHE D 317 -9.68 21.50 -30.80
N VAL D 318 -8.95 20.48 -30.35
CA VAL D 318 -8.25 19.58 -31.27
C VAL D 318 -9.23 18.76 -32.08
N PHE D 319 -10.30 18.29 -31.43
CA PHE D 319 -11.43 17.69 -32.14
C PHE D 319 -12.13 18.69 -33.04
N SER D 320 -12.21 19.95 -32.62
CA SER D 320 -12.92 20.97 -33.39
C SER D 320 -12.17 21.34 -34.66
N ALA D 321 -10.86 21.12 -34.70
CA ALA D 321 -10.09 21.35 -35.92
C ALA D 321 -10.45 20.34 -37.00
N LEU D 322 -10.47 19.06 -36.64
CA LEU D 322 -10.79 18.04 -37.65
C LEU D 322 -12.27 18.07 -38.00
N LEU D 323 -13.12 18.45 -37.05
CA LEU D 323 -14.53 18.64 -37.39
C LEU D 323 -14.70 19.82 -38.33
N GLU D 324 -13.86 20.85 -38.16
CA GLU D 324 -13.89 22.01 -39.05
C GLU D 324 -13.48 21.61 -40.46
N TYR D 325 -12.39 20.85 -40.60
CA TYR D 325 -12.00 20.37 -41.93
C TYR D 325 -12.99 19.34 -42.48
N ALA D 326 -13.70 18.64 -41.59
CA ALA D 326 -14.75 17.73 -42.02
C ALA D 326 -15.94 18.50 -42.59
N ALA D 327 -16.12 19.75 -42.16
CA ALA D 327 -17.06 20.62 -42.86
C ALA D 327 -16.48 21.16 -44.16
N VAL D 328 -15.21 21.60 -44.13
CA VAL D 328 -14.59 22.32 -45.26
C VAL D 328 -14.47 21.41 -46.47
N ASN D 329 -14.11 20.15 -46.26
CA ASN D 329 -13.91 19.21 -47.37
C ASN D 329 -15.24 18.88 -48.04
N PHE D 330 -16.34 18.88 -47.29
CA PHE D 330 -17.65 18.64 -47.88
C PHE D 330 -18.20 19.88 -48.57
N ILE D 331 -17.83 21.08 -48.07
CA ILE D 331 -18.24 22.30 -48.76
C ILE D 331 -17.51 22.43 -50.10
N ALA D 332 -16.20 22.20 -50.09
CA ALA D 332 -15.41 22.37 -51.31
C ALA D 332 -15.42 21.10 -52.16
N ARG D 333 -16.05 20.04 -51.68
CA ARG D 333 -16.01 18.78 -52.41
C ARG D 333 -17.01 18.75 -53.57
N ALA D 334 -18.09 19.55 -53.48
CA ALA D 334 -19.10 19.57 -54.52
C ALA D 334 -18.57 20.21 -55.81
N GLY D 335 -18.01 21.42 -55.69
CA GLY D 335 -17.36 22.05 -56.82
C GLY D 335 -18.10 23.27 -57.36
N THR D 336 -17.67 24.45 -56.93
CA THR D 336 -18.16 25.76 -57.34
C THR D 336 -17.25 26.82 -56.76
N LYS D 337 -17.13 27.92 -57.54
CA LYS D 337 -16.28 29.08 -57.27
C LYS D 337 -16.74 29.66 -55.96
N LEU D 338 -18.05 29.62 -55.74
CA LEU D 338 -18.64 30.00 -54.46
C LEU D 338 -18.14 28.98 -53.43
N PHE D 339 -18.10 27.71 -53.82
CA PHE D 339 -17.57 26.65 -53.00
C PHE D 339 -16.09 26.91 -52.71
N ILE D 340 -15.27 27.39 -53.66
CA ILE D 340 -13.91 27.62 -53.21
C ILE D 340 -13.81 28.92 -52.42
N SER D 341 -14.63 29.91 -52.79
CA SER D 341 -14.71 31.13 -52.00
C SER D 341 -15.34 30.88 -50.64
N ARG D 342 -16.31 29.97 -50.58
CA ARG D 342 -16.92 29.62 -49.32
C ARG D 342 -15.98 28.79 -48.46
N ALA D 343 -15.19 27.91 -49.10
CA ALA D 343 -14.21 27.10 -48.39
C ALA D 343 -13.07 27.94 -47.85
N LYS D 344 -12.59 28.84 -48.70
CA LYS D 344 -11.51 29.75 -48.39
C LYS D 344 -11.96 30.69 -47.29
N ARG D 345 -13.22 31.13 -47.36
CA ARG D 345 -13.76 32.02 -46.34
C ARG D 345 -13.81 31.34 -44.98
N ILE D 346 -14.22 30.08 -44.96
CA ILE D 346 -14.30 29.32 -43.71
C ILE D 346 -12.93 29.18 -43.09
N ASP D 347 -11.93 28.88 -43.92
CA ASP D 347 -10.56 28.74 -43.46
C ASP D 347 -10.04 30.08 -42.94
N THR D 348 -10.40 31.13 -43.67
CA THR D 348 -10.00 32.49 -43.34
C THR D 348 -10.58 32.87 -41.98
N VAL D 349 -11.83 32.48 -41.73
CA VAL D 349 -12.40 32.80 -40.42
C VAL D 349 -11.79 31.93 -39.33
N SER D 350 -11.66 30.64 -39.62
CA SER D 350 -11.12 29.67 -38.68
C SER D 350 -9.67 29.86 -38.27
N ARG D 351 -8.85 30.34 -39.18
CA ARG D 351 -7.42 30.55 -38.95
C ARG D 351 -7.14 31.59 -37.88
N VAL D 352 -7.97 32.61 -37.88
CA VAL D 352 -8.02 33.69 -36.91
C VAL D 352 -8.86 33.42 -35.65
N ALA D 353 -10.01 32.79 -35.87
CA ALA D 353 -11.00 32.51 -34.83
C ALA D 353 -10.67 31.57 -33.65
N PHE D 354 -10.00 30.45 -33.90
CA PHE D 354 -9.74 29.50 -32.82
C PHE D 354 -8.65 29.94 -31.83
N PRO D 355 -7.56 30.63 -32.21
CA PRO D 355 -6.73 31.24 -31.16
C PRO D 355 -7.41 32.34 -30.36
N LEU D 356 -8.43 33.01 -30.92
CA LEU D 356 -9.18 33.96 -30.12
C LEU D 356 -10.05 33.27 -29.09
N VAL D 357 -10.67 32.15 -29.48
CA VAL D 357 -11.51 31.40 -28.54
C VAL D 357 -10.65 30.75 -27.46
N PHE D 358 -9.49 30.23 -27.84
CA PHE D 358 -8.56 29.67 -26.86
C PHE D 358 -7.93 30.76 -26.00
N LEU D 359 -7.88 32.00 -26.50
CA LEU D 359 -7.38 33.09 -25.70
C LEU D 359 -8.43 33.57 -24.70
N ILE D 360 -9.71 33.58 -25.08
CA ILE D 360 -10.78 33.94 -24.14
C ILE D 360 -10.92 32.89 -23.05
N PHE D 361 -10.90 31.60 -23.44
CA PHE D 361 -10.89 30.53 -22.45
C PHE D 361 -9.62 30.56 -21.62
N ASN D 362 -8.50 30.94 -22.23
CA ASN D 362 -7.24 30.95 -21.52
C ASN D 362 -7.16 32.11 -20.51
N ILE D 363 -7.88 33.20 -20.75
CA ILE D 363 -7.95 34.26 -19.75
C ILE D 363 -8.93 33.89 -18.64
N PHE D 364 -10.14 33.42 -19.02
CA PHE D 364 -11.19 33.09 -18.06
C PHE D 364 -10.77 31.94 -17.14
N TYR D 365 -9.96 31.02 -17.67
CA TYR D 365 -9.50 29.88 -16.91
C TYR D 365 -8.56 30.30 -15.78
N TRP D 366 -7.49 31.03 -16.12
CA TRP D 366 -6.49 31.36 -15.11
C TRP D 366 -6.95 32.44 -14.16
N ILE D 367 -7.84 33.33 -14.61
CA ILE D 367 -8.47 34.24 -13.64
C ILE D 367 -9.35 33.46 -12.68
N THR D 368 -10.16 32.53 -13.23
CA THR D 368 -11.17 31.84 -12.44
C THR D 368 -10.54 30.92 -11.39
N TYR D 369 -9.52 30.17 -11.78
CA TYR D 369 -8.96 29.21 -10.84
C TYR D 369 -7.70 29.74 -10.16
N LYS D 370 -7.01 30.70 -10.78
CA LYS D 370 -5.76 31.18 -10.22
C LYS D 370 -5.91 32.49 -9.47
N LEU D 371 -6.73 33.41 -9.95
CA LEU D 371 -6.77 34.75 -9.37
C LEU D 371 -7.52 34.80 -8.05
N VAL D 372 -8.72 34.22 -8.01
CA VAL D 372 -9.55 34.25 -6.81
C VAL D 372 -8.99 33.34 -5.73
N PRO E 33 -13.83 12.92 49.78
CA PRO E 33 -15.29 12.89 49.89
C PRO E 33 -16.07 12.69 48.56
N PRO E 34 -15.62 13.22 47.38
CA PRO E 34 -16.26 12.77 46.14
C PRO E 34 -15.97 11.32 45.77
N SER E 35 -14.70 10.96 45.65
CA SER E 35 -14.36 9.67 45.04
C SER E 35 -14.36 8.52 46.04
N GLU E 36 -14.42 8.80 47.35
CA GLU E 36 -14.51 7.74 48.34
C GLU E 36 -15.93 7.31 48.61
N PHE E 37 -16.90 7.80 47.82
CA PHE E 37 -18.27 7.33 47.87
C PHE E 37 -18.57 6.25 46.84
N LEU E 38 -17.87 6.26 45.70
CA LEU E 38 -17.99 5.16 44.74
C LEU E 38 -17.33 3.89 45.25
N ASP E 39 -16.30 4.01 46.09
CA ASP E 39 -15.74 2.82 46.72
C ASP E 39 -16.67 2.28 47.78
N LYS E 40 -17.47 3.16 48.39
CA LYS E 40 -18.50 2.72 49.33
C LYS E 40 -19.65 2.04 48.61
N LEU E 41 -19.91 2.41 47.35
CA LEU E 41 -21.08 1.95 46.62
C LEU E 41 -20.79 0.75 45.71
N MET E 42 -19.55 0.58 45.25
CA MET E 42 -19.23 -0.54 44.37
C MET E 42 -18.06 -1.37 44.87
N GLY E 43 -17.65 -1.22 46.12
CA GLY E 43 -16.47 -1.88 46.64
C GLY E 43 -16.77 -3.25 47.20
N LYS E 44 -15.87 -3.70 48.08
CA LYS E 44 -16.06 -5.00 48.73
C LYS E 44 -17.10 -4.92 49.82
N VAL E 45 -17.40 -3.71 50.30
CA VAL E 45 -18.39 -3.52 51.37
C VAL E 45 -19.79 -3.78 50.83
N SER E 46 -20.20 -2.98 49.84
CA SER E 46 -21.50 -3.18 49.22
C SER E 46 -21.47 -4.40 48.31
N GLY E 47 -22.64 -4.99 48.11
CA GLY E 47 -22.74 -6.23 47.37
C GLY E 47 -22.96 -6.06 45.89
N TYR E 48 -22.34 -5.06 45.30
CA TYR E 48 -22.44 -4.87 43.86
C TYR E 48 -21.56 -5.91 43.16
N ASP E 49 -22.12 -6.62 42.20
CA ASP E 49 -21.39 -7.59 41.41
C ASP E 49 -21.27 -7.06 39.99
N ALA E 50 -20.04 -6.99 39.49
CA ALA E 50 -19.79 -6.29 38.23
C ALA E 50 -20.27 -7.10 37.03
N ARG E 51 -20.33 -8.42 37.14
CA ARG E 51 -20.71 -9.27 36.03
C ARG E 51 -22.11 -9.87 36.21
N ILE E 52 -22.97 -9.20 36.97
CA ILE E 52 -24.39 -9.53 37.05
C ILE E 52 -25.17 -8.32 36.57
N ARG E 53 -26.08 -8.53 35.61
CA ARG E 53 -26.81 -7.45 34.98
C ARG E 53 -27.80 -6.81 35.96
N PRO E 54 -28.18 -5.55 35.72
CA PRO E 54 -29.23 -4.95 36.54
C PRO E 54 -30.56 -5.64 36.26
N ASN E 55 -31.44 -5.60 37.28
CA ASN E 55 -32.73 -6.26 37.28
C ASN E 55 -32.58 -7.74 36.92
N PHE E 56 -31.67 -8.41 37.61
CA PHE E 56 -31.32 -9.79 37.29
C PHE E 56 -32.48 -10.71 37.62
N LYS E 57 -32.73 -11.66 36.71
CA LYS E 57 -33.93 -12.49 36.69
C LYS E 57 -35.20 -11.65 36.72
N GLY E 58 -35.21 -10.56 35.96
CA GLY E 58 -36.34 -9.68 35.87
C GLY E 58 -36.54 -9.16 34.47
N PRO E 59 -36.94 -7.89 34.35
CA PRO E 59 -37.12 -7.28 33.03
C PRO E 59 -35.79 -7.09 32.34
N PRO E 60 -35.77 -7.14 31.01
CA PRO E 60 -34.54 -6.84 30.27
C PRO E 60 -34.21 -5.36 30.34
N VAL E 61 -32.93 -5.06 30.60
CA VAL E 61 -32.48 -3.67 30.73
C VAL E 61 -32.53 -2.99 29.38
N ASN E 62 -33.03 -1.76 29.36
CA ASN E 62 -33.14 -1.02 28.11
C ASN E 62 -31.85 -0.25 27.91
N VAL E 63 -31.30 -0.27 26.70
CA VAL E 63 -30.11 0.52 26.41
C VAL E 63 -30.46 1.51 25.31
N THR E 64 -30.56 2.78 25.67
CA THR E 64 -30.79 3.85 24.72
C THR E 64 -29.43 4.35 24.26
N CYS E 65 -29.06 3.99 23.04
CA CYS E 65 -27.73 4.26 22.52
C CYS E 65 -27.82 5.07 21.24
N ASN E 66 -26.89 5.99 21.07
CA ASN E 66 -26.82 6.87 19.92
C ASN E 66 -25.37 7.12 19.53
N ILE E 67 -25.18 7.47 18.25
CA ILE E 67 -23.89 7.48 17.59
C ILE E 67 -23.65 8.86 16.99
N PHE E 68 -22.47 9.42 17.26
CA PHE E 68 -22.03 10.63 16.60
C PHE E 68 -20.80 10.29 15.76
N ILE E 69 -20.84 10.66 14.49
CA ILE E 69 -19.77 10.34 13.55
C ILE E 69 -18.85 11.55 13.40
N ASN E 70 -17.58 11.35 13.74
CA ASN E 70 -16.56 12.38 13.58
C ASN E 70 -15.97 12.33 12.18
N SER E 71 -15.38 11.21 11.84
CA SER E 71 -14.78 10.98 10.54
C SER E 71 -15.50 9.82 9.87
N PHE E 72 -15.49 9.81 8.54
CA PHE E 72 -16.21 8.78 7.82
C PHE E 72 -15.50 8.56 6.49
N GLY E 73 -15.19 7.31 6.20
CA GLY E 73 -14.86 6.93 4.84
C GLY E 73 -13.40 6.72 4.52
N SER E 74 -13.00 5.47 4.50
CA SER E 74 -11.82 5.04 3.77
C SER E 74 -12.30 3.93 2.86
N ILE E 75 -13.38 4.24 2.15
CA ILE E 75 -14.18 3.30 1.38
C ILE E 75 -13.38 2.62 0.29
N ALA E 76 -13.24 1.31 0.39
CA ALA E 76 -12.40 0.53 -0.53
C ALA E 76 -13.21 -0.63 -1.06
N GLU E 77 -13.17 -0.81 -2.38
CA GLU E 77 -13.75 -1.99 -3.01
C GLU E 77 -12.79 -3.17 -3.03
N THR E 78 -11.52 -2.95 -2.69
CA THR E 78 -10.56 -4.05 -2.64
C THR E 78 -10.86 -4.97 -1.47
N THR E 79 -11.14 -4.40 -0.31
CA THR E 79 -11.45 -5.17 0.89
C THR E 79 -12.91 -5.10 1.30
N MET E 80 -13.74 -4.36 0.56
CA MET E 80 -15.19 -4.25 0.76
C MET E 80 -15.54 -3.78 2.17
N ASP E 81 -14.99 -2.63 2.55
CA ASP E 81 -15.19 -2.10 3.89
C ASP E 81 -14.97 -0.59 3.86
N TYR E 82 -15.23 0.03 5.01
CA TYR E 82 -15.00 1.45 5.20
C TYR E 82 -14.57 1.67 6.64
N ARG E 83 -14.22 2.90 6.97
N ARG E 83 -14.20 2.90 6.96
CA ARG E 83 -13.80 3.27 8.30
CA ARG E 83 -13.75 3.28 8.29
C ARG E 83 -14.65 4.42 8.83
C ARG E 83 -14.57 4.45 8.84
N VAL E 84 -14.91 4.38 10.13
CA VAL E 84 -15.70 5.43 10.76
C VAL E 84 -15.22 5.62 12.20
N ASN E 85 -15.06 6.87 12.61
CA ASN E 85 -14.63 7.21 13.95
C ASN E 85 -15.84 7.79 14.67
N ILE E 86 -16.32 7.10 15.71
CA ILE E 86 -17.57 7.49 16.33
C ILE E 86 -17.38 7.76 17.82
N PHE E 87 -18.25 8.62 18.34
CA PHE E 87 -18.65 8.61 19.75
C PHE E 87 -19.87 7.71 19.88
N LEU E 88 -19.72 6.63 20.64
CA LEU E 88 -20.84 5.76 20.99
C LEU E 88 -21.28 6.09 22.41
N ARG E 89 -22.49 6.63 22.55
CA ARG E 89 -23.05 6.86 23.87
C ARG E 89 -24.18 5.86 24.09
N GLN E 90 -24.17 5.20 25.24
CA GLN E 90 -25.21 4.24 25.57
C GLN E 90 -25.62 4.43 27.02
N GLN E 91 -26.94 4.47 27.24
CA GLN E 91 -27.53 4.83 28.53
C GLN E 91 -28.39 3.66 29.00
N TRP E 92 -28.27 3.30 30.27
CA TRP E 92 -29.15 2.28 30.82
C TRP E 92 -29.46 2.62 32.27
N ASN E 93 -30.23 1.76 32.92
CA ASN E 93 -30.61 1.95 34.31
C ASN E 93 -30.02 0.82 35.14
N ASP E 94 -29.37 1.19 36.24
CA ASP E 94 -28.82 0.21 37.19
C ASP E 94 -29.37 0.58 38.55
N PRO E 95 -30.41 -0.12 39.04
CA PRO E 95 -31.10 0.33 40.27
C PRO E 95 -30.27 0.18 41.52
N ARG E 96 -29.26 -0.67 41.52
CA ARG E 96 -28.37 -0.83 42.66
C ARG E 96 -27.18 0.13 42.63
N LEU E 97 -27.32 1.23 41.90
CA LEU E 97 -26.38 2.34 41.96
C LEU E 97 -27.05 3.65 42.34
N ALA E 98 -28.33 3.63 42.69
CA ALA E 98 -29.01 4.83 43.17
C ALA E 98 -28.50 5.21 44.55
N TYR E 99 -28.54 6.52 44.83
CA TYR E 99 -27.99 7.03 46.07
C TYR E 99 -28.72 8.31 46.42
N SER E 100 -28.60 8.72 47.68
CA SER E 100 -29.14 10.00 48.12
C SER E 100 -28.21 10.77 49.04
N GLU E 101 -27.18 10.16 49.61
CA GLU E 101 -26.31 10.86 50.55
C GLU E 101 -25.04 11.37 49.84
N TYR E 102 -25.28 12.26 48.87
CA TYR E 102 -24.23 12.97 48.16
C TYR E 102 -24.88 14.16 47.49
N PRO E 103 -24.26 15.36 47.53
CA PRO E 103 -25.03 16.59 47.25
C PRO E 103 -25.53 16.77 45.83
N ASP E 104 -24.73 16.46 44.82
CA ASP E 104 -25.11 16.78 43.44
C ASP E 104 -25.81 15.59 42.78
N ASP E 105 -26.30 15.83 41.57
CA ASP E 105 -27.03 14.80 40.85
C ASP E 105 -26.09 13.79 40.21
N SER E 106 -25.21 14.25 39.33
CA SER E 106 -24.35 13.36 38.56
C SER E 106 -23.04 13.10 39.29
N LEU E 107 -22.62 11.84 39.28
CA LEU E 107 -21.38 11.39 39.90
C LEU E 107 -20.63 10.53 38.89
N ASP E 108 -19.52 11.04 38.39
CA ASP E 108 -18.78 10.39 37.32
C ASP E 108 -17.83 9.33 37.86
N LEU E 109 -17.51 8.35 37.01
CA LEU E 109 -16.61 7.27 37.35
C LEU E 109 -15.35 7.34 36.50
N ASP E 110 -14.21 7.08 37.12
CA ASP E 110 -12.90 7.14 36.49
C ASP E 110 -12.76 6.01 35.46
N PRO E 111 -12.12 6.29 34.31
CA PRO E 111 -11.98 5.24 33.28
C PRO E 111 -11.07 4.09 33.68
N SER E 112 -10.28 4.22 34.74
CA SER E 112 -9.49 3.08 35.20
C SER E 112 -10.32 2.10 36.02
N MET E 113 -11.53 2.49 36.44
CA MET E 113 -12.37 1.68 37.32
C MET E 113 -13.56 1.08 36.60
N LEU E 114 -13.53 1.05 35.26
CA LEU E 114 -14.69 0.61 34.50
C LEU E 114 -14.90 -0.89 34.54
N ASP E 115 -13.93 -1.64 35.03
CA ASP E 115 -14.17 -3.05 35.31
C ASP E 115 -14.96 -3.27 36.59
N SER E 116 -15.21 -2.22 37.37
CA SER E 116 -15.95 -2.34 38.62
C SER E 116 -17.46 -2.17 38.45
N ILE E 117 -17.93 -1.94 37.23
CA ILE E 117 -19.33 -1.67 36.95
C ILE E 117 -19.80 -2.58 35.82
N TRP E 118 -21.09 -2.91 35.82
CA TRP E 118 -21.67 -3.65 34.71
C TRP E 118 -21.71 -2.77 33.48
N LYS E 119 -21.39 -3.34 32.33
CA LYS E 119 -21.52 -2.68 31.04
C LYS E 119 -22.15 -3.69 30.08
N PRO E 120 -22.91 -3.21 29.10
CA PRO E 120 -23.46 -4.14 28.10
C PRO E 120 -22.35 -4.72 27.24
N ASP E 121 -22.57 -5.95 26.77
CA ASP E 121 -21.63 -6.62 25.89
C ASP E 121 -21.94 -6.32 24.41
N LEU E 122 -22.09 -5.04 24.11
CA LEU E 122 -22.34 -4.59 22.76
C LEU E 122 -21.09 -4.82 21.90
N PHE E 123 -21.30 -5.33 20.69
CA PHE E 123 -20.23 -5.37 19.71
C PHE E 123 -20.86 -4.99 18.38
N PHE E 124 -20.02 -4.83 17.37
CA PHE E 124 -20.49 -4.45 16.05
C PHE E 124 -20.40 -5.66 15.14
N ALA E 125 -21.55 -6.05 14.58
CA ALA E 125 -21.65 -7.35 13.93
C ALA E 125 -20.98 -7.38 12.57
N ASN E 126 -20.58 -6.24 12.03
CA ASN E 126 -19.93 -6.20 10.72
C ASN E 126 -18.58 -5.51 10.76
N GLU E 127 -17.90 -5.54 11.90
CA GLU E 127 -16.59 -4.91 12.00
C GLU E 127 -15.51 -5.89 11.54
N LYS E 128 -14.43 -5.33 10.99
CA LYS E 128 -13.29 -6.10 10.54
C LYS E 128 -12.04 -5.77 11.35
N GLY E 129 -12.21 -5.05 12.44
CA GLY E 129 -11.12 -4.53 13.23
C GLY E 129 -11.51 -3.16 13.72
N ALA E 130 -11.21 -2.90 14.98
CA ALA E 130 -11.66 -1.68 15.64
C ALA E 130 -10.84 -1.47 16.90
N ASN E 131 -10.71 -0.22 17.32
CA ASN E 131 -9.94 0.05 18.52
C ASN E 131 -10.47 1.27 19.27
N PHE E 132 -10.01 1.41 20.50
CA PHE E 132 -10.31 2.54 21.35
C PHE E 132 -9.32 3.68 21.07
N HIS E 133 -9.40 4.72 21.89
CA HIS E 133 -8.45 5.83 21.85
C HIS E 133 -8.02 6.15 23.27
N GLU E 134 -6.73 6.40 23.46
CA GLU E 134 -6.19 6.52 24.80
C GLU E 134 -5.21 7.69 24.91
N VAL E 135 -5.22 8.60 23.96
CA VAL E 135 -4.20 9.63 23.86
C VAL E 135 -4.51 10.77 24.82
N THR E 136 -3.56 11.02 25.74
CA THR E 136 -3.43 12.03 26.79
C THR E 136 -4.35 11.71 27.98
N THR E 137 -5.32 10.82 27.76
CA THR E 137 -6.25 10.25 28.74
C THR E 137 -7.02 9.21 27.96
N ASP E 138 -7.40 8.11 28.58
CA ASP E 138 -8.29 7.14 27.95
C ASP E 138 -9.64 7.79 27.65
N ASN E 139 -10.01 7.79 26.37
CA ASN E 139 -11.21 8.49 25.92
C ASN E 139 -12.49 7.71 26.22
N LYS E 140 -12.78 7.51 27.49
CA LYS E 140 -14.00 6.87 27.94
C LYS E 140 -14.65 7.77 28.99
N LEU E 141 -15.95 7.59 29.17
CA LEU E 141 -16.70 8.47 30.07
C LEU E 141 -17.86 7.66 30.62
N LEU E 142 -17.99 7.61 31.93
CA LEU E 142 -19.15 7.01 32.56
C LEU E 142 -19.64 7.92 33.68
N ARG E 143 -20.95 8.05 33.78
CA ARG E 143 -21.58 9.02 34.66
C ARG E 143 -22.82 8.39 35.27
N ILE E 144 -22.83 8.23 36.58
CA ILE E 144 -23.95 7.65 37.29
C ILE E 144 -24.81 8.77 37.88
N SER E 145 -26.08 8.78 37.54
CA SER E 145 -27.00 9.80 38.04
C SER E 145 -27.48 9.44 39.43
N LYS E 146 -28.19 10.40 40.05
CA LYS E 146 -28.81 10.16 41.34
C LYS E 146 -29.96 9.18 41.21
N ASN E 147 -30.61 9.17 40.05
CA ASN E 147 -31.68 8.24 39.74
C ASN E 147 -31.20 6.80 39.69
N GLY E 148 -29.93 6.58 39.37
CA GLY E 148 -29.45 5.27 39.05
C GLY E 148 -29.22 5.05 37.58
N ASN E 149 -29.36 6.08 36.77
CA ASN E 149 -29.11 6.00 35.34
C ASN E 149 -27.62 6.11 35.08
N VAL E 150 -27.13 5.32 34.13
CA VAL E 150 -25.73 5.29 33.77
C VAL E 150 -25.60 5.74 32.32
N LEU E 151 -24.74 6.73 32.09
CA LEU E 151 -24.40 7.22 30.77
C LEU E 151 -22.96 6.81 30.48
N TYR E 152 -22.74 6.13 29.35
CA TYR E 152 -21.43 5.62 29.01
C TYR E 152 -21.09 5.99 27.58
N SER E 153 -20.17 6.93 27.42
CA SER E 153 -19.77 7.46 26.12
C SER E 153 -18.32 7.13 25.85
N ILE E 154 -18.04 6.52 24.70
CA ILE E 154 -16.70 6.16 24.29
C ILE E 154 -16.45 6.69 22.89
N ARG E 155 -15.19 6.63 22.47
CA ARG E 155 -14.77 7.11 21.16
C ARG E 155 -13.91 6.05 20.52
N ILE E 156 -14.43 5.40 19.48
CA ILE E 156 -13.78 4.23 18.89
C ILE E 156 -13.67 4.40 17.38
N THR E 157 -12.66 3.76 16.81
CA THR E 157 -12.42 3.77 15.39
C THR E 157 -12.72 2.39 14.82
N LEU E 158 -13.44 2.36 13.71
CA LEU E 158 -14.10 1.16 13.21
C LEU E 158 -13.71 0.91 11.76
N VAL E 159 -13.45 -0.36 11.45
CA VAL E 159 -13.38 -0.79 10.06
C VAL E 159 -14.56 -1.73 9.84
N LEU E 160 -15.63 -1.19 9.26
CA LEU E 160 -16.88 -1.90 9.12
C LEU E 160 -17.03 -2.45 7.70
N ALA E 161 -17.49 -3.69 7.60
CA ALA E 161 -17.64 -4.36 6.32
C ALA E 161 -18.99 -4.01 5.71
N CYS E 162 -18.96 -3.50 4.47
CA CYS E 162 -20.18 -3.42 3.68
C CYS E 162 -19.92 -4.00 2.30
N PRO E 163 -20.66 -5.02 1.88
CA PRO E 163 -20.47 -5.57 0.55
C PRO E 163 -21.02 -4.62 -0.51
N MET E 164 -20.33 -4.56 -1.64
CA MET E 164 -20.66 -3.62 -2.69
C MET E 164 -20.95 -4.35 -3.98
N ASP E 165 -21.88 -3.80 -4.76
CA ASP E 165 -22.20 -4.31 -6.08
C ASP E 165 -21.93 -3.19 -7.08
N LEU E 166 -20.79 -3.29 -7.78
CA LEU E 166 -20.37 -2.27 -8.72
C LEU E 166 -20.86 -2.53 -10.13
N LYS E 167 -22.02 -3.19 -10.27
CA LYS E 167 -22.56 -3.50 -11.58
C LYS E 167 -23.00 -2.24 -12.31
N ASN E 168 -23.39 -1.21 -11.56
CA ASN E 168 -23.88 0.04 -12.14
C ASN E 168 -22.83 1.14 -12.11
N PHE E 169 -21.55 0.80 -12.11
CA PHE E 169 -20.49 1.78 -11.99
C PHE E 169 -20.42 2.63 -13.26
N PRO E 170 -20.26 3.97 -13.14
CA PRO E 170 -20.15 4.83 -11.95
C PRO E 170 -21.47 5.26 -11.32
N MET E 171 -22.60 5.07 -12.00
CA MET E 171 -23.87 5.63 -11.53
C MET E 171 -24.57 4.64 -10.58
N ASP E 172 -23.83 4.21 -9.58
CA ASP E 172 -24.30 3.22 -8.62
C ASP E 172 -24.56 3.87 -7.27
N VAL E 173 -25.47 3.26 -6.50
CA VAL E 173 -25.83 3.71 -5.17
C VAL E 173 -25.50 2.59 -4.20
N GLN E 174 -24.67 2.89 -3.20
CA GLN E 174 -24.26 1.92 -2.21
C GLN E 174 -25.04 2.15 -0.92
N THR E 175 -25.16 1.09 -0.12
CA THR E 175 -25.87 1.16 1.16
C THR E 175 -24.98 0.42 2.17
N CYS E 176 -24.20 1.18 2.92
CA CYS E 176 -23.30 0.59 3.91
C CYS E 176 -23.92 0.74 5.29
N ILE E 177 -24.00 -0.38 6.02
CA ILE E 177 -24.81 -0.46 7.23
C ILE E 177 -23.90 -0.46 8.45
N MET E 178 -24.52 -0.46 9.63
CA MET E 178 -23.76 -0.39 10.87
C MET E 178 -24.62 -1.04 11.96
N GLN E 179 -24.25 -2.25 12.37
CA GLN E 179 -25.06 -3.07 13.26
C GLN E 179 -24.51 -3.04 14.66
N LEU E 180 -25.39 -3.01 15.65
CA LEU E 180 -25.06 -2.95 17.07
C LEU E 180 -25.74 -4.12 17.76
N GLU E 181 -24.95 -5.13 18.15
CA GLU E 181 -25.53 -6.39 18.59
C GLU E 181 -25.00 -6.77 19.96
N SER E 182 -25.89 -7.31 20.81
CA SER E 182 -25.47 -7.94 22.05
C SER E 182 -24.75 -9.25 21.77
N PHE E 183 -23.74 -9.55 22.58
CA PHE E 183 -22.87 -10.68 22.32
C PHE E 183 -23.27 -11.94 23.07
N GLY E 184 -23.70 -11.82 24.32
CA GLY E 184 -23.98 -13.00 25.11
C GLY E 184 -25.30 -12.98 25.84
N TYR E 185 -25.96 -11.82 25.88
CA TYR E 185 -27.26 -11.68 26.51
C TYR E 185 -28.34 -11.72 25.44
N THR E 186 -29.36 -12.55 25.64
CA THR E 186 -30.47 -12.61 24.71
C THR E 186 -31.41 -11.43 24.95
N MET E 187 -32.51 -11.41 24.20
CA MET E 187 -33.46 -10.31 24.33
C MET E 187 -34.30 -10.43 25.61
N ASN E 188 -34.30 -11.59 26.26
CA ASN E 188 -34.88 -11.70 27.59
C ASN E 188 -34.00 -11.09 28.68
N ASP E 189 -32.80 -10.60 28.34
CA ASP E 189 -31.89 -10.01 29.30
C ASP E 189 -31.47 -8.60 28.92
N LEU E 190 -31.30 -8.32 27.63
CA LEU E 190 -30.76 -7.07 27.14
C LEU E 190 -31.46 -6.68 25.85
N ILE E 191 -31.89 -5.43 25.75
CA ILE E 191 -32.60 -4.94 24.57
C ILE E 191 -31.94 -3.63 24.13
N PHE E 192 -31.43 -3.60 22.90
CA PHE E 192 -30.89 -2.39 22.32
C PHE E 192 -31.96 -1.68 21.49
N GLU E 193 -31.94 -0.35 21.55
CA GLU E 193 -32.85 0.46 20.76
C GLU E 193 -32.22 1.83 20.59
N TRP E 194 -32.62 2.53 19.53
CA TRP E 194 -32.01 3.81 19.25
C TRP E 194 -32.60 4.90 20.14
N ASP E 195 -31.91 6.03 20.19
CA ASP E 195 -32.43 7.19 20.88
C ASP E 195 -33.55 7.81 20.05
N GLU E 196 -34.52 8.42 20.72
CA GLU E 196 -35.71 8.90 20.02
C GLU E 196 -35.43 10.18 19.24
N LYS E 197 -34.80 11.16 19.90
CA LYS E 197 -34.59 12.49 19.31
C LYS E 197 -33.67 12.46 18.10
N GLY E 198 -32.40 12.13 18.31
CA GLY E 198 -31.50 11.90 17.20
C GLY E 198 -30.55 10.76 17.50
N ALA E 199 -30.64 9.69 16.72
CA ALA E 199 -29.78 8.54 16.99
C ALA E 199 -28.41 8.73 16.35
N VAL E 200 -28.35 8.78 15.04
CA VAL E 200 -27.09 8.95 14.33
C VAL E 200 -26.95 10.39 13.89
N GLN E 201 -25.81 10.99 14.18
CA GLN E 201 -25.49 12.32 13.72
C GLN E 201 -24.13 12.27 13.04
N VAL E 202 -23.93 13.16 12.08
CA VAL E 202 -22.69 13.24 11.33
C VAL E 202 -22.15 14.65 11.46
N ALA E 203 -20.88 14.77 11.82
CA ALA E 203 -20.26 16.08 11.94
C ALA E 203 -20.18 16.75 10.58
N ASP E 204 -20.64 17.99 10.51
CA ASP E 204 -20.74 18.69 9.25
C ASP E 204 -19.36 19.09 8.74
N GLY E 205 -19.23 19.12 7.41
CA GLY E 205 -17.98 19.46 6.78
C GLY E 205 -17.18 18.30 6.24
N LEU E 206 -17.70 17.08 6.32
CA LEU E 206 -16.97 15.92 5.83
C LEU E 206 -17.06 15.83 4.31
N THR E 207 -16.02 15.26 3.71
CA THR E 207 -15.94 15.15 2.26
C THR E 207 -15.32 13.81 1.89
N LEU E 208 -15.99 13.09 1.00
CA LEU E 208 -15.51 11.83 0.46
C LEU E 208 -14.94 12.06 -0.93
N PRO E 209 -13.86 11.36 -1.31
CA PRO E 209 -13.31 11.56 -2.66
C PRO E 209 -14.16 10.93 -3.75
N GLN E 210 -14.93 9.89 -3.44
CA GLN E 210 -15.75 9.20 -4.42
C GLN E 210 -17.24 9.46 -4.24
N PHE E 211 -17.74 9.32 -3.02
CA PHE E 211 -19.17 9.25 -2.77
C PHE E 211 -19.70 10.56 -2.21
N ILE E 212 -21.02 10.61 -2.00
CA ILE E 212 -21.67 11.66 -1.24
C ILE E 212 -22.50 10.96 -0.17
N LEU E 213 -22.19 11.24 1.09
CA LEU E 213 -22.98 10.68 2.19
C LEU E 213 -24.32 11.41 2.24
N LYS E 214 -25.38 10.66 1.95
CA LYS E 214 -26.75 11.19 1.94
C LYS E 214 -27.14 11.62 3.34
N GLU E 215 -27.93 12.69 3.42
CA GLU E 215 -28.32 13.20 4.73
C GLU E 215 -29.43 12.41 5.41
N GLU E 216 -30.13 11.53 4.69
CA GLU E 216 -31.21 10.74 5.27
C GLU E 216 -30.67 9.35 5.60
N LYS E 217 -30.63 9.04 6.89
CA LYS E 217 -30.18 7.74 7.38
C LYS E 217 -31.39 6.85 7.61
N ASP E 218 -31.16 5.54 7.58
CA ASP E 218 -32.24 4.57 7.62
C ASP E 218 -32.07 3.69 8.86
N LEU E 219 -32.77 4.02 9.94
CA LEU E 219 -32.67 3.27 11.17
C LEU E 219 -33.57 2.04 11.14
N ARG E 220 -33.00 0.87 11.42
CA ARG E 220 -33.75 -0.37 11.34
C ARG E 220 -33.40 -1.27 12.51
N TYR E 221 -34.21 -2.31 12.68
CA TYR E 221 -33.88 -3.44 13.54
C TYR E 221 -33.37 -4.58 12.68
N CYS E 222 -32.60 -5.47 13.31
CA CYS E 222 -32.01 -6.58 12.56
C CYS E 222 -32.06 -7.89 13.33
N THR E 223 -33.03 -8.03 14.25
CA THR E 223 -33.03 -8.95 15.39
C THR E 223 -32.63 -10.38 15.05
N LYS E 224 -31.55 -10.84 15.66
CA LYS E 224 -30.95 -12.12 15.30
C LYS E 224 -31.70 -13.28 15.93
N HIS E 225 -31.80 -14.38 15.18
CA HIS E 225 -32.54 -15.56 15.59
C HIS E 225 -31.60 -16.77 15.50
N TYR E 226 -31.06 -17.16 16.65
CA TYR E 226 -30.21 -18.34 16.75
C TYR E 226 -30.86 -19.37 17.66
N ASN E 227 -30.27 -20.57 17.68
CA ASN E 227 -30.75 -21.64 18.53
C ASN E 227 -30.60 -21.34 20.02
N THR E 228 -29.67 -20.46 20.39
CA THR E 228 -29.60 -19.92 21.74
C THR E 228 -30.80 -19.02 22.05
N GLY E 229 -31.27 -18.27 21.07
CA GLY E 229 -32.43 -17.41 21.25
C GLY E 229 -32.40 -16.21 20.33
N LYS E 230 -33.13 -15.17 20.75
CA LYS E 230 -33.20 -13.95 19.98
C LYS E 230 -32.25 -12.95 20.59
N PHE E 231 -31.28 -12.53 19.78
CA PHE E 231 -30.27 -11.56 20.19
C PHE E 231 -30.60 -10.20 19.58
N THR E 232 -30.55 -9.16 20.40
CA THR E 232 -30.89 -7.83 19.93
C THR E 232 -29.77 -7.26 19.07
N CYS E 233 -30.15 -6.56 18.01
CA CYS E 233 -29.24 -5.70 17.28
C CYS E 233 -30.06 -4.63 16.60
N ILE E 234 -29.47 -3.45 16.49
CA ILE E 234 -30.08 -2.34 15.79
C ILE E 234 -29.09 -1.81 14.76
N GLU E 235 -29.58 -1.48 13.57
CA GLU E 235 -28.67 -1.09 12.50
C GLU E 235 -29.01 0.29 11.99
N ALA E 236 -27.97 0.99 11.53
CA ALA E 236 -28.10 2.26 10.86
C ALA E 236 -27.59 2.08 9.44
N ARG E 237 -28.46 2.31 8.47
CA ARG E 237 -28.13 2.20 7.06
C ARG E 237 -27.75 3.57 6.53
N PHE E 238 -26.56 3.67 5.93
CA PHE E 238 -26.06 4.89 5.32
C PHE E 238 -26.12 4.74 3.81
N HIS E 239 -26.68 5.73 3.14
CA HIS E 239 -26.83 5.72 1.69
C HIS E 239 -25.73 6.56 1.08
N LEU E 240 -24.95 5.94 0.20
CA LEU E 240 -23.85 6.56 -0.51
C LEU E 240 -24.17 6.60 -1.98
N GLU E 241 -23.77 7.69 -2.64
CA GLU E 241 -24.05 7.85 -4.07
C GLU E 241 -22.80 8.39 -4.75
N ARG E 242 -22.35 7.70 -5.78
CA ARG E 242 -21.08 8.05 -6.40
C ARG E 242 -21.23 9.23 -7.34
N GLN E 243 -20.30 10.17 -7.22
CA GLN E 243 -20.19 11.27 -8.17
C GLN E 243 -19.65 10.75 -9.50
N MET E 244 -20.20 11.25 -10.60
CA MET E 244 -19.96 10.69 -11.92
C MET E 244 -19.19 11.68 -12.81
N GLY E 245 -19.03 12.93 -12.37
CA GLY E 245 -18.64 14.00 -13.28
C GLY E 245 -17.23 13.87 -13.83
N TYR E 246 -16.37 13.14 -13.14
CA TYR E 246 -15.06 12.83 -13.68
C TYR E 246 -15.16 11.87 -14.86
N TYR E 247 -15.97 10.83 -14.70
CA TYR E 247 -16.08 9.80 -15.72
C TYR E 247 -16.87 10.28 -16.93
N LEU E 248 -17.60 11.39 -16.80
CA LEU E 248 -18.20 12.00 -17.98
C LEU E 248 -17.14 12.59 -18.88
N ILE E 249 -16.37 13.55 -18.39
CA ILE E 249 -15.49 14.31 -19.26
C ILE E 249 -14.11 13.67 -19.35
N GLN E 250 -13.94 12.48 -18.79
CA GLN E 250 -12.68 11.77 -18.99
C GLN E 250 -12.85 10.41 -19.66
N MET E 251 -14.01 9.78 -19.55
CA MET E 251 -14.26 8.50 -20.21
C MET E 251 -15.38 8.56 -21.25
N TYR E 252 -16.51 9.16 -20.89
CA TYR E 252 -17.70 9.10 -21.75
C TYR E 252 -17.61 10.07 -22.92
N ILE E 253 -17.31 11.34 -22.62
CA ILE E 253 -17.21 12.36 -23.67
C ILE E 253 -16.09 12.09 -24.69
N PRO E 254 -14.85 11.74 -24.29
CA PRO E 254 -13.85 11.44 -25.35
C PRO E 254 -14.17 10.24 -26.20
N SER E 255 -14.81 9.21 -25.63
CA SER E 255 -15.23 8.07 -26.43
C SER E 255 -16.33 8.46 -27.40
N LEU E 256 -17.26 9.32 -26.97
CA LEU E 256 -18.33 9.76 -27.86
C LEU E 256 -17.78 10.62 -29.00
N LEU E 257 -16.77 11.44 -28.70
CA LEU E 257 -16.08 12.19 -29.76
C LEU E 257 -15.34 11.29 -30.73
N ILE E 258 -14.76 10.19 -30.26
CA ILE E 258 -14.10 9.26 -31.18
C ILE E 258 -15.12 8.55 -32.06
N VAL E 259 -16.31 8.25 -31.51
CA VAL E 259 -17.37 7.66 -32.32
C VAL E 259 -17.83 8.64 -33.40
N ILE E 260 -17.89 9.93 -33.08
CA ILE E 260 -18.19 10.94 -34.09
C ILE E 260 -17.08 11.01 -35.14
N LEU E 261 -15.83 10.81 -34.71
CA LEU E 261 -14.71 10.77 -35.66
C LEU E 261 -14.82 9.58 -36.61
N SER E 262 -15.38 8.47 -36.15
CA SER E 262 -15.65 7.38 -37.09
C SER E 262 -16.84 7.69 -37.96
N TRP E 263 -17.75 8.56 -37.50
CA TRP E 263 -18.86 8.98 -38.34
C TRP E 263 -18.41 9.94 -39.43
N VAL E 264 -17.26 10.61 -39.23
CA VAL E 264 -16.70 11.48 -40.26
C VAL E 264 -16.32 10.70 -41.52
N SER E 265 -15.92 9.44 -41.34
CA SER E 265 -15.42 8.60 -42.45
C SER E 265 -16.48 8.25 -43.49
N PHE E 266 -17.75 8.59 -43.23
CA PHE E 266 -18.81 8.27 -44.19
C PHE E 266 -19.04 9.40 -45.19
N TRP E 267 -18.66 10.62 -44.85
CA TRP E 267 -18.77 11.75 -45.76
C TRP E 267 -17.46 11.95 -46.52
N ILE E 268 -16.93 10.87 -47.10
CA ILE E 268 -15.70 10.87 -47.87
C ILE E 268 -15.95 10.05 -49.13
N ASN E 269 -15.44 10.53 -50.27
CA ASN E 269 -15.55 9.83 -51.53
C ASN E 269 -14.84 8.48 -51.46
N MET E 270 -15.48 7.46 -52.05
CA MET E 270 -14.91 6.12 -52.06
C MET E 270 -13.76 6.04 -53.06
N ASP E 271 -13.04 4.92 -53.00
CA ASP E 271 -11.80 4.59 -53.71
C ASP E 271 -10.63 5.51 -53.34
N ALA E 272 -10.83 6.38 -52.34
CA ALA E 272 -9.74 7.12 -51.72
C ALA E 272 -9.34 6.37 -50.45
N ALA E 273 -8.53 5.32 -50.65
CA ALA E 273 -8.24 4.38 -49.58
C ALA E 273 -7.41 4.94 -48.43
N PRO E 274 -6.20 5.53 -48.62
CA PRO E 274 -5.36 5.82 -47.45
C PRO E 274 -5.86 6.99 -46.60
N ALA E 275 -6.80 7.79 -47.11
CA ALA E 275 -7.39 8.84 -46.31
C ALA E 275 -8.66 8.38 -45.61
N ARG E 276 -9.05 7.12 -45.75
CA ARG E 276 -10.27 6.62 -45.15
C ARG E 276 -9.99 5.32 -44.40
N VAL E 277 -8.99 4.56 -44.87
CA VAL E 277 -8.51 3.42 -44.08
C VAL E 277 -7.72 3.92 -42.88
N GLY E 278 -6.84 4.90 -43.10
CA GLY E 278 -6.00 5.41 -42.01
C GLY E 278 -6.79 6.18 -40.97
N LEU E 279 -7.84 6.89 -41.39
CA LEU E 279 -8.75 7.53 -40.45
C LEU E 279 -9.48 6.49 -39.60
N GLY E 280 -10.08 5.50 -40.26
CA GLY E 280 -10.84 4.49 -39.56
C GLY E 280 -10.02 3.59 -38.67
N ILE E 281 -8.75 3.38 -39.00
CA ILE E 281 -7.91 2.57 -38.13
C ILE E 281 -7.30 3.44 -37.02
N THR E 282 -7.17 4.74 -37.27
CA THR E 282 -6.65 5.63 -36.25
C THR E 282 -7.71 5.89 -35.17
N THR E 283 -8.99 5.88 -35.55
CA THR E 283 -10.04 5.95 -34.54
C THR E 283 -10.11 4.68 -33.71
N VAL E 284 -9.78 3.52 -34.31
CA VAL E 284 -9.67 2.28 -33.55
C VAL E 284 -8.52 2.36 -32.56
N LEU E 285 -7.38 2.91 -32.98
CA LEU E 285 -6.22 2.96 -32.10
C LEU E 285 -6.44 3.99 -30.98
N THR E 286 -7.18 5.06 -31.28
CA THR E 286 -7.45 6.08 -30.28
C THR E 286 -8.50 5.60 -29.28
N MET E 287 -9.49 4.82 -29.76
CA MET E 287 -10.46 4.21 -28.85
C MET E 287 -9.80 3.15 -27.98
N THR E 288 -8.85 2.40 -28.54
CA THR E 288 -8.12 1.39 -27.77
C THR E 288 -7.23 2.04 -26.73
N THR E 289 -6.59 3.15 -27.09
CA THR E 289 -5.78 3.89 -26.12
C THR E 289 -6.65 4.54 -25.05
N GLN E 290 -7.86 4.96 -25.41
CA GLN E 290 -8.79 5.52 -24.44
C GLN E 290 -9.27 4.45 -23.46
N SER E 291 -9.58 3.26 -23.96
CA SER E 291 -10.12 2.22 -23.09
C SER E 291 -9.04 1.60 -22.22
N SER E 292 -7.85 1.36 -22.79
CA SER E 292 -6.78 0.77 -22.01
C SER E 292 -6.14 1.77 -21.07
N GLY E 293 -6.15 3.05 -21.45
CA GLY E 293 -5.59 4.07 -20.58
C GLY E 293 -6.45 4.38 -19.38
N SER E 294 -7.76 4.16 -19.50
CA SER E 294 -8.70 4.40 -18.42
C SER E 294 -8.90 3.18 -17.54
N ARG E 295 -8.09 2.13 -17.74
CA ARG E 295 -8.23 0.88 -17.02
C ARG E 295 -7.65 0.92 -15.62
N ALA E 296 -6.53 1.61 -15.42
CA ALA E 296 -5.90 1.68 -14.10
C ALA E 296 -6.64 2.59 -13.13
N SER E 297 -7.55 3.44 -13.62
CA SER E 297 -8.28 4.32 -12.72
C SER E 297 -9.53 3.64 -12.17
N LEU E 298 -10.22 2.86 -13.01
CA LEU E 298 -11.44 2.17 -12.61
C LEU E 298 -11.10 1.03 -11.65
N PRO E 299 -12.04 0.60 -10.81
CA PRO E 299 -11.74 -0.43 -9.80
C PRO E 299 -11.43 -1.79 -10.40
N LYS E 300 -10.92 -2.66 -9.52
CA LYS E 300 -10.39 -3.96 -9.92
C LYS E 300 -11.40 -5.08 -9.76
N VAL E 301 -12.68 -4.79 -9.99
CA VAL E 301 -13.66 -5.87 -10.06
C VAL E 301 -13.46 -6.64 -11.36
N SER E 302 -13.78 -7.93 -11.34
CA SER E 302 -13.57 -8.79 -12.49
C SER E 302 -14.87 -9.20 -13.15
N TYR E 303 -15.86 -8.31 -13.18
CA TYR E 303 -17.11 -8.58 -13.86
C TYR E 303 -17.56 -7.35 -14.61
N VAL E 304 -18.57 -7.54 -15.45
CA VAL E 304 -19.00 -6.51 -16.38
C VAL E 304 -19.73 -5.41 -15.62
N LYS E 305 -19.19 -4.20 -15.70
CA LYS E 305 -19.81 -3.03 -15.11
C LYS E 305 -20.16 -2.03 -16.20
N ALA E 306 -20.95 -1.02 -15.83
CA ALA E 306 -21.67 -0.23 -16.83
C ALA E 306 -20.78 0.69 -17.65
N ILE E 307 -19.54 0.93 -17.24
CA ILE E 307 -18.62 1.68 -18.09
C ILE E 307 -17.92 0.78 -19.08
N ASP E 308 -17.77 -0.51 -18.77
CA ASP E 308 -17.20 -1.46 -19.71
C ASP E 308 -18.13 -1.76 -20.88
N ILE E 309 -19.44 -1.64 -20.66
CA ILE E 309 -20.39 -1.78 -21.75
C ILE E 309 -20.31 -0.57 -22.68
N TRP E 310 -20.11 0.62 -22.11
CA TRP E 310 -19.93 1.82 -22.93
C TRP E 310 -18.64 1.73 -23.75
N MET E 311 -17.55 1.29 -23.15
CA MET E 311 -16.30 1.16 -23.88
C MET E 311 -16.36 0.03 -24.91
N ALA E 312 -17.13 -1.02 -24.61
CA ALA E 312 -17.24 -2.14 -25.53
C ALA E 312 -18.06 -1.78 -26.75
N VAL E 313 -19.22 -1.13 -26.54
CA VAL E 313 -20.08 -0.77 -27.67
C VAL E 313 -19.47 0.38 -28.46
N CYS E 314 -18.84 1.34 -27.77
CA CYS E 314 -18.10 2.39 -28.48
C CYS E 314 -16.84 1.85 -29.15
N LEU E 315 -16.40 0.64 -28.82
CA LEU E 315 -15.40 -0.01 -29.66
C LEU E 315 -16.05 -0.74 -30.84
N LEU E 316 -17.25 -1.29 -30.66
CA LEU E 316 -17.90 -2.03 -31.74
C LEU E 316 -18.39 -1.11 -32.85
N PHE E 317 -18.70 0.14 -32.53
CA PHE E 317 -19.11 1.05 -33.60
C PHE E 317 -17.92 1.57 -34.39
N VAL E 318 -16.82 1.87 -33.70
CA VAL E 318 -15.61 2.34 -34.37
C VAL E 318 -15.00 1.23 -35.23
N PHE E 319 -15.00 0.00 -34.70
CA PHE E 319 -14.67 -1.17 -35.50
C PHE E 319 -15.67 -1.40 -36.63
N SER E 320 -16.95 -1.11 -36.39
CA SER E 320 -17.99 -1.35 -37.39
C SER E 320 -17.88 -0.37 -38.55
N ALA E 321 -17.26 0.79 -38.34
CA ALA E 321 -17.05 1.72 -39.44
C ALA E 321 -16.04 1.17 -40.44
N LEU E 322 -14.89 0.69 -39.94
CA LEU E 322 -13.87 0.18 -40.85
C LEU E 322 -14.29 -1.16 -41.43
N LEU E 323 -15.08 -1.94 -40.69
CA LEU E 323 -15.63 -3.16 -41.27
C LEU E 323 -16.64 -2.83 -42.37
N GLU E 324 -17.36 -1.72 -42.18
CA GLU E 324 -18.30 -1.26 -43.21
C GLU E 324 -17.56 -0.84 -44.48
N TYR E 325 -16.48 -0.06 -44.34
CA TYR E 325 -15.70 0.30 -45.52
C TYR E 325 -14.95 -0.91 -46.09
N ALA E 326 -14.66 -1.90 -45.25
CA ALA E 326 -14.07 -3.14 -45.73
C ALA E 326 -15.05 -3.92 -46.59
N ALA E 327 -16.35 -3.74 -46.34
CA ALA E 327 -17.34 -4.24 -47.28
C ALA E 327 -17.45 -3.37 -48.53
N VAL E 328 -17.48 -2.05 -48.35
CA VAL E 328 -17.76 -1.11 -49.44
C VAL E 328 -16.67 -1.15 -50.50
N ASN E 329 -15.41 -1.25 -50.07
CA ASN E 329 -14.29 -1.25 -51.01
C ASN E 329 -14.27 -2.52 -51.85
N PHE E 330 -14.74 -3.63 -51.29
CA PHE E 330 -14.82 -4.88 -52.06
C PHE E 330 -16.04 -4.89 -52.97
N ILE E 331 -17.12 -4.23 -52.57
CA ILE E 331 -18.29 -4.12 -53.46
C ILE E 331 -17.96 -3.24 -54.66
N ALA E 332 -17.33 -2.09 -54.42
CA ALA E 332 -17.04 -1.16 -55.50
C ALA E 332 -15.71 -1.47 -56.18
N ARG E 333 -14.99 -2.48 -55.69
CA ARG E 333 -13.67 -2.78 -56.25
C ARG E 333 -13.77 -3.58 -57.54
N ALA E 334 -14.85 -4.34 -57.71
CA ALA E 334 -15.01 -5.16 -58.91
C ALA E 334 -15.22 -4.31 -60.15
N GLY E 335 -16.21 -3.40 -60.11
CA GLY E 335 -16.42 -2.45 -61.17
C GLY E 335 -17.69 -2.69 -61.97
N THR E 336 -18.74 -1.93 -61.63
CA THR E 336 -20.05 -1.93 -62.27
C THR E 336 -20.86 -0.79 -61.69
N LYS E 337 -21.71 -0.23 -62.56
CA LYS E 337 -22.59 0.93 -62.31
C LYS E 337 -23.49 0.55 -61.17
N LEU E 338 -23.88 -0.73 -61.15
CA LEU E 338 -24.64 -1.31 -60.05
C LEU E 338 -23.72 -1.29 -58.83
N PHE E 339 -22.44 -1.63 -59.05
CA PHE E 339 -21.42 -1.57 -58.04
C PHE E 339 -21.26 -0.13 -57.54
N ILE E 340 -21.29 0.89 -58.40
CA ILE E 340 -21.16 2.20 -57.76
C ILE E 340 -22.50 2.63 -57.14
N SER E 341 -23.60 2.23 -57.76
CA SER E 341 -24.92 2.47 -57.14
C SER E 341 -25.10 1.64 -55.88
N ARG E 342 -24.55 0.42 -55.88
CA ARG E 342 -24.62 -0.42 -54.69
C ARG E 342 -23.70 0.10 -53.60
N ALA E 343 -22.53 0.62 -53.99
CA ALA E 343 -21.59 1.19 -53.02
C ALA E 343 -22.11 2.48 -52.41
N LYS E 344 -22.67 3.32 -53.28
CA LYS E 344 -23.25 4.59 -52.92
C LYS E 344 -24.45 4.36 -52.03
N ARG E 345 -25.23 3.33 -52.36
CA ARG E 345 -26.41 2.99 -51.56
C ARG E 345 -26.02 2.57 -50.15
N ILE E 346 -24.96 1.78 -50.04
CA ILE E 346 -24.50 1.31 -48.74
C ILE E 346 -24.03 2.47 -47.88
N ASP E 347 -23.31 3.39 -48.50
CA ASP E 347 -22.83 4.59 -47.81
C ASP E 347 -24.01 5.45 -47.38
N THR E 348 -25.00 5.55 -48.28
CA THR E 348 -26.20 6.32 -48.05
C THR E 348 -26.95 5.76 -46.88
N VAL E 349 -27.03 4.43 -46.79
CA VAL E 349 -27.72 3.85 -45.63
C VAL E 349 -26.90 4.02 -44.36
N SER E 350 -25.60 3.74 -44.46
CA SER E 350 -24.67 3.81 -43.33
C SER E 350 -24.49 5.19 -42.71
N ARG E 351 -24.52 6.23 -43.54
CA ARG E 351 -24.33 7.60 -43.09
C ARG E 351 -25.38 8.09 -42.13
N VAL E 352 -26.59 7.64 -42.40
CA VAL E 352 -27.80 7.84 -41.60
C VAL E 352 -28.01 6.82 -40.47
N ALA E 353 -27.73 5.56 -40.79
CA ALA E 353 -27.95 4.42 -39.89
C ALA E 353 -27.18 4.28 -38.58
N PHE E 354 -25.88 4.57 -38.57
CA PHE E 354 -25.09 4.38 -37.35
C PHE E 354 -25.33 5.43 -36.26
N PRO E 355 -25.58 6.71 -36.54
CA PRO E 355 -26.07 7.58 -35.46
C PRO E 355 -27.44 7.21 -34.92
N LEU E 356 -28.28 6.55 -35.70
CA LEU E 356 -29.56 6.07 -35.17
C LEU E 356 -29.34 4.90 -34.21
N VAL E 357 -28.43 3.99 -34.55
CA VAL E 357 -28.14 2.85 -33.69
C VAL E 357 -27.46 3.32 -32.41
N PHE E 358 -26.53 4.28 -32.53
CA PHE E 358 -25.89 4.85 -31.35
C PHE E 358 -26.86 5.71 -30.54
N LEU E 359 -27.92 6.21 -31.17
CA LEU E 359 -28.93 6.95 -30.43
C LEU E 359 -29.87 6.01 -29.68
N ILE E 360 -30.21 4.86 -30.27
CA ILE E 360 -31.03 3.86 -29.58
C ILE E 360 -30.28 3.27 -28.39
N PHE E 361 -29.01 2.90 -28.62
CA PHE E 361 -28.16 2.45 -27.52
C PHE E 361 -27.93 3.55 -26.50
N ASN E 362 -27.85 4.80 -26.95
CA ASN E 362 -27.58 5.90 -26.05
C ASN E 362 -28.81 6.23 -25.20
N ILE E 363 -30.02 5.95 -25.68
CA ILE E 363 -31.20 6.10 -24.85
C ILE E 363 -31.35 4.95 -23.88
N PHE E 364 -31.22 3.71 -24.39
CA PHE E 364 -31.40 2.51 -23.58
C PHE E 364 -30.35 2.41 -22.47
N TYR E 365 -29.15 2.93 -22.74
CA TYR E 365 -28.05 2.90 -21.78
C TYR E 365 -28.35 3.79 -20.57
N TRP E 366 -28.64 5.07 -20.83
CA TRP E 366 -28.82 6.00 -19.72
C TRP E 366 -30.14 5.81 -19.00
N ILE E 367 -31.17 5.32 -19.69
CA ILE E 367 -32.37 4.93 -18.95
C ILE E 367 -32.08 3.72 -18.06
N THR E 368 -31.37 2.72 -18.61
CA THR E 368 -31.16 1.46 -17.92
C THR E 368 -30.29 1.62 -16.68
N TYR E 369 -29.20 2.39 -16.80
CA TYR E 369 -28.30 2.49 -15.66
C TYR E 369 -28.52 3.76 -14.86
N LYS E 370 -29.10 4.79 -15.47
CA LYS E 370 -29.25 6.06 -14.78
C LYS E 370 -30.65 6.27 -14.23
N LEU E 371 -31.70 5.85 -14.95
CA LEU E 371 -33.06 6.20 -14.56
C LEU E 371 -33.55 5.35 -13.40
N VAL E 372 -33.38 4.03 -13.48
CA VAL E 372 -33.87 3.13 -12.44
C VAL E 372 -33.03 3.23 -11.18
#